data_1BD6
# 
_entry.id   1BD6 
# 
_audit_conform.dict_name       mmcif_pdbx.dic 
_audit_conform.dict_version    5.392 
_audit_conform.dict_location   http://mmcif.pdb.org/dictionaries/ascii/mmcif_pdbx.dic 
# 
loop_
_database_2.database_id 
_database_2.database_code 
_database_2.pdbx_database_accession 
_database_2.pdbx_DOI 
PDB   1BD6         pdb_00001bd6 10.2210/pdb1bd6/pdb 
WWPDB D_1000171612 ?            ?                   
# 
loop_
_pdbx_audit_revision_history.ordinal 
_pdbx_audit_revision_history.data_content_type 
_pdbx_audit_revision_history.major_revision 
_pdbx_audit_revision_history.minor_revision 
_pdbx_audit_revision_history.revision_date 
1 'Structure model' 1 0 1998-06-17 
2 'Structure model' 1 1 2008-03-24 
3 'Structure model' 1 2 2011-07-13 
4 'Structure model' 1 3 2022-02-16 
5 'Structure model' 1 4 2024-05-22 
# 
_pdbx_audit_revision_details.ordinal             1 
_pdbx_audit_revision_details.revision_ordinal    1 
_pdbx_audit_revision_details.data_content_type   'Structure model' 
_pdbx_audit_revision_details.provider            repository 
_pdbx_audit_revision_details.type                'Initial release' 
_pdbx_audit_revision_details.description         ? 
_pdbx_audit_revision_details.details             ? 
# 
loop_
_pdbx_audit_revision_group.ordinal 
_pdbx_audit_revision_group.revision_ordinal 
_pdbx_audit_revision_group.data_content_type 
_pdbx_audit_revision_group.group 
1 2 'Structure model' 'Version format compliance' 
2 3 'Structure model' 'Version format compliance' 
3 4 'Structure model' 'Data collection'           
4 4 'Structure model' 'Database references'       
5 4 'Structure model' 'Derived calculations'      
6 4 'Structure model' Other                       
7 5 'Structure model' 'Data collection'           
# 
loop_
_pdbx_audit_revision_category.ordinal 
_pdbx_audit_revision_category.revision_ordinal 
_pdbx_audit_revision_category.data_content_type 
_pdbx_audit_revision_category.category 
1  4 'Structure model' database_2             
2  4 'Structure model' pdbx_database_status   
3  4 'Structure model' pdbx_nmr_software      
4  4 'Structure model' pdbx_struct_assembly   
5  4 'Structure model' pdbx_struct_conn_angle 
6  4 'Structure model' pdbx_struct_oper_list  
7  4 'Structure model' struct_conn            
8  4 'Structure model' struct_site            
9  5 'Structure model' chem_comp_atom         
10 5 'Structure model' chem_comp_bond         
# 
loop_
_pdbx_audit_revision_item.ordinal 
_pdbx_audit_revision_item.revision_ordinal 
_pdbx_audit_revision_item.data_content_type 
_pdbx_audit_revision_item.item 
1  4 'Structure model' '_database_2.pdbx_DOI'                        
2  4 'Structure model' '_database_2.pdbx_database_accession'         
3  4 'Structure model' '_pdbx_database_status.process_site'          
4  4 'Structure model' '_pdbx_nmr_software.name'                     
5  4 'Structure model' '_pdbx_struct_conn_angle.ptnr1_auth_seq_id'   
6  4 'Structure model' '_pdbx_struct_conn_angle.ptnr1_label_atom_id' 
7  4 'Structure model' '_pdbx_struct_conn_angle.ptnr1_label_seq_id'  
8  4 'Structure model' '_pdbx_struct_conn_angle.ptnr2_label_atom_id' 
9  4 'Structure model' '_pdbx_struct_conn_angle.ptnr3_label_atom_id' 
10 4 'Structure model' '_pdbx_struct_conn_angle.value'               
11 4 'Structure model' '_struct_conn.pdbx_dist_value'                
12 4 'Structure model' '_struct_conn.ptnr1_auth_comp_id'             
13 4 'Structure model' '_struct_conn.ptnr1_auth_seq_id'              
14 4 'Structure model' '_struct_conn.ptnr1_label_asym_id'            
15 4 'Structure model' '_struct_conn.ptnr1_label_atom_id'            
16 4 'Structure model' '_struct_conn.ptnr1_label_comp_id'            
17 4 'Structure model' '_struct_conn.ptnr1_label_seq_id'             
18 4 'Structure model' '_struct_conn.ptnr2_auth_comp_id'             
19 4 'Structure model' '_struct_conn.ptnr2_auth_seq_id'              
20 4 'Structure model' '_struct_conn.ptnr2_label_asym_id'            
21 4 'Structure model' '_struct_conn.ptnr2_label_atom_id'            
22 4 'Structure model' '_struct_conn.ptnr2_label_comp_id'            
23 4 'Structure model' '_struct_conn.ptnr2_label_seq_id'             
24 4 'Structure model' '_struct_site.pdbx_auth_asym_id'              
25 4 'Structure model' '_struct_site.pdbx_auth_comp_id'              
26 4 'Structure model' '_struct_site.pdbx_auth_seq_id'               
# 
_pdbx_database_status.status_code                     REL 
_pdbx_database_status.entry_id                        1BD6 
_pdbx_database_status.recvd_initial_deposition_date   1998-05-06 
_pdbx_database_status.deposit_site                    ? 
_pdbx_database_status.process_site                    BNL 
_pdbx_database_status.status_code_sf                  ? 
_pdbx_database_status.status_code_mr                  REL 
_pdbx_database_status.SG_entry                        ? 
_pdbx_database_status.pdb_format_compatible           Y 
_pdbx_database_status.status_code_cs                  ? 
_pdbx_database_status.status_code_nmr_data            ? 
_pdbx_database_status.methods_development_category    ? 
# 
loop_
_audit_author.name 
_audit_author.pdbx_ordinal 
'Aono, S.'     1 
'Bentrop, D.'  2 
'Bertini, I.'  3 
'Donaire, A.'  4 
'Luchinat, C.' 5 
'Niikura, Y.'  6 
'Rosato, A.'   7 
# 
loop_
_citation.id 
_citation.title 
_citation.journal_abbrev 
_citation.journal_volume 
_citation.page_first 
_citation.page_last 
_citation.year 
_citation.journal_id_ASTM 
_citation.country 
_citation.journal_id_ISSN 
_citation.journal_id_CSD 
_citation.book_publisher 
_citation.pdbx_database_id_PubMed 
_citation.pdbx_database_id_DOI 
primary 
'Solution structure of the oxidized Fe7S8 ferredoxin from the thermophilic bacterium Bacillus schlegelii by 1H NMR spectroscopy.' 
Biochemistry                37  9812 9826 1998 BICHAW US 0006-2960 0033 ? 9657695 10.1021/bi972818b 
1       '1H NMR Studies of the Fe7S8 Ferredoxin from Bacillus Schlegelii: A Further Attempt to Understand Fe3S4 Clusters' 
J.Biol.Inorg.Chem.          1   523  ?    1996 JJBCFA GW 0949-8257 2154 ? ?       ?                 
2       
;Cloning and Expression of the Gene Encoding the 7Fe Type Ferredoxin from a Thermophilic Hydrogen Oxidizing Bacterium, Bacillus Schlegelii
;
Biochem.Biophys.Res.Commun. 201 938  ?    1994 BBRCA9 US 0006-291X 0146 ? ?       ?                 
3       
'Purification and Characterization of a 7Fe Ferredoxin from a Thermophilic Hydrogen-Oxidizing Bacterium, Bacillus Schlegelii' 
'J.Biochem.(Tokyo)'         112 792  ?    1992 JOBIAO JA 0021-924X 0418 ? ?       ?                 
# 
loop_
_citation_author.citation_id 
_citation_author.name 
_citation_author.ordinal 
_citation_author.identifier_ORCID 
primary 'Aono, S.'       1  ? 
primary 'Bentrop, D.'    2  ? 
primary 'Bertini, I.'    3  ? 
primary 'Donaire, A.'    4  ? 
primary 'Luchinat, C.'   5  ? 
primary 'Niikura, Y.'    6  ? 
primary 'Rosato, A.'     7  ? 
1       'Aono, S.'       8  ? 
1       'Bertini, I.'    9  ? 
1       'Cowan, J.A.'    10 ? 
1       'Luchinat, C.'   11 ? 
1       'Rosato, A.'     12 ? 
1       'Viezzoli, M.S.' 13 ? 
2       'Aono, S.'       14 ? 
2       'Nakamura, S.'   15 ? 
2       'Aono, R.'       16 ? 
2       'Okura, I.'      17 ? 
3       'Aono, S.'       18 ? 
3       'Kurita, H.'     19 ? 
3       'Uno, S.'        20 ? 
3       'Okura, I.'      21 ? 
# 
loop_
_entity.id 
_entity.type 
_entity.src_method 
_entity.pdbx_description 
_entity.formula_weight 
_entity.pdbx_number_of_molecules 
_entity.pdbx_ec 
_entity.pdbx_mutation 
_entity.pdbx_fragment 
_entity.details 
1 polymer     man '7-FE FERREDOXIN'     8750.828 1 ? ? ? ? 
2 non-polymer syn 'FE3-S4 CLUSTER'      295.795  1 ? ? ? ? 
3 non-polymer syn 'IRON/SULFUR CLUSTER' 351.640  1 ? ? ? ? 
# 
_entity_poly.entity_id                      1 
_entity_poly.type                           'polypeptide(L)' 
_entity_poly.nstd_linkage                   no 
_entity_poly.nstd_monomer                   no 
_entity_poly.pdbx_seq_one_letter_code       AYVITEPCIGTKDASCVEVCPVDCIHEGEDQYYIDPDVCIDCGACEAVCPVSAIYHEDFVPEEWKSYIQKNRDFFKK 
_entity_poly.pdbx_seq_one_letter_code_can   AYVITEPCIGTKDASCVEVCPVDCIHEGEDQYYIDPDVCIDCGACEAVCPVSAIYHEDFVPEEWKSYIQKNRDFFKK 
_entity_poly.pdbx_strand_id                 A 
_entity_poly.pdbx_target_identifier         ? 
# 
loop_
_pdbx_entity_nonpoly.entity_id 
_pdbx_entity_nonpoly.name 
_pdbx_entity_nonpoly.comp_id 
2 'FE3-S4 CLUSTER'      F3S 
3 'IRON/SULFUR CLUSTER' SF4 
# 
loop_
_entity_poly_seq.entity_id 
_entity_poly_seq.num 
_entity_poly_seq.mon_id 
_entity_poly_seq.hetero 
1 1  ALA n 
1 2  TYR n 
1 3  VAL n 
1 4  ILE n 
1 5  THR n 
1 6  GLU n 
1 7  PRO n 
1 8  CYS n 
1 9  ILE n 
1 10 GLY n 
1 11 THR n 
1 12 LYS n 
1 13 ASP n 
1 14 ALA n 
1 15 SER n 
1 16 CYS n 
1 17 VAL n 
1 18 GLU n 
1 19 VAL n 
1 20 CYS n 
1 21 PRO n 
1 22 VAL n 
1 23 ASP n 
1 24 CYS n 
1 25 ILE n 
1 26 HIS n 
1 27 GLU n 
1 28 GLY n 
1 29 GLU n 
1 30 ASP n 
1 31 GLN n 
1 32 TYR n 
1 33 TYR n 
1 34 ILE n 
1 35 ASP n 
1 36 PRO n 
1 37 ASP n 
1 38 VAL n 
1 39 CYS n 
1 40 ILE n 
1 41 ASP n 
1 42 CYS n 
1 43 GLY n 
1 44 ALA n 
1 45 CYS n 
1 46 GLU n 
1 47 ALA n 
1 48 VAL n 
1 49 CYS n 
1 50 PRO n 
1 51 VAL n 
1 52 SER n 
1 53 ALA n 
1 54 ILE n 
1 55 TYR n 
1 56 HIS n 
1 57 GLU n 
1 58 ASP n 
1 59 PHE n 
1 60 VAL n 
1 61 PRO n 
1 62 GLU n 
1 63 GLU n 
1 64 TRP n 
1 65 LYS n 
1 66 SER n 
1 67 TYR n 
1 68 ILE n 
1 69 GLN n 
1 70 LYS n 
1 71 ASN n 
1 72 ARG n 
1 73 ASP n 
1 74 PHE n 
1 75 PHE n 
1 76 LYS n 
1 77 LYS n 
# 
_entity_src_gen.entity_id                          1 
_entity_src_gen.pdbx_src_id                        1 
_entity_src_gen.pdbx_alt_source_flag               sample 
_entity_src_gen.pdbx_seq_type                      ? 
_entity_src_gen.pdbx_beg_seq_num                   ? 
_entity_src_gen.pdbx_end_seq_num                   ? 
_entity_src_gen.gene_src_common_name               ? 
_entity_src_gen.gene_src_genus                     Bacillus 
_entity_src_gen.pdbx_gene_src_gene                 ? 
_entity_src_gen.gene_src_species                   ? 
_entity_src_gen.gene_src_strain                    ? 
_entity_src_gen.gene_src_tissue                    ? 
_entity_src_gen.gene_src_tissue_fraction           ? 
_entity_src_gen.gene_src_details                   ? 
_entity_src_gen.pdbx_gene_src_fragment             ? 
_entity_src_gen.pdbx_gene_src_scientific_name      'Bacillus schlegelii' 
_entity_src_gen.pdbx_gene_src_ncbi_taxonomy_id     1484 
_entity_src_gen.pdbx_gene_src_variant              ? 
_entity_src_gen.pdbx_gene_src_cell_line            ? 
_entity_src_gen.pdbx_gene_src_atcc                 'ATCC 43741' 
_entity_src_gen.pdbx_gene_src_organ                ? 
_entity_src_gen.pdbx_gene_src_organelle            ? 
_entity_src_gen.pdbx_gene_src_cell                 ? 
_entity_src_gen.pdbx_gene_src_cellular_location    ? 
_entity_src_gen.host_org_common_name               ? 
_entity_src_gen.pdbx_host_org_scientific_name      'Escherichia coli' 
_entity_src_gen.pdbx_host_org_ncbi_taxonomy_id     562 
_entity_src_gen.host_org_genus                     Escherichia 
_entity_src_gen.pdbx_host_org_gene                 ? 
_entity_src_gen.pdbx_host_org_organ                ? 
_entity_src_gen.host_org_species                   ? 
_entity_src_gen.pdbx_host_org_tissue               ? 
_entity_src_gen.pdbx_host_org_tissue_fraction      ? 
_entity_src_gen.pdbx_host_org_strain               'JM 109' 
_entity_src_gen.pdbx_host_org_variant              ? 
_entity_src_gen.pdbx_host_org_cell_line            ? 
_entity_src_gen.pdbx_host_org_atcc                 ? 
_entity_src_gen.pdbx_host_org_culture_collection   ? 
_entity_src_gen.pdbx_host_org_cell                 ? 
_entity_src_gen.pdbx_host_org_organelle            ? 
_entity_src_gen.pdbx_host_org_cellular_location    ? 
_entity_src_gen.pdbx_host_org_vector_type          BACTERIUM 
_entity_src_gen.pdbx_host_org_vector               ? 
_entity_src_gen.host_org_details                   ? 
_entity_src_gen.expression_system_id               ? 
_entity_src_gen.plasmid_name                       PKKFD54 
_entity_src_gen.plasmid_details                    ? 
_entity_src_gen.pdbx_description                   ? 
# 
loop_
_chem_comp.id 
_chem_comp.type 
_chem_comp.mon_nstd_flag 
_chem_comp.name 
_chem_comp.pdbx_synonyms 
_chem_comp.formula 
_chem_comp.formula_weight 
ALA 'L-peptide linking' y ALANINE               ? 'C3 H7 N O2'     89.093  
ARG 'L-peptide linking' y ARGININE              ? 'C6 H15 N4 O2 1' 175.209 
ASN 'L-peptide linking' y ASPARAGINE            ? 'C4 H8 N2 O3'    132.118 
ASP 'L-peptide linking' y 'ASPARTIC ACID'       ? 'C4 H7 N O4'     133.103 
CYS 'L-peptide linking' y CYSTEINE              ? 'C3 H7 N O2 S'   121.158 
F3S non-polymer         . 'FE3-S4 CLUSTER'      ? 'Fe3 S4'         295.795 
GLN 'L-peptide linking' y GLUTAMINE             ? 'C5 H10 N2 O3'   146.144 
GLU 'L-peptide linking' y 'GLUTAMIC ACID'       ? 'C5 H9 N O4'     147.129 
GLY 'peptide linking'   y GLYCINE               ? 'C2 H5 N O2'     75.067  
HIS 'L-peptide linking' y HISTIDINE             ? 'C6 H10 N3 O2 1' 156.162 
ILE 'L-peptide linking' y ISOLEUCINE            ? 'C6 H13 N O2'    131.173 
LYS 'L-peptide linking' y LYSINE                ? 'C6 H15 N2 O2 1' 147.195 
PHE 'L-peptide linking' y PHENYLALANINE         ? 'C9 H11 N O2'    165.189 
PRO 'L-peptide linking' y PROLINE               ? 'C5 H9 N O2'     115.130 
SER 'L-peptide linking' y SERINE                ? 'C3 H7 N O3'     105.093 
SF4 non-polymer         . 'IRON/SULFUR CLUSTER' ? 'Fe4 S4'         351.640 
THR 'L-peptide linking' y THREONINE             ? 'C4 H9 N O3'     119.119 
TRP 'L-peptide linking' y TRYPTOPHAN            ? 'C11 H12 N2 O2'  204.225 
TYR 'L-peptide linking' y TYROSINE              ? 'C9 H11 N O3'    181.189 
VAL 'L-peptide linking' y VALINE                ? 'C5 H11 N O2'    117.146 
# 
loop_
_pdbx_poly_seq_scheme.asym_id 
_pdbx_poly_seq_scheme.entity_id 
_pdbx_poly_seq_scheme.seq_id 
_pdbx_poly_seq_scheme.mon_id 
_pdbx_poly_seq_scheme.ndb_seq_num 
_pdbx_poly_seq_scheme.pdb_seq_num 
_pdbx_poly_seq_scheme.auth_seq_num 
_pdbx_poly_seq_scheme.pdb_mon_id 
_pdbx_poly_seq_scheme.auth_mon_id 
_pdbx_poly_seq_scheme.pdb_strand_id 
_pdbx_poly_seq_scheme.pdb_ins_code 
_pdbx_poly_seq_scheme.hetero 
A 1 1  ALA 1  1  1  ALA ALA A . n 
A 1 2  TYR 2  2  2  TYR TYR A . n 
A 1 3  VAL 3  3  3  VAL VAL A . n 
A 1 4  ILE 4  4  4  ILE ILE A . n 
A 1 5  THR 5  5  5  THR THR A . n 
A 1 6  GLU 6  6  6  GLU GLU A . n 
A 1 7  PRO 7  7  7  PRO PRO A . n 
A 1 8  CYS 8  8  8  CYS CYS A . n 
A 1 9  ILE 9  9  9  ILE ILE A . n 
A 1 10 GLY 10 10 10 GLY GLY A . n 
A 1 11 THR 11 11 11 THR THR A . n 
A 1 12 LYS 12 12 12 LYS LYS A . n 
A 1 13 ASP 13 13 13 ASP ASP A . n 
A 1 14 ALA 14 14 14 ALA ALA A . n 
A 1 15 SER 15 15 15 SER SER A . n 
A 1 16 CYS 16 16 16 CYS CYS A . n 
A 1 17 VAL 17 17 17 VAL VAL A . n 
A 1 18 GLU 18 18 18 GLU GLU A . n 
A 1 19 VAL 19 19 19 VAL VAL A . n 
A 1 20 CYS 20 20 20 CYS CYS A . n 
A 1 21 PRO 21 21 21 PRO PRO A . n 
A 1 22 VAL 22 22 22 VAL VAL A . n 
A 1 23 ASP 23 23 23 ASP ASP A . n 
A 1 24 CYS 24 24 24 CYS CYS A . n 
A 1 25 ILE 25 25 25 ILE ILE A . n 
A 1 26 HIS 26 26 26 HIS HIS A . n 
A 1 27 GLU 27 27 27 GLU GLU A . n 
A 1 28 GLY 28 28 28 GLY GLY A . n 
A 1 29 GLU 29 29 29 GLU GLU A . n 
A 1 30 ASP 30 30 30 ASP ASP A . n 
A 1 31 GLN 31 31 31 GLN GLN A . n 
A 1 32 TYR 32 32 32 TYR TYR A . n 
A 1 33 TYR 33 33 33 TYR TYR A . n 
A 1 34 ILE 34 34 34 ILE ILE A . n 
A 1 35 ASP 35 35 35 ASP ASP A . n 
A 1 36 PRO 36 36 36 PRO PRO A . n 
A 1 37 ASP 37 37 37 ASP ASP A . n 
A 1 38 VAL 38 38 38 VAL VAL A . n 
A 1 39 CYS 39 39 39 CYS CYS A . n 
A 1 40 ILE 40 40 40 ILE ILE A . n 
A 1 41 ASP 41 41 41 ASP ASP A . n 
A 1 42 CYS 42 42 42 CYS CYS A . n 
A 1 43 GLY 43 43 43 GLY GLY A . n 
A 1 44 ALA 44 44 44 ALA ALA A . n 
A 1 45 CYS 45 45 45 CYS CYS A . n 
A 1 46 GLU 46 46 46 GLU GLU A . n 
A 1 47 ALA 47 47 47 ALA ALA A . n 
A 1 48 VAL 48 48 48 VAL VAL A . n 
A 1 49 CYS 49 49 49 CYS CYS A . n 
A 1 50 PRO 50 50 50 PRO PRO A . n 
A 1 51 VAL 51 51 51 VAL VAL A . n 
A 1 52 SER 52 52 52 SER SER A . n 
A 1 53 ALA 53 53 53 ALA ALA A . n 
A 1 54 ILE 54 54 54 ILE ILE A . n 
A 1 55 TYR 55 55 55 TYR TYR A . n 
A 1 56 HIS 56 56 56 HIS HIS A . n 
A 1 57 GLU 57 57 57 GLU GLU A . n 
A 1 58 ASP 58 58 58 ASP ASP A . n 
A 1 59 PHE 59 59 59 PHE PHE A . n 
A 1 60 VAL 60 60 60 VAL VAL A . n 
A 1 61 PRO 61 61 61 PRO PRO A . n 
A 1 62 GLU 62 62 62 GLU GLU A . n 
A 1 63 GLU 63 63 63 GLU GLU A . n 
A 1 64 TRP 64 64 64 TRP TRP A . n 
A 1 65 LYS 65 65 65 LYS LYS A . n 
A 1 66 SER 66 66 66 SER SER A . n 
A 1 67 TYR 67 67 67 TYR TYR A . n 
A 1 68 ILE 68 68 68 ILE ILE A . n 
A 1 69 GLN 69 69 69 GLN GLN A . n 
A 1 70 LYS 70 70 70 LYS LYS A . n 
A 1 71 ASN 71 71 71 ASN ASN A . n 
A 1 72 ARG 72 72 72 ARG ARG A . n 
A 1 73 ASP 73 73 73 ASP ASP A . n 
A 1 74 PHE 74 74 74 PHE PHE A . n 
A 1 75 PHE 75 75 75 PHE PHE A . n 
A 1 76 LYS 76 76 76 LYS LYS A . n 
A 1 77 LYS 77 77 77 LYS LYS A . n 
# 
loop_
_pdbx_nonpoly_scheme.asym_id 
_pdbx_nonpoly_scheme.entity_id 
_pdbx_nonpoly_scheme.mon_id 
_pdbx_nonpoly_scheme.ndb_seq_num 
_pdbx_nonpoly_scheme.pdb_seq_num 
_pdbx_nonpoly_scheme.auth_seq_num 
_pdbx_nonpoly_scheme.pdb_mon_id 
_pdbx_nonpoly_scheme.auth_mon_id 
_pdbx_nonpoly_scheme.pdb_strand_id 
_pdbx_nonpoly_scheme.pdb_ins_code 
B 2 F3S 1 78 78 F3S FS3 A . 
C 3 SF4 1 79 79 SF4 FS4 A . 
# 
loop_
_software.name 
_software.classification 
_software.version 
_software.citation_id 
_software.pdbx_ordinal 
DYANA 'model building' . ? 1 
AMBER refinement       . ? 2 
DYANA refinement       . ? 3 
# 
_cell.entry_id           1BD6 
_cell.length_a           1.000 
_cell.length_b           1.000 
_cell.length_c           1.000 
_cell.angle_alpha        90.00 
_cell.angle_beta         90.00 
_cell.angle_gamma        90.00 
_cell.Z_PDB              1 
_cell.pdbx_unique_axis   ? 
# 
_symmetry.entry_id                         1BD6 
_symmetry.space_group_name_H-M             'P 1' 
_symmetry.pdbx_full_space_group_name_H-M   ? 
_symmetry.cell_setting                     ? 
_symmetry.Int_Tables_number                1 
# 
_exptl.entry_id          1BD6 
_exptl.method            'SOLUTION NMR' 
_exptl.crystals_number   ? 
# 
_struct.entry_id                  1BD6 
_struct.title                     '7-FE FERREDOXIN FROM BACILLUS SCHLEGELII, NMR, MINIMIZED AVERAGE STRUCTURE' 
_struct.pdbx_model_details        ? 
_struct.pdbx_CASP_flag            ? 
_struct.pdbx_model_type_details   ? 
# 
_struct_keywords.entry_id        1BD6 
_struct_keywords.pdbx_keywords   'ELECTRON TRANSPORT' 
_struct_keywords.text            'ELECTRON TRANSPORT, IRON-SULFUR' 
# 
loop_
_struct_asym.id 
_struct_asym.pdbx_blank_PDB_chainid_flag 
_struct_asym.pdbx_modified 
_struct_asym.entity_id 
_struct_asym.details 
A Y N 1 ? 
B N N 2 ? 
C N N 3 ? 
# 
_struct_ref.id                         1 
_struct_ref.db_name                    UNP 
_struct_ref.db_code                    FER_BACSC 
_struct_ref.entity_id                  1 
_struct_ref.pdbx_db_accession          Q45560 
_struct_ref.pdbx_align_begin           1 
_struct_ref.pdbx_seq_one_letter_code   AYVITEPCIGTKDASCVEVCPVDCIHEGEDQYYIDPDVCIDCGACEAVCPVSAIYHEDFVPEEWKSYIQKNRDFFKK 
_struct_ref.pdbx_db_isoform            ? 
# 
_struct_ref_seq.align_id                      1 
_struct_ref_seq.ref_id                        1 
_struct_ref_seq.pdbx_PDB_id_code              1BD6 
_struct_ref_seq.pdbx_strand_id                A 
_struct_ref_seq.seq_align_beg                 1 
_struct_ref_seq.pdbx_seq_align_beg_ins_code   ? 
_struct_ref_seq.seq_align_end                 77 
_struct_ref_seq.pdbx_seq_align_end_ins_code   ? 
_struct_ref_seq.pdbx_db_accession             Q45560 
_struct_ref_seq.db_align_beg                  1 
_struct_ref_seq.pdbx_db_align_beg_ins_code    ? 
_struct_ref_seq.db_align_end                  77 
_struct_ref_seq.pdbx_db_align_end_ins_code    ? 
_struct_ref_seq.pdbx_auth_seq_align_beg       1 
_struct_ref_seq.pdbx_auth_seq_align_end       77 
# 
_pdbx_struct_assembly.id                   1 
_pdbx_struct_assembly.details              author_defined_assembly 
_pdbx_struct_assembly.method_details       ? 
_pdbx_struct_assembly.oligomeric_details   monomeric 
_pdbx_struct_assembly.oligomeric_count     1 
# 
_pdbx_struct_assembly_gen.assembly_id       1 
_pdbx_struct_assembly_gen.oper_expression   1 
_pdbx_struct_assembly_gen.asym_id_list      A,B,C 
# 
_pdbx_struct_oper_list.id                   1 
_pdbx_struct_oper_list.type                 'identity operation' 
_pdbx_struct_oper_list.name                 1_555 
_pdbx_struct_oper_list.symmetry_operation   x,y,z 
_pdbx_struct_oper_list.matrix[1][1]         1.0000000000 
_pdbx_struct_oper_list.matrix[1][2]         0.0000000000 
_pdbx_struct_oper_list.matrix[1][3]         0.0000000000 
_pdbx_struct_oper_list.vector[1]            0.0000000000 
_pdbx_struct_oper_list.matrix[2][1]         0.0000000000 
_pdbx_struct_oper_list.matrix[2][2]         1.0000000000 
_pdbx_struct_oper_list.matrix[2][3]         0.0000000000 
_pdbx_struct_oper_list.vector[2]            0.0000000000 
_pdbx_struct_oper_list.matrix[3][1]         0.0000000000 
_pdbx_struct_oper_list.matrix[3][2]         0.0000000000 
_pdbx_struct_oper_list.matrix[3][3]         1.0000000000 
_pdbx_struct_oper_list.vector[3]            0.0000000000 
# 
_struct_biol.id   1 
# 
loop_
_struct_conf.conf_type_id 
_struct_conf.id 
_struct_conf.pdbx_PDB_helix_id 
_struct_conf.beg_label_comp_id 
_struct_conf.beg_label_asym_id 
_struct_conf.beg_label_seq_id 
_struct_conf.pdbx_beg_PDB_ins_code 
_struct_conf.end_label_comp_id 
_struct_conf.end_label_asym_id 
_struct_conf.end_label_seq_id 
_struct_conf.pdbx_end_PDB_ins_code 
_struct_conf.beg_auth_comp_id 
_struct_conf.beg_auth_asym_id 
_struct_conf.beg_auth_seq_id 
_struct_conf.end_auth_comp_id 
_struct_conf.end_auth_asym_id 
_struct_conf.end_auth_seq_id 
_struct_conf.pdbx_PDB_helix_class 
_struct_conf.details 
_struct_conf.pdbx_PDB_helix_length 
HELX_P HELX_P1 1 GLU A 6  ? CYS A 8  ? GLU A 6  CYS A 8  5 ? 3  
HELX_P HELX_P2 2 VAL A 17 ? VAL A 19 ? VAL A 17 VAL A 19 5 ? 3  
HELX_P HELX_P3 3 ALA A 44 ? VAL A 48 ? ALA A 44 VAL A 48 1 ? 5  
HELX_P HELX_P4 4 PRO A 50 ? SER A 52 ? PRO A 50 SER A 52 5 ? 3  
HELX_P HELX_P5 5 GLU A 62 ? PHE A 75 ? GLU A 62 PHE A 75 1 ? 14 
# 
_struct_conf_type.id          HELX_P 
_struct_conf_type.criteria    ? 
_struct_conf_type.reference   ? 
# 
loop_
_struct_conn.id 
_struct_conn.conn_type_id 
_struct_conn.pdbx_leaving_atom_flag 
_struct_conn.pdbx_PDB_id 
_struct_conn.ptnr1_label_asym_id 
_struct_conn.ptnr1_label_comp_id 
_struct_conn.ptnr1_label_seq_id 
_struct_conn.ptnr1_label_atom_id 
_struct_conn.pdbx_ptnr1_label_alt_id 
_struct_conn.pdbx_ptnr1_PDB_ins_code 
_struct_conn.pdbx_ptnr1_standard_comp_id 
_struct_conn.ptnr1_symmetry 
_struct_conn.ptnr2_label_asym_id 
_struct_conn.ptnr2_label_comp_id 
_struct_conn.ptnr2_label_seq_id 
_struct_conn.ptnr2_label_atom_id 
_struct_conn.pdbx_ptnr2_label_alt_id 
_struct_conn.pdbx_ptnr2_PDB_ins_code 
_struct_conn.ptnr1_auth_asym_id 
_struct_conn.ptnr1_auth_comp_id 
_struct_conn.ptnr1_auth_seq_id 
_struct_conn.ptnr2_auth_asym_id 
_struct_conn.ptnr2_auth_comp_id 
_struct_conn.ptnr2_auth_seq_id 
_struct_conn.ptnr2_symmetry 
_struct_conn.pdbx_ptnr3_label_atom_id 
_struct_conn.pdbx_ptnr3_label_seq_id 
_struct_conn.pdbx_ptnr3_label_comp_id 
_struct_conn.pdbx_ptnr3_label_asym_id 
_struct_conn.pdbx_ptnr3_label_alt_id 
_struct_conn.pdbx_ptnr3_PDB_ins_code 
_struct_conn.details 
_struct_conn.pdbx_dist_value 
_struct_conn.pdbx_value_order 
_struct_conn.pdbx_role 
metalc1 metalc ? ? A CYS 8  SG ? ? ? 1_555 B F3S . FE1 ? ? A CYS 8  A F3S 78 1_555 ? ? ? ? ? ? ? 2.115 ? ? 
metalc2 metalc ? ? A CYS 16 SG ? ? ? 1_555 B F3S . FE4 ? ? A CYS 16 A F3S 78 1_555 ? ? ? ? ? ? ? 2.149 ? ? 
metalc3 metalc ? ? A CYS 20 SG ? ? ? 1_555 C SF4 . FE1 ? ? A CYS 20 A SF4 79 1_555 ? ? ? ? ? ? ? 2.052 ? ? 
metalc4 metalc ? ? A CYS 39 SG ? ? ? 1_555 C SF4 . FE2 ? ? A CYS 39 A SF4 79 1_555 ? ? ? ? ? ? ? 2.047 ? ? 
metalc5 metalc ? ? A CYS 42 SG ? ? ? 1_555 C SF4 . FE3 ? ? A CYS 42 A SF4 79 1_555 ? ? ? ? ? ? ? 2.126 ? ? 
metalc6 metalc ? ? A CYS 45 SG ? ? ? 1_555 C SF4 . FE4 ? ? A CYS 45 A SF4 79 1_555 ? ? ? ? ? ? ? 2.043 ? ? 
metalc7 metalc ? ? A CYS 49 SG ? ? ? 1_555 B F3S . FE3 ? ? A CYS 49 A F3S 78 1_555 ? ? ? ? ? ? ? 2.189 ? ? 
# 
_struct_conn_type.id          metalc 
_struct_conn_type.criteria    ? 
_struct_conn_type.reference   ? 
# 
loop_
_pdbx_struct_conn_angle.id 
_pdbx_struct_conn_angle.ptnr1_label_atom_id 
_pdbx_struct_conn_angle.ptnr1_label_alt_id 
_pdbx_struct_conn_angle.ptnr1_label_asym_id 
_pdbx_struct_conn_angle.ptnr1_label_comp_id 
_pdbx_struct_conn_angle.ptnr1_label_seq_id 
_pdbx_struct_conn_angle.ptnr1_auth_atom_id 
_pdbx_struct_conn_angle.ptnr1_auth_asym_id 
_pdbx_struct_conn_angle.ptnr1_auth_comp_id 
_pdbx_struct_conn_angle.ptnr1_auth_seq_id 
_pdbx_struct_conn_angle.ptnr1_PDB_ins_code 
_pdbx_struct_conn_angle.ptnr1_symmetry 
_pdbx_struct_conn_angle.ptnr2_label_atom_id 
_pdbx_struct_conn_angle.ptnr2_label_alt_id 
_pdbx_struct_conn_angle.ptnr2_label_asym_id 
_pdbx_struct_conn_angle.ptnr2_label_comp_id 
_pdbx_struct_conn_angle.ptnr2_label_seq_id 
_pdbx_struct_conn_angle.ptnr2_auth_atom_id 
_pdbx_struct_conn_angle.ptnr2_auth_asym_id 
_pdbx_struct_conn_angle.ptnr2_auth_comp_id 
_pdbx_struct_conn_angle.ptnr2_auth_seq_id 
_pdbx_struct_conn_angle.ptnr2_PDB_ins_code 
_pdbx_struct_conn_angle.ptnr2_symmetry 
_pdbx_struct_conn_angle.ptnr3_label_atom_id 
_pdbx_struct_conn_angle.ptnr3_label_alt_id 
_pdbx_struct_conn_angle.ptnr3_label_asym_id 
_pdbx_struct_conn_angle.ptnr3_label_comp_id 
_pdbx_struct_conn_angle.ptnr3_label_seq_id 
_pdbx_struct_conn_angle.ptnr3_auth_atom_id 
_pdbx_struct_conn_angle.ptnr3_auth_asym_id 
_pdbx_struct_conn_angle.ptnr3_auth_comp_id 
_pdbx_struct_conn_angle.ptnr3_auth_seq_id 
_pdbx_struct_conn_angle.ptnr3_PDB_ins_code 
_pdbx_struct_conn_angle.ptnr3_symmetry 
_pdbx_struct_conn_angle.value 
_pdbx_struct_conn_angle.value_esd 
1  SG ? A CYS 8  ? A CYS 8  ? 1_555 FE1 ? B F3S . ? A F3S 78 ? 1_555 S1 ? B F3S . ? A F3S 78 ? 1_555 117.9 ? 
2  SG ? A CYS 8  ? A CYS 8  ? 1_555 FE1 ? B F3S . ? A F3S 78 ? 1_555 S2 ? B F3S . ? A F3S 78 ? 1_555 116.6 ? 
3  S1 ? B F3S .  ? A F3S 78 ? 1_555 FE1 ? B F3S . ? A F3S 78 ? 1_555 S2 ? B F3S . ? A F3S 78 ? 1_555 103.2 ? 
4  SG ? A CYS 8  ? A CYS 8  ? 1_555 FE1 ? B F3S . ? A F3S 78 ? 1_555 S3 ? B F3S . ? A F3S 78 ? 1_555 113.8 ? 
5  S1 ? B F3S .  ? A F3S 78 ? 1_555 FE1 ? B F3S . ? A F3S 78 ? 1_555 S3 ? B F3S . ? A F3S 78 ? 1_555 101.4 ? 
6  S2 ? B F3S .  ? A F3S 78 ? 1_555 FE1 ? B F3S . ? A F3S 78 ? 1_555 S3 ? B F3S . ? A F3S 78 ? 1_555 101.5 ? 
7  SG ? A CYS 16 ? A CYS 16 ? 1_555 FE4 ? B F3S . ? A F3S 78 ? 1_555 S2 ? B F3S . ? A F3S 78 ? 1_555 112.6 ? 
8  SG ? A CYS 16 ? A CYS 16 ? 1_555 FE4 ? B F3S . ? A F3S 78 ? 1_555 S3 ? B F3S . ? A F3S 78 ? 1_555 109.8 ? 
9  S2 ? B F3S .  ? A F3S 78 ? 1_555 FE4 ? B F3S . ? A F3S 78 ? 1_555 S3 ? B F3S . ? A F3S 78 ? 1_555 110.1 ? 
10 SG ? A CYS 16 ? A CYS 16 ? 1_555 FE4 ? B F3S . ? A F3S 78 ? 1_555 S4 ? B F3S . ? A F3S 78 ? 1_555 113.2 ? 
11 S2 ? B F3S .  ? A F3S 78 ? 1_555 FE4 ? B F3S . ? A F3S 78 ? 1_555 S4 ? B F3S . ? A F3S 78 ? 1_555 98.9  ? 
12 S3 ? B F3S .  ? A F3S 78 ? 1_555 FE4 ? B F3S . ? A F3S 78 ? 1_555 S4 ? B F3S . ? A F3S 78 ? 1_555 111.8 ? 
13 SG ? A CYS 20 ? A CYS 20 ? 1_555 FE1 ? C SF4 . ? A SF4 79 ? 1_555 S2 ? C SF4 . ? A SF4 79 ? 1_555 116.5 ? 
14 SG ? A CYS 20 ? A CYS 20 ? 1_555 FE1 ? C SF4 . ? A SF4 79 ? 1_555 S3 ? C SF4 . ? A SF4 79 ? 1_555 115.2 ? 
15 S2 ? C SF4 .  ? A SF4 79 ? 1_555 FE1 ? C SF4 . ? A SF4 79 ? 1_555 S3 ? C SF4 . ? A SF4 79 ? 1_555 104.1 ? 
16 SG ? A CYS 20 ? A CYS 20 ? 1_555 FE1 ? C SF4 . ? A SF4 79 ? 1_555 S4 ? C SF4 . ? A SF4 79 ? 1_555 113.5 ? 
17 S2 ? C SF4 .  ? A SF4 79 ? 1_555 FE1 ? C SF4 . ? A SF4 79 ? 1_555 S4 ? C SF4 . ? A SF4 79 ? 1_555 102.1 ? 
18 S3 ? C SF4 .  ? A SF4 79 ? 1_555 FE1 ? C SF4 . ? A SF4 79 ? 1_555 S4 ? C SF4 . ? A SF4 79 ? 1_555 103.8 ? 
19 SG ? A CYS 39 ? A CYS 39 ? 1_555 FE2 ? C SF4 . ? A SF4 79 ? 1_555 S1 ? C SF4 . ? A SF4 79 ? 1_555 105.1 ? 
20 SG ? A CYS 39 ? A CYS 39 ? 1_555 FE2 ? C SF4 . ? A SF4 79 ? 1_555 S3 ? C SF4 . ? A SF4 79 ? 1_555 114.1 ? 
21 S1 ? C SF4 .  ? A SF4 79 ? 1_555 FE2 ? C SF4 . ? A SF4 79 ? 1_555 S3 ? C SF4 . ? A SF4 79 ? 1_555 102.6 ? 
22 SG ? A CYS 39 ? A CYS 39 ? 1_555 FE2 ? C SF4 . ? A SF4 79 ? 1_555 S4 ? C SF4 . ? A SF4 79 ? 1_555 111.9 ? 
23 S1 ? C SF4 .  ? A SF4 79 ? 1_555 FE2 ? C SF4 . ? A SF4 79 ? 1_555 S4 ? C SF4 . ? A SF4 79 ? 1_555 110.5 ? 
24 S3 ? C SF4 .  ? A SF4 79 ? 1_555 FE2 ? C SF4 . ? A SF4 79 ? 1_555 S4 ? C SF4 . ? A SF4 79 ? 1_555 112.0 ? 
25 SG ? A CYS 42 ? A CYS 42 ? 1_555 FE3 ? C SF4 . ? A SF4 79 ? 1_555 S1 ? C SF4 . ? A SF4 79 ? 1_555 109.2 ? 
26 SG ? A CYS 42 ? A CYS 42 ? 1_555 FE3 ? C SF4 . ? A SF4 79 ? 1_555 S2 ? C SF4 . ? A SF4 79 ? 1_555 112.7 ? 
27 S1 ? C SF4 .  ? A SF4 79 ? 1_555 FE3 ? C SF4 . ? A SF4 79 ? 1_555 S2 ? C SF4 . ? A SF4 79 ? 1_555 104.6 ? 
28 SG ? A CYS 42 ? A CYS 42 ? 1_555 FE3 ? C SF4 . ? A SF4 79 ? 1_555 S4 ? C SF4 . ? A SF4 79 ? 1_555 115.1 ? 
29 S1 ? C SF4 .  ? A SF4 79 ? 1_555 FE3 ? C SF4 . ? A SF4 79 ? 1_555 S4 ? C SF4 . ? A SF4 79 ? 1_555 104.5 ? 
30 S2 ? C SF4 .  ? A SF4 79 ? 1_555 FE3 ? C SF4 . ? A SF4 79 ? 1_555 S4 ? C SF4 . ? A SF4 79 ? 1_555 109.8 ? 
31 SG ? A CYS 45 ? A CYS 45 ? 1_555 FE4 ? C SF4 . ? A SF4 79 ? 1_555 S1 ? C SF4 . ? A SF4 79 ? 1_555 98.8  ? 
32 SG ? A CYS 45 ? A CYS 45 ? 1_555 FE4 ? C SF4 . ? A SF4 79 ? 1_555 S2 ? C SF4 . ? A SF4 79 ? 1_555 109.9 ? 
33 S1 ? C SF4 .  ? A SF4 79 ? 1_555 FE4 ? C SF4 . ? A SF4 79 ? 1_555 S2 ? C SF4 . ? A SF4 79 ? 1_555 107.6 ? 
34 SG ? A CYS 45 ? A CYS 45 ? 1_555 FE4 ? C SF4 . ? A SF4 79 ? 1_555 S3 ? C SF4 . ? A SF4 79 ? 1_555 126.5 ? 
35 S1 ? C SF4 .  ? A SF4 79 ? 1_555 FE4 ? C SF4 . ? A SF4 79 ? 1_555 S3 ? C SF4 . ? A SF4 79 ? 1_555 104.6 ? 
36 S2 ? C SF4 .  ? A SF4 79 ? 1_555 FE4 ? C SF4 . ? A SF4 79 ? 1_555 S3 ? C SF4 . ? A SF4 79 ? 1_555 107.7 ? 
37 SG ? A CYS 49 ? A CYS 49 ? 1_555 FE3 ? B F3S . ? A F3S 78 ? 1_555 S1 ? B F3S . ? A F3S 78 ? 1_555 119.5 ? 
38 SG ? A CYS 49 ? A CYS 49 ? 1_555 FE3 ? B F3S . ? A F3S 78 ? 1_555 S3 ? B F3S . ? A F3S 78 ? 1_555 111.4 ? 
39 S1 ? B F3S .  ? A F3S 78 ? 1_555 FE3 ? B F3S . ? A F3S 78 ? 1_555 S3 ? B F3S . ? A F3S 78 ? 1_555 108.2 ? 
40 SG ? A CYS 49 ? A CYS 49 ? 1_555 FE3 ? B F3S . ? A F3S 78 ? 1_555 S4 ? B F3S . ? A F3S 78 ? 1_555 109.4 ? 
41 S1 ? B F3S .  ? A F3S 78 ? 1_555 FE3 ? B F3S . ? A F3S 78 ? 1_555 S4 ? B F3S . ? A F3S 78 ? 1_555 101.8 ? 
42 S3 ? B F3S .  ? A F3S 78 ? 1_555 FE3 ? B F3S . ? A F3S 78 ? 1_555 S4 ? B F3S . ? A F3S 78 ? 1_555 105.4 ? 
# 
_struct_mon_prot_cis.pdbx_id                1 
_struct_mon_prot_cis.label_comp_id          ALA 
_struct_mon_prot_cis.label_seq_id           14 
_struct_mon_prot_cis.label_asym_id          A 
_struct_mon_prot_cis.label_alt_id           . 
_struct_mon_prot_cis.pdbx_PDB_ins_code      ? 
_struct_mon_prot_cis.auth_comp_id           ALA 
_struct_mon_prot_cis.auth_seq_id            14 
_struct_mon_prot_cis.auth_asym_id           A 
_struct_mon_prot_cis.pdbx_label_comp_id_2   SER 
_struct_mon_prot_cis.pdbx_label_seq_id_2    15 
_struct_mon_prot_cis.pdbx_label_asym_id_2   A 
_struct_mon_prot_cis.pdbx_PDB_ins_code_2    ? 
_struct_mon_prot_cis.pdbx_auth_comp_id_2    SER 
_struct_mon_prot_cis.pdbx_auth_seq_id_2     15 
_struct_mon_prot_cis.pdbx_auth_asym_id_2    A 
_struct_mon_prot_cis.pdbx_PDB_model_num     1 
_struct_mon_prot_cis.pdbx_omega_angle       3.32 
# 
loop_
_struct_sheet.id 
_struct_sheet.type 
_struct_sheet.number_strands 
_struct_sheet.details 
A ? 2 ? 
B ? 2 ? 
# 
loop_
_struct_sheet_order.sheet_id 
_struct_sheet_order.range_id_1 
_struct_sheet_order.range_id_2 
_struct_sheet_order.offset 
_struct_sheet_order.sense 
A 1 2 ? anti-parallel 
B 1 2 ? anti-parallel 
# 
loop_
_struct_sheet_range.sheet_id 
_struct_sheet_range.id 
_struct_sheet_range.beg_label_comp_id 
_struct_sheet_range.beg_label_asym_id 
_struct_sheet_range.beg_label_seq_id 
_struct_sheet_range.pdbx_beg_PDB_ins_code 
_struct_sheet_range.end_label_comp_id 
_struct_sheet_range.end_label_asym_id 
_struct_sheet_range.end_label_seq_id 
_struct_sheet_range.pdbx_end_PDB_ins_code 
_struct_sheet_range.beg_auth_comp_id 
_struct_sheet_range.beg_auth_asym_id 
_struct_sheet_range.beg_auth_seq_id 
_struct_sheet_range.end_auth_comp_id 
_struct_sheet_range.end_auth_asym_id 
_struct_sheet_range.end_auth_seq_id 
A 1 ILE A 25 ? GLU A 27 ? ILE A 25 GLU A 27 
A 2 TYR A 32 ? ILE A 34 ? TYR A 32 ILE A 34 
B 1 TYR A 2  ? VAL A 3  ? TYR A 2  VAL A 3  
B 2 TYR A 55 ? HIS A 56 ? TYR A 55 HIS A 56 
# 
loop_
_pdbx_struct_sheet_hbond.sheet_id 
_pdbx_struct_sheet_hbond.range_id_1 
_pdbx_struct_sheet_hbond.range_id_2 
_pdbx_struct_sheet_hbond.range_1_label_atom_id 
_pdbx_struct_sheet_hbond.range_1_label_comp_id 
_pdbx_struct_sheet_hbond.range_1_label_asym_id 
_pdbx_struct_sheet_hbond.range_1_label_seq_id 
_pdbx_struct_sheet_hbond.range_1_PDB_ins_code 
_pdbx_struct_sheet_hbond.range_1_auth_atom_id 
_pdbx_struct_sheet_hbond.range_1_auth_comp_id 
_pdbx_struct_sheet_hbond.range_1_auth_asym_id 
_pdbx_struct_sheet_hbond.range_1_auth_seq_id 
_pdbx_struct_sheet_hbond.range_2_label_atom_id 
_pdbx_struct_sheet_hbond.range_2_label_comp_id 
_pdbx_struct_sheet_hbond.range_2_label_asym_id 
_pdbx_struct_sheet_hbond.range_2_label_seq_id 
_pdbx_struct_sheet_hbond.range_2_PDB_ins_code 
_pdbx_struct_sheet_hbond.range_2_auth_atom_id 
_pdbx_struct_sheet_hbond.range_2_auth_comp_id 
_pdbx_struct_sheet_hbond.range_2_auth_asym_id 
_pdbx_struct_sheet_hbond.range_2_auth_seq_id 
A 1 2 O HIS A 26 ? O HIS A 26 N TYR A 33 ? N TYR A 33 
B 1 2 N VAL A 3  ? N VAL A 3  O TYR A 55 ? O TYR A 55 
# 
loop_
_struct_site.id 
_struct_site.pdbx_evidence_code 
_struct_site.pdbx_auth_asym_id 
_struct_site.pdbx_auth_comp_id 
_struct_site.pdbx_auth_seq_id 
_struct_site.pdbx_auth_ins_code 
_struct_site.pdbx_num_residues 
_struct_site.details 
AC1 Software A F3S 78 ? 6 'BINDING SITE FOR RESIDUE F3S A 78' 
AC2 Software A SF4 79 ? 7 'BINDING SITE FOR RESIDUE SF4 A 79' 
# 
loop_
_struct_site_gen.id 
_struct_site_gen.site_id 
_struct_site_gen.pdbx_num_res 
_struct_site_gen.label_comp_id 
_struct_site_gen.label_asym_id 
_struct_site_gen.label_seq_id 
_struct_site_gen.pdbx_auth_ins_code 
_struct_site_gen.auth_comp_id 
_struct_site_gen.auth_asym_id 
_struct_site_gen.auth_seq_id 
_struct_site_gen.label_atom_id 
_struct_site_gen.label_alt_id 
_struct_site_gen.symmetry 
_struct_site_gen.details 
1  AC1 6 ILE A 4  ? ILE A 4  . ? 1_555 ? 
2  AC1 6 CYS A 8  ? CYS A 8  . ? 1_555 ? 
3  AC1 6 SER A 15 ? SER A 15 . ? 1_555 ? 
4  AC1 6 CYS A 16 ? CYS A 16 . ? 1_555 ? 
5  AC1 6 CYS A 49 ? CYS A 49 . ? 1_555 ? 
6  AC1 6 ILE A 54 ? ILE A 54 . ? 1_555 ? 
7  AC2 7 TYR A 2  ? TYR A 2  . ? 1_555 ? 
8  AC2 7 CYS A 20 ? CYS A 20 . ? 1_555 ? 
9  AC2 7 ILE A 34 ? ILE A 34 . ? 1_555 ? 
10 AC2 7 CYS A 39 ? CYS A 39 . ? 1_555 ? 
11 AC2 7 ILE A 40 ? ILE A 40 . ? 1_555 ? 
12 AC2 7 CYS A 42 ? CYS A 42 . ? 1_555 ? 
13 AC2 7 CYS A 45 ? CYS A 45 . ? 1_555 ? 
# 
loop_
_pdbx_validate_torsion.id 
_pdbx_validate_torsion.PDB_model_num 
_pdbx_validate_torsion.auth_comp_id 
_pdbx_validate_torsion.auth_asym_id 
_pdbx_validate_torsion.auth_seq_id 
_pdbx_validate_torsion.PDB_ins_code 
_pdbx_validate_torsion.label_alt_id 
_pdbx_validate_torsion.phi 
_pdbx_validate_torsion.psi 
1 1 GLU A 6  ? ? -15.94  -66.19  
2 1 LYS A 12 ? ? 76.07   -42.07  
3 1 ALA A 14 ? ? -169.58 -50.68  
4 1 VAL A 17 ? ? 9.98    -79.04  
5 1 ASP A 23 ? ? 40.09   22.04   
6 1 ASP A 30 ? ? -110.29 -72.29  
7 1 ASP A 41 ? ? 48.15   78.83   
8 1 LYS A 76 ? ? -84.95  -153.71 
# 
_pdbx_validate_chiral.id              1 
_pdbx_validate_chiral.PDB_model_num   1 
_pdbx_validate_chiral.auth_atom_id    CA 
_pdbx_validate_chiral.label_alt_id    ? 
_pdbx_validate_chiral.auth_asym_id    A 
_pdbx_validate_chiral.auth_comp_id    ALA 
_pdbx_validate_chiral.auth_seq_id     1 
_pdbx_validate_chiral.PDB_ins_code    ? 
_pdbx_validate_chiral.details         'WRONG HAND' 
_pdbx_validate_chiral.omega           . 
# 
loop_
_pdbx_validate_planes.id 
_pdbx_validate_planes.PDB_model_num 
_pdbx_validate_planes.auth_comp_id 
_pdbx_validate_planes.auth_asym_id 
_pdbx_validate_planes.auth_seq_id 
_pdbx_validate_planes.PDB_ins_code 
_pdbx_validate_planes.label_alt_id 
_pdbx_validate_planes.rmsd 
_pdbx_validate_planes.type 
1 1 TYR A 32 ? ? 0.085 'SIDE CHAIN' 
2 1 TYR A 33 ? ? 0.090 'SIDE CHAIN' 
3 1 PHE A 74 ? ? 0.089 'SIDE CHAIN' 
4 1 PHE A 75 ? ? 0.076 'SIDE CHAIN' 
# 
_pdbx_nmr_ensemble.entry_id                             1BD6 
_pdbx_nmr_ensemble.conformers_calculated_total_number   300 
_pdbx_nmr_ensemble.conformers_submitted_total_number    1 
_pdbx_nmr_ensemble.conformer_selection_criteria         ? 
# 
_pdbx_nmr_exptl_sample_conditions.conditions_id       1 
_pdbx_nmr_exptl_sample_conditions.temperature         288 
_pdbx_nmr_exptl_sample_conditions.pressure            ? 
_pdbx_nmr_exptl_sample_conditions.pH                  6.5 
_pdbx_nmr_exptl_sample_conditions.ionic_strength      ? 
_pdbx_nmr_exptl_sample_conditions.pressure_units      . 
_pdbx_nmr_exptl_sample_conditions.temperature_units   K 
# 
loop_
_pdbx_nmr_exptl.experiment_id 
_pdbx_nmr_exptl.conditions_id 
_pdbx_nmr_exptl.type 
_pdbx_nmr_exptl.solution_id 
1 1 NOESY    1 
2 1 TOCSY    1 
3 1 DQF-COSY 1 
# 
_pdbx_nmr_refine.entry_id           1BD6 
_pdbx_nmr_refine.method             'torsion angle dynamics' 
_pdbx_nmr_refine.details            
;THE STRUCTURE CALCULATIONS WERE CARRIED OUT WITH THE PROGRAM DYANA (BY GUNTERT,MUMENTHALER,WUTHRICH). THE 20 STRUCTURES OF THE DYANA FAMILY WITH THE LOWEST TARGET FUNCTION VALUES WERE REFINED BY RESTRAINED ENERGY MINIMIZATION (REM) AND RESTRAINED MOLECULAR DYNAMICS (RMD) IN VACUO. THE STRUCTURE IN THIS ENTRY REPRESENTS THE MINIMIZED AVERAGE STRUCTURE OF THE RMD FAMILY. REFINEMENT DETAILS CAN BE FOUND IN THE JRNL CITATION ABOVE.
;
_pdbx_nmr_refine.software_ordinal   1 
# 
loop_
_pdbx_nmr_software.classification 
_pdbx_nmr_software.name 
_pdbx_nmr_software.version 
_pdbx_nmr_software.authors 
_pdbx_nmr_software.ordinal 
refinement           Amber 4.1 'PEARLMAN,CASE,CALDWELL,ROSS,CHEATHAM, FERGUSON,SEIBEL,SINGH,WEINER,KOLLMAN' 1 
'structure solution' DYANA ?   ?                                                                            2 
# 
loop_
_chem_comp_atom.comp_id 
_chem_comp_atom.atom_id 
_chem_comp_atom.type_symbol 
_chem_comp_atom.pdbx_aromatic_flag 
_chem_comp_atom.pdbx_stereo_config 
_chem_comp_atom.pdbx_ordinal 
ALA N    N  N N 1   
ALA CA   C  N S 2   
ALA C    C  N N 3   
ALA O    O  N N 4   
ALA CB   C  N N 5   
ALA OXT  O  N N 6   
ALA H    H  N N 7   
ALA H2   H  N N 8   
ALA HA   H  N N 9   
ALA HB1  H  N N 10  
ALA HB2  H  N N 11  
ALA HB3  H  N N 12  
ALA HXT  H  N N 13  
ARG N    N  N N 14  
ARG CA   C  N S 15  
ARG C    C  N N 16  
ARG O    O  N N 17  
ARG CB   C  N N 18  
ARG CG   C  N N 19  
ARG CD   C  N N 20  
ARG NE   N  N N 21  
ARG CZ   C  N N 22  
ARG NH1  N  N N 23  
ARG NH2  N  N N 24  
ARG OXT  O  N N 25  
ARG H    H  N N 26  
ARG H2   H  N N 27  
ARG HA   H  N N 28  
ARG HB2  H  N N 29  
ARG HB3  H  N N 30  
ARG HG2  H  N N 31  
ARG HG3  H  N N 32  
ARG HD2  H  N N 33  
ARG HD3  H  N N 34  
ARG HE   H  N N 35  
ARG HH11 H  N N 36  
ARG HH12 H  N N 37  
ARG HH21 H  N N 38  
ARG HH22 H  N N 39  
ARG HXT  H  N N 40  
ASN N    N  N N 41  
ASN CA   C  N S 42  
ASN C    C  N N 43  
ASN O    O  N N 44  
ASN CB   C  N N 45  
ASN CG   C  N N 46  
ASN OD1  O  N N 47  
ASN ND2  N  N N 48  
ASN OXT  O  N N 49  
ASN H    H  N N 50  
ASN H2   H  N N 51  
ASN HA   H  N N 52  
ASN HB2  H  N N 53  
ASN HB3  H  N N 54  
ASN HD21 H  N N 55  
ASN HD22 H  N N 56  
ASN HXT  H  N N 57  
ASP N    N  N N 58  
ASP CA   C  N S 59  
ASP C    C  N N 60  
ASP O    O  N N 61  
ASP CB   C  N N 62  
ASP CG   C  N N 63  
ASP OD1  O  N N 64  
ASP OD2  O  N N 65  
ASP OXT  O  N N 66  
ASP H    H  N N 67  
ASP H2   H  N N 68  
ASP HA   H  N N 69  
ASP HB2  H  N N 70  
ASP HB3  H  N N 71  
ASP HD2  H  N N 72  
ASP HXT  H  N N 73  
CYS N    N  N N 74  
CYS CA   C  N R 75  
CYS C    C  N N 76  
CYS O    O  N N 77  
CYS CB   C  N N 78  
CYS SG   S  N N 79  
CYS OXT  O  N N 80  
CYS H    H  N N 81  
CYS H2   H  N N 82  
CYS HA   H  N N 83  
CYS HB2  H  N N 84  
CYS HB3  H  N N 85  
CYS HG   H  N N 86  
CYS HXT  H  N N 87  
F3S FE1  FE N N 88  
F3S FE3  FE N N 89  
F3S FE4  FE N N 90  
F3S S1   S  N N 91  
F3S S2   S  N N 92  
F3S S3   S  N N 93  
F3S S4   S  N N 94  
GLN N    N  N N 95  
GLN CA   C  N S 96  
GLN C    C  N N 97  
GLN O    O  N N 98  
GLN CB   C  N N 99  
GLN CG   C  N N 100 
GLN CD   C  N N 101 
GLN OE1  O  N N 102 
GLN NE2  N  N N 103 
GLN OXT  O  N N 104 
GLN H    H  N N 105 
GLN H2   H  N N 106 
GLN HA   H  N N 107 
GLN HB2  H  N N 108 
GLN HB3  H  N N 109 
GLN HG2  H  N N 110 
GLN HG3  H  N N 111 
GLN HE21 H  N N 112 
GLN HE22 H  N N 113 
GLN HXT  H  N N 114 
GLU N    N  N N 115 
GLU CA   C  N S 116 
GLU C    C  N N 117 
GLU O    O  N N 118 
GLU CB   C  N N 119 
GLU CG   C  N N 120 
GLU CD   C  N N 121 
GLU OE1  O  N N 122 
GLU OE2  O  N N 123 
GLU OXT  O  N N 124 
GLU H    H  N N 125 
GLU H2   H  N N 126 
GLU HA   H  N N 127 
GLU HB2  H  N N 128 
GLU HB3  H  N N 129 
GLU HG2  H  N N 130 
GLU HG3  H  N N 131 
GLU HE2  H  N N 132 
GLU HXT  H  N N 133 
GLY N    N  N N 134 
GLY CA   C  N N 135 
GLY C    C  N N 136 
GLY O    O  N N 137 
GLY OXT  O  N N 138 
GLY H    H  N N 139 
GLY H2   H  N N 140 
GLY HA2  H  N N 141 
GLY HA3  H  N N 142 
GLY HXT  H  N N 143 
HIS N    N  N N 144 
HIS CA   C  N S 145 
HIS C    C  N N 146 
HIS O    O  N N 147 
HIS CB   C  N N 148 
HIS CG   C  Y N 149 
HIS ND1  N  Y N 150 
HIS CD2  C  Y N 151 
HIS CE1  C  Y N 152 
HIS NE2  N  Y N 153 
HIS OXT  O  N N 154 
HIS H    H  N N 155 
HIS H2   H  N N 156 
HIS HA   H  N N 157 
HIS HB2  H  N N 158 
HIS HB3  H  N N 159 
HIS HD1  H  N N 160 
HIS HD2  H  N N 161 
HIS HE1  H  N N 162 
HIS HE2  H  N N 163 
HIS HXT  H  N N 164 
ILE N    N  N N 165 
ILE CA   C  N S 166 
ILE C    C  N N 167 
ILE O    O  N N 168 
ILE CB   C  N S 169 
ILE CG1  C  N N 170 
ILE CG2  C  N N 171 
ILE CD1  C  N N 172 
ILE OXT  O  N N 173 
ILE H    H  N N 174 
ILE H2   H  N N 175 
ILE HA   H  N N 176 
ILE HB   H  N N 177 
ILE HG12 H  N N 178 
ILE HG13 H  N N 179 
ILE HG21 H  N N 180 
ILE HG22 H  N N 181 
ILE HG23 H  N N 182 
ILE HD11 H  N N 183 
ILE HD12 H  N N 184 
ILE HD13 H  N N 185 
ILE HXT  H  N N 186 
LYS N    N  N N 187 
LYS CA   C  N S 188 
LYS C    C  N N 189 
LYS O    O  N N 190 
LYS CB   C  N N 191 
LYS CG   C  N N 192 
LYS CD   C  N N 193 
LYS CE   C  N N 194 
LYS NZ   N  N N 195 
LYS OXT  O  N N 196 
LYS H    H  N N 197 
LYS H2   H  N N 198 
LYS HA   H  N N 199 
LYS HB2  H  N N 200 
LYS HB3  H  N N 201 
LYS HG2  H  N N 202 
LYS HG3  H  N N 203 
LYS HD2  H  N N 204 
LYS HD3  H  N N 205 
LYS HE2  H  N N 206 
LYS HE3  H  N N 207 
LYS HZ1  H  N N 208 
LYS HZ2  H  N N 209 
LYS HZ3  H  N N 210 
LYS HXT  H  N N 211 
PHE N    N  N N 212 
PHE CA   C  N S 213 
PHE C    C  N N 214 
PHE O    O  N N 215 
PHE CB   C  N N 216 
PHE CG   C  Y N 217 
PHE CD1  C  Y N 218 
PHE CD2  C  Y N 219 
PHE CE1  C  Y N 220 
PHE CE2  C  Y N 221 
PHE CZ   C  Y N 222 
PHE OXT  O  N N 223 
PHE H    H  N N 224 
PHE H2   H  N N 225 
PHE HA   H  N N 226 
PHE HB2  H  N N 227 
PHE HB3  H  N N 228 
PHE HD1  H  N N 229 
PHE HD2  H  N N 230 
PHE HE1  H  N N 231 
PHE HE2  H  N N 232 
PHE HZ   H  N N 233 
PHE HXT  H  N N 234 
PRO N    N  N N 235 
PRO CA   C  N S 236 
PRO C    C  N N 237 
PRO O    O  N N 238 
PRO CB   C  N N 239 
PRO CG   C  N N 240 
PRO CD   C  N N 241 
PRO OXT  O  N N 242 
PRO H    H  N N 243 
PRO HA   H  N N 244 
PRO HB2  H  N N 245 
PRO HB3  H  N N 246 
PRO HG2  H  N N 247 
PRO HG3  H  N N 248 
PRO HD2  H  N N 249 
PRO HD3  H  N N 250 
PRO HXT  H  N N 251 
SER N    N  N N 252 
SER CA   C  N S 253 
SER C    C  N N 254 
SER O    O  N N 255 
SER CB   C  N N 256 
SER OG   O  N N 257 
SER OXT  O  N N 258 
SER H    H  N N 259 
SER H2   H  N N 260 
SER HA   H  N N 261 
SER HB2  H  N N 262 
SER HB3  H  N N 263 
SER HG   H  N N 264 
SER HXT  H  N N 265 
SF4 FE1  FE N N 266 
SF4 FE2  FE N N 267 
SF4 FE3  FE N N 268 
SF4 FE4  FE N N 269 
SF4 S1   S  N N 270 
SF4 S2   S  N N 271 
SF4 S3   S  N N 272 
SF4 S4   S  N N 273 
THR N    N  N N 274 
THR CA   C  N S 275 
THR C    C  N N 276 
THR O    O  N N 277 
THR CB   C  N R 278 
THR OG1  O  N N 279 
THR CG2  C  N N 280 
THR OXT  O  N N 281 
THR H    H  N N 282 
THR H2   H  N N 283 
THR HA   H  N N 284 
THR HB   H  N N 285 
THR HG1  H  N N 286 
THR HG21 H  N N 287 
THR HG22 H  N N 288 
THR HG23 H  N N 289 
THR HXT  H  N N 290 
TRP N    N  N N 291 
TRP CA   C  N S 292 
TRP C    C  N N 293 
TRP O    O  N N 294 
TRP CB   C  N N 295 
TRP CG   C  Y N 296 
TRP CD1  C  Y N 297 
TRP CD2  C  Y N 298 
TRP NE1  N  Y N 299 
TRP CE2  C  Y N 300 
TRP CE3  C  Y N 301 
TRP CZ2  C  Y N 302 
TRP CZ3  C  Y N 303 
TRP CH2  C  Y N 304 
TRP OXT  O  N N 305 
TRP H    H  N N 306 
TRP H2   H  N N 307 
TRP HA   H  N N 308 
TRP HB2  H  N N 309 
TRP HB3  H  N N 310 
TRP HD1  H  N N 311 
TRP HE1  H  N N 312 
TRP HE3  H  N N 313 
TRP HZ2  H  N N 314 
TRP HZ3  H  N N 315 
TRP HH2  H  N N 316 
TRP HXT  H  N N 317 
TYR N    N  N N 318 
TYR CA   C  N S 319 
TYR C    C  N N 320 
TYR O    O  N N 321 
TYR CB   C  N N 322 
TYR CG   C  Y N 323 
TYR CD1  C  Y N 324 
TYR CD2  C  Y N 325 
TYR CE1  C  Y N 326 
TYR CE2  C  Y N 327 
TYR CZ   C  Y N 328 
TYR OH   O  N N 329 
TYR OXT  O  N N 330 
TYR H    H  N N 331 
TYR H2   H  N N 332 
TYR HA   H  N N 333 
TYR HB2  H  N N 334 
TYR HB3  H  N N 335 
TYR HD1  H  N N 336 
TYR HD2  H  N N 337 
TYR HE1  H  N N 338 
TYR HE2  H  N N 339 
TYR HH   H  N N 340 
TYR HXT  H  N N 341 
VAL N    N  N N 342 
VAL CA   C  N S 343 
VAL C    C  N N 344 
VAL O    O  N N 345 
VAL CB   C  N N 346 
VAL CG1  C  N N 347 
VAL CG2  C  N N 348 
VAL OXT  O  N N 349 
VAL H    H  N N 350 
VAL H2   H  N N 351 
VAL HA   H  N N 352 
VAL HB   H  N N 353 
VAL HG11 H  N N 354 
VAL HG12 H  N N 355 
VAL HG13 H  N N 356 
VAL HG21 H  N N 357 
VAL HG22 H  N N 358 
VAL HG23 H  N N 359 
VAL HXT  H  N N 360 
# 
loop_
_chem_comp_bond.comp_id 
_chem_comp_bond.atom_id_1 
_chem_comp_bond.atom_id_2 
_chem_comp_bond.value_order 
_chem_comp_bond.pdbx_aromatic_flag 
_chem_comp_bond.pdbx_stereo_config 
_chem_comp_bond.pdbx_ordinal 
ALA N   CA   sing N N 1   
ALA N   H    sing N N 2   
ALA N   H2   sing N N 3   
ALA CA  C    sing N N 4   
ALA CA  CB   sing N N 5   
ALA CA  HA   sing N N 6   
ALA C   O    doub N N 7   
ALA C   OXT  sing N N 8   
ALA CB  HB1  sing N N 9   
ALA CB  HB2  sing N N 10  
ALA CB  HB3  sing N N 11  
ALA OXT HXT  sing N N 12  
ARG N   CA   sing N N 13  
ARG N   H    sing N N 14  
ARG N   H2   sing N N 15  
ARG CA  C    sing N N 16  
ARG CA  CB   sing N N 17  
ARG CA  HA   sing N N 18  
ARG C   O    doub N N 19  
ARG C   OXT  sing N N 20  
ARG CB  CG   sing N N 21  
ARG CB  HB2  sing N N 22  
ARG CB  HB3  sing N N 23  
ARG CG  CD   sing N N 24  
ARG CG  HG2  sing N N 25  
ARG CG  HG3  sing N N 26  
ARG CD  NE   sing N N 27  
ARG CD  HD2  sing N N 28  
ARG CD  HD3  sing N N 29  
ARG NE  CZ   sing N N 30  
ARG NE  HE   sing N N 31  
ARG CZ  NH1  sing N N 32  
ARG CZ  NH2  doub N N 33  
ARG NH1 HH11 sing N N 34  
ARG NH1 HH12 sing N N 35  
ARG NH2 HH21 sing N N 36  
ARG NH2 HH22 sing N N 37  
ARG OXT HXT  sing N N 38  
ASN N   CA   sing N N 39  
ASN N   H    sing N N 40  
ASN N   H2   sing N N 41  
ASN CA  C    sing N N 42  
ASN CA  CB   sing N N 43  
ASN CA  HA   sing N N 44  
ASN C   O    doub N N 45  
ASN C   OXT  sing N N 46  
ASN CB  CG   sing N N 47  
ASN CB  HB2  sing N N 48  
ASN CB  HB3  sing N N 49  
ASN CG  OD1  doub N N 50  
ASN CG  ND2  sing N N 51  
ASN ND2 HD21 sing N N 52  
ASN ND2 HD22 sing N N 53  
ASN OXT HXT  sing N N 54  
ASP N   CA   sing N N 55  
ASP N   H    sing N N 56  
ASP N   H2   sing N N 57  
ASP CA  C    sing N N 58  
ASP CA  CB   sing N N 59  
ASP CA  HA   sing N N 60  
ASP C   O    doub N N 61  
ASP C   OXT  sing N N 62  
ASP CB  CG   sing N N 63  
ASP CB  HB2  sing N N 64  
ASP CB  HB3  sing N N 65  
ASP CG  OD1  doub N N 66  
ASP CG  OD2  sing N N 67  
ASP OD2 HD2  sing N N 68  
ASP OXT HXT  sing N N 69  
CYS N   CA   sing N N 70  
CYS N   H    sing N N 71  
CYS N   H2   sing N N 72  
CYS CA  C    sing N N 73  
CYS CA  CB   sing N N 74  
CYS CA  HA   sing N N 75  
CYS C   O    doub N N 76  
CYS C   OXT  sing N N 77  
CYS CB  SG   sing N N 78  
CYS CB  HB2  sing N N 79  
CYS CB  HB3  sing N N 80  
CYS SG  HG   sing N N 81  
CYS OXT HXT  sing N N 82  
F3S FE1 S1   sing N N 83  
F3S FE1 S2   sing N N 84  
F3S FE1 S3   sing N N 85  
F3S FE3 S1   sing N N 86  
F3S FE3 S3   sing N N 87  
F3S FE3 S4   sing N N 88  
F3S FE4 S2   sing N N 89  
F3S FE4 S3   sing N N 90  
F3S FE4 S4   sing N N 91  
GLN N   CA   sing N N 92  
GLN N   H    sing N N 93  
GLN N   H2   sing N N 94  
GLN CA  C    sing N N 95  
GLN CA  CB   sing N N 96  
GLN CA  HA   sing N N 97  
GLN C   O    doub N N 98  
GLN C   OXT  sing N N 99  
GLN CB  CG   sing N N 100 
GLN CB  HB2  sing N N 101 
GLN CB  HB3  sing N N 102 
GLN CG  CD   sing N N 103 
GLN CG  HG2  sing N N 104 
GLN CG  HG3  sing N N 105 
GLN CD  OE1  doub N N 106 
GLN CD  NE2  sing N N 107 
GLN NE2 HE21 sing N N 108 
GLN NE2 HE22 sing N N 109 
GLN OXT HXT  sing N N 110 
GLU N   CA   sing N N 111 
GLU N   H    sing N N 112 
GLU N   H2   sing N N 113 
GLU CA  C    sing N N 114 
GLU CA  CB   sing N N 115 
GLU CA  HA   sing N N 116 
GLU C   O    doub N N 117 
GLU C   OXT  sing N N 118 
GLU CB  CG   sing N N 119 
GLU CB  HB2  sing N N 120 
GLU CB  HB3  sing N N 121 
GLU CG  CD   sing N N 122 
GLU CG  HG2  sing N N 123 
GLU CG  HG3  sing N N 124 
GLU CD  OE1  doub N N 125 
GLU CD  OE2  sing N N 126 
GLU OE2 HE2  sing N N 127 
GLU OXT HXT  sing N N 128 
GLY N   CA   sing N N 129 
GLY N   H    sing N N 130 
GLY N   H2   sing N N 131 
GLY CA  C    sing N N 132 
GLY CA  HA2  sing N N 133 
GLY CA  HA3  sing N N 134 
GLY C   O    doub N N 135 
GLY C   OXT  sing N N 136 
GLY OXT HXT  sing N N 137 
HIS N   CA   sing N N 138 
HIS N   H    sing N N 139 
HIS N   H2   sing N N 140 
HIS CA  C    sing N N 141 
HIS CA  CB   sing N N 142 
HIS CA  HA   sing N N 143 
HIS C   O    doub N N 144 
HIS C   OXT  sing N N 145 
HIS CB  CG   sing N N 146 
HIS CB  HB2  sing N N 147 
HIS CB  HB3  sing N N 148 
HIS CG  ND1  sing Y N 149 
HIS CG  CD2  doub Y N 150 
HIS ND1 CE1  doub Y N 151 
HIS ND1 HD1  sing N N 152 
HIS CD2 NE2  sing Y N 153 
HIS CD2 HD2  sing N N 154 
HIS CE1 NE2  sing Y N 155 
HIS CE1 HE1  sing N N 156 
HIS NE2 HE2  sing N N 157 
HIS OXT HXT  sing N N 158 
ILE N   CA   sing N N 159 
ILE N   H    sing N N 160 
ILE N   H2   sing N N 161 
ILE CA  C    sing N N 162 
ILE CA  CB   sing N N 163 
ILE CA  HA   sing N N 164 
ILE C   O    doub N N 165 
ILE C   OXT  sing N N 166 
ILE CB  CG1  sing N N 167 
ILE CB  CG2  sing N N 168 
ILE CB  HB   sing N N 169 
ILE CG1 CD1  sing N N 170 
ILE CG1 HG12 sing N N 171 
ILE CG1 HG13 sing N N 172 
ILE CG2 HG21 sing N N 173 
ILE CG2 HG22 sing N N 174 
ILE CG2 HG23 sing N N 175 
ILE CD1 HD11 sing N N 176 
ILE CD1 HD12 sing N N 177 
ILE CD1 HD13 sing N N 178 
ILE OXT HXT  sing N N 179 
LYS N   CA   sing N N 180 
LYS N   H    sing N N 181 
LYS N   H2   sing N N 182 
LYS CA  C    sing N N 183 
LYS CA  CB   sing N N 184 
LYS CA  HA   sing N N 185 
LYS C   O    doub N N 186 
LYS C   OXT  sing N N 187 
LYS CB  CG   sing N N 188 
LYS CB  HB2  sing N N 189 
LYS CB  HB3  sing N N 190 
LYS CG  CD   sing N N 191 
LYS CG  HG2  sing N N 192 
LYS CG  HG3  sing N N 193 
LYS CD  CE   sing N N 194 
LYS CD  HD2  sing N N 195 
LYS CD  HD3  sing N N 196 
LYS CE  NZ   sing N N 197 
LYS CE  HE2  sing N N 198 
LYS CE  HE3  sing N N 199 
LYS NZ  HZ1  sing N N 200 
LYS NZ  HZ2  sing N N 201 
LYS NZ  HZ3  sing N N 202 
LYS OXT HXT  sing N N 203 
PHE N   CA   sing N N 204 
PHE N   H    sing N N 205 
PHE N   H2   sing N N 206 
PHE CA  C    sing N N 207 
PHE CA  CB   sing N N 208 
PHE CA  HA   sing N N 209 
PHE C   O    doub N N 210 
PHE C   OXT  sing N N 211 
PHE CB  CG   sing N N 212 
PHE CB  HB2  sing N N 213 
PHE CB  HB3  sing N N 214 
PHE CG  CD1  doub Y N 215 
PHE CG  CD2  sing Y N 216 
PHE CD1 CE1  sing Y N 217 
PHE CD1 HD1  sing N N 218 
PHE CD2 CE2  doub Y N 219 
PHE CD2 HD2  sing N N 220 
PHE CE1 CZ   doub Y N 221 
PHE CE1 HE1  sing N N 222 
PHE CE2 CZ   sing Y N 223 
PHE CE2 HE2  sing N N 224 
PHE CZ  HZ   sing N N 225 
PHE OXT HXT  sing N N 226 
PRO N   CA   sing N N 227 
PRO N   CD   sing N N 228 
PRO N   H    sing N N 229 
PRO CA  C    sing N N 230 
PRO CA  CB   sing N N 231 
PRO CA  HA   sing N N 232 
PRO C   O    doub N N 233 
PRO C   OXT  sing N N 234 
PRO CB  CG   sing N N 235 
PRO CB  HB2  sing N N 236 
PRO CB  HB3  sing N N 237 
PRO CG  CD   sing N N 238 
PRO CG  HG2  sing N N 239 
PRO CG  HG3  sing N N 240 
PRO CD  HD2  sing N N 241 
PRO CD  HD3  sing N N 242 
PRO OXT HXT  sing N N 243 
SER N   CA   sing N N 244 
SER N   H    sing N N 245 
SER N   H2   sing N N 246 
SER CA  C    sing N N 247 
SER CA  CB   sing N N 248 
SER CA  HA   sing N N 249 
SER C   O    doub N N 250 
SER C   OXT  sing N N 251 
SER CB  OG   sing N N 252 
SER CB  HB2  sing N N 253 
SER CB  HB3  sing N N 254 
SER OG  HG   sing N N 255 
SER OXT HXT  sing N N 256 
SF4 FE1 S2   sing N N 257 
SF4 FE1 S3   sing N N 258 
SF4 FE1 S4   sing N N 259 
SF4 FE2 S1   sing N N 260 
SF4 FE2 S3   sing N N 261 
SF4 FE2 S4   sing N N 262 
SF4 FE3 S1   sing N N 263 
SF4 FE3 S2   sing N N 264 
SF4 FE3 S4   sing N N 265 
SF4 FE4 S1   sing N N 266 
SF4 FE4 S2   sing N N 267 
SF4 FE4 S3   sing N N 268 
THR N   CA   sing N N 269 
THR N   H    sing N N 270 
THR N   H2   sing N N 271 
THR CA  C    sing N N 272 
THR CA  CB   sing N N 273 
THR CA  HA   sing N N 274 
THR C   O    doub N N 275 
THR C   OXT  sing N N 276 
THR CB  OG1  sing N N 277 
THR CB  CG2  sing N N 278 
THR CB  HB   sing N N 279 
THR OG1 HG1  sing N N 280 
THR CG2 HG21 sing N N 281 
THR CG2 HG22 sing N N 282 
THR CG2 HG23 sing N N 283 
THR OXT HXT  sing N N 284 
TRP N   CA   sing N N 285 
TRP N   H    sing N N 286 
TRP N   H2   sing N N 287 
TRP CA  C    sing N N 288 
TRP CA  CB   sing N N 289 
TRP CA  HA   sing N N 290 
TRP C   O    doub N N 291 
TRP C   OXT  sing N N 292 
TRP CB  CG   sing N N 293 
TRP CB  HB2  sing N N 294 
TRP CB  HB3  sing N N 295 
TRP CG  CD1  doub Y N 296 
TRP CG  CD2  sing Y N 297 
TRP CD1 NE1  sing Y N 298 
TRP CD1 HD1  sing N N 299 
TRP CD2 CE2  doub Y N 300 
TRP CD2 CE3  sing Y N 301 
TRP NE1 CE2  sing Y N 302 
TRP NE1 HE1  sing N N 303 
TRP CE2 CZ2  sing Y N 304 
TRP CE3 CZ3  doub Y N 305 
TRP CE3 HE3  sing N N 306 
TRP CZ2 CH2  doub Y N 307 
TRP CZ2 HZ2  sing N N 308 
TRP CZ3 CH2  sing Y N 309 
TRP CZ3 HZ3  sing N N 310 
TRP CH2 HH2  sing N N 311 
TRP OXT HXT  sing N N 312 
TYR N   CA   sing N N 313 
TYR N   H    sing N N 314 
TYR N   H2   sing N N 315 
TYR CA  C    sing N N 316 
TYR CA  CB   sing N N 317 
TYR CA  HA   sing N N 318 
TYR C   O    doub N N 319 
TYR C   OXT  sing N N 320 
TYR CB  CG   sing N N 321 
TYR CB  HB2  sing N N 322 
TYR CB  HB3  sing N N 323 
TYR CG  CD1  doub Y N 324 
TYR CG  CD2  sing Y N 325 
TYR CD1 CE1  sing Y N 326 
TYR CD1 HD1  sing N N 327 
TYR CD2 CE2  doub Y N 328 
TYR CD2 HD2  sing N N 329 
TYR CE1 CZ   doub Y N 330 
TYR CE1 HE1  sing N N 331 
TYR CE2 CZ   sing Y N 332 
TYR CE2 HE2  sing N N 333 
TYR CZ  OH   sing N N 334 
TYR OH  HH   sing N N 335 
TYR OXT HXT  sing N N 336 
VAL N   CA   sing N N 337 
VAL N   H    sing N N 338 
VAL N   H2   sing N N 339 
VAL CA  C    sing N N 340 
VAL CA  CB   sing N N 341 
VAL CA  HA   sing N N 342 
VAL C   O    doub N N 343 
VAL C   OXT  sing N N 344 
VAL CB  CG1  sing N N 345 
VAL CB  CG2  sing N N 346 
VAL CB  HB   sing N N 347 
VAL CG1 HG11 sing N N 348 
VAL CG1 HG12 sing N N 349 
VAL CG1 HG13 sing N N 350 
VAL CG2 HG21 sing N N 351 
VAL CG2 HG22 sing N N 352 
VAL CG2 HG23 sing N N 353 
VAL OXT HXT  sing N N 354 
# 
loop_
_pdbx_nmr_spectrometer.spectrometer_id 
_pdbx_nmr_spectrometer.model 
_pdbx_nmr_spectrometer.manufacturer 
_pdbx_nmr_spectrometer.field_strength 
1 AMX600    Bruker 500 
2 'DRX 500' Bruker 600 
# 
_atom_sites.entry_id                    1BD6 
_atom_sites.fract_transf_matrix[1][1]   1.000000 
_atom_sites.fract_transf_matrix[1][2]   0.000000 
_atom_sites.fract_transf_matrix[1][3]   0.000000 
_atom_sites.fract_transf_matrix[2][1]   0.000000 
_atom_sites.fract_transf_matrix[2][2]   1.000000 
_atom_sites.fract_transf_matrix[2][3]   0.000000 
_atom_sites.fract_transf_matrix[3][1]   0.000000 
_atom_sites.fract_transf_matrix[3][2]   0.000000 
_atom_sites.fract_transf_matrix[3][3]   1.000000 
_atom_sites.fract_transf_vector[1]      0.00000 
_atom_sites.fract_transf_vector[2]      0.00000 
_atom_sites.fract_transf_vector[3]      0.00000 
# 
loop_
_atom_type.symbol 
C  
FE 
H  
N  
O  
S  
# 
loop_
_atom_site.group_PDB 
_atom_site.id 
_atom_site.type_symbol 
_atom_site.label_atom_id 
_atom_site.label_alt_id 
_atom_site.label_comp_id 
_atom_site.label_asym_id 
_atom_site.label_entity_id 
_atom_site.label_seq_id 
_atom_site.pdbx_PDB_ins_code 
_atom_site.Cartn_x 
_atom_site.Cartn_y 
_atom_site.Cartn_z 
_atom_site.occupancy 
_atom_site.B_iso_or_equiv 
_atom_site.pdbx_formal_charge 
_atom_site.auth_seq_id 
_atom_site.auth_comp_id 
_atom_site.auth_asym_id 
_atom_site.auth_atom_id 
_atom_site.pdbx_PDB_model_num 
ATOM   1    N  N    . ALA A 1 1  ? -0.418  5.526   -8.317  1.00 0.00 ? 1  ALA A N    1 
ATOM   2    C  CA   . ALA A 1 1  ? -0.871  4.450   -7.423  1.00 0.00 ? 1  ALA A CA   1 
ATOM   3    C  C    . ALA A 1 1  ? -0.343  4.642   -5.996  1.00 0.00 ? 1  ALA A C    1 
ATOM   4    O  O    . ALA A 1 1  ? 0.809   5.045   -5.811  1.00 0.00 ? 1  ALA A O    1 
ATOM   5    C  CB   . ALA A 1 1  ? -2.371  4.208   -7.477  1.00 0.00 ? 1  ALA A CB   1 
ATOM   6    H  H1   . ALA A 1 1  ? 0.597   5.476   -8.410  1.00 0.00 ? 1  ALA A H1   1 
ATOM   7    H  H2   . ALA A 1 1  ? -0.702  6.437   -7.957  1.00 0.00 ? 1  ALA A H2   1 
ATOM   8    H  HA   . ALA A 1 1  ? -0.504  3.526   -7.836  1.00 0.00 ? 1  ALA A HA   1 
ATOM   9    H  HB1  . ALA A 1 1  ? -2.714  4.189   -8.510  1.00 0.00 ? 1  ALA A HB1  1 
ATOM   10   H  HB2  . ALA A 1 1  ? -2.514  3.218   -7.037  1.00 0.00 ? 1  ALA A HB2  1 
ATOM   11   H  HB3  . ALA A 1 1  ? -2.916  4.956   -6.910  1.00 0.00 ? 1  ALA A HB3  1 
ATOM   12   N  N    . TYR A 1 2  ? -1.178  4.366   -4.986  1.00 0.00 ? 2  TYR A N    1 
ATOM   13   C  CA   . TYR A 1 2  ? -0.845  4.478   -3.576  1.00 0.00 ? 2  TYR A CA   1 
ATOM   14   C  C    . TYR A 1 2  ? -0.389  3.126   -3.060  1.00 0.00 ? 2  TYR A C    1 
ATOM   15   O  O    . TYR A 1 2  ? -1.019  2.110   -3.344  1.00 0.00 ? 2  TYR A O    1 
ATOM   16   C  CB   . TYR A 1 2  ? -2.048  4.994   -2.790  1.00 0.00 ? 2  TYR A CB   1 
ATOM   17   C  CG   . TYR A 1 2  ? -2.084  6.502   -2.733  1.00 0.00 ? 2  TYR A CG   1 
ATOM   18   C  CD1  . TYR A 1 2  ? -2.615  7.227   -3.812  1.00 0.00 ? 2  TYR A CD1  1 
ATOM   19   C  CD2  . TYR A 1 2  ? -1.427  7.179   -1.689  1.00 0.00 ? 2  TYR A CD2  1 
ATOM   20   C  CE1  . TYR A 1 2  ? -2.537  8.629   -3.829  1.00 0.00 ? 2  TYR A CE1  1 
ATOM   21   C  CE2  . TYR A 1 2  ? -1.358  8.580   -1.701  1.00 0.00 ? 2  TYR A CE2  1 
ATOM   22   C  CZ   . TYR A 1 2  ? -1.949  9.305   -2.750  1.00 0.00 ? 2  TYR A CZ   1 
ATOM   23   O  OH   . TYR A 1 2  ? -1.967  10.665  -2.711  1.00 0.00 ? 2  TYR A OH   1 
ATOM   24   H  H    . TYR A 1 2  ? -2.084  3.966   -5.191  1.00 0.00 ? 2  TYR A H    1 
ATOM   25   H  HA   . TYR A 1 2  ? -0.030  5.184   -3.442  1.00 0.00 ? 2  TYR A HA   1 
ATOM   26   H  HB2  . TYR A 1 2  ? -2.965  4.613   -3.235  1.00 0.00 ? 2  TYR A HB2  1 
ATOM   27   H  HB3  . TYR A 1 2  ? -2.001  4.619   -1.770  1.00 0.00 ? 2  TYR A HB3  1 
ATOM   28   H  HD1  . TYR A 1 2  ? -3.061  6.697   -4.634  1.00 0.00 ? 2  TYR A HD1  1 
ATOM   29   H  HD2  . TYR A 1 2  ? -0.976  6.629   -0.878  1.00 0.00 ? 2  TYR A HD2  1 
ATOM   30   H  HE1  . TYR A 1 2  ? -2.983  9.185   -4.641  1.00 0.00 ? 2  TYR A HE1  1 
ATOM   31   H  HE2  . TYR A 1 2  ? -0.901  9.102   -0.873  1.00 0.00 ? 2  TYR A HE2  1 
ATOM   32   H  HH   . TYR A 1 2  ? -2.254  10.924  -1.816  1.00 0.00 ? 2  TYR A HH   1 
ATOM   33   N  N    . VAL A 1 3  ? 0.741   3.117   -2.353  1.00 0.00 ? 3  VAL A N    1 
ATOM   34   C  CA   . VAL A 1 3  ? 1.465   1.895   -2.054  1.00 0.00 ? 3  VAL A CA   1 
ATOM   35   C  C    . VAL A 1 3  ? 1.955   1.894   -0.616  1.00 0.00 ? 3  VAL A C    1 
ATOM   36   O  O    . VAL A 1 3  ? 2.131   2.932   0.019   1.00 0.00 ? 3  VAL A O    1 
ATOM   37   C  CB   . VAL A 1 3  ? 2.627   1.722   -3.042  1.00 0.00 ? 3  VAL A CB   1 
ATOM   38   C  CG1  . VAL A 1 3  ? 2.942   0.232   -3.214  1.00 0.00 ? 3  VAL A CG1  1 
ATOM   39   C  CG2  . VAL A 1 3  ? 2.337   2.317   -4.425  1.00 0.00 ? 3  VAL A CG2  1 
ATOM   40   H  H    . VAL A 1 3  ? 1.216   3.997   -2.157  1.00 0.00 ? 3  VAL A H    1 
ATOM   41   H  HA   . VAL A 1 3  ? 0.812   1.024   -2.133  1.00 0.00 ? 3  VAL A HA   1 
ATOM   42   H  HB   . VAL A 1 3  ? 3.492   2.243   -2.635  1.00 0.00 ? 3  VAL A HB   1 
ATOM   43   H  HG11 . VAL A 1 3  ? 2.032   -0.329  -3.425  1.00 0.00 ? 3  VAL A HG11 1 
ATOM   44   H  HG12 . VAL A 1 3  ? 3.619   0.104   -4.052  1.00 0.00 ? 3  VAL A HG12 1 
ATOM   45   H  HG13 . VAL A 1 3  ? 3.407   -0.160  -2.312  1.00 0.00 ? 3  VAL A HG13 1 
ATOM   46   H  HG21 . VAL A 1 3  ? 1.378   1.953   -4.778  1.00 0.00 ? 3  VAL A HG21 1 
ATOM   47   H  HG22 . VAL A 1 3  ? 2.325   3.406   -4.367  1.00 0.00 ? 3  VAL A HG22 1 
ATOM   48   H  HG23 . VAL A 1 3  ? 3.104   2.026   -5.141  1.00 0.00 ? 3  VAL A HG23 1 
ATOM   49   N  N    . ILE A 1 4  ? 2.160   0.689   -0.102  1.00 0.00 ? 4  ILE A N    1 
ATOM   50   C  CA   . ILE A 1 4  ? 2.631   0.463   1.244   1.00 0.00 ? 4  ILE A CA   1 
ATOM   51   C  C    . ILE A 1 4  ? 4.032   1.055   1.428   1.00 0.00 ? 4  ILE A C    1 
ATOM   52   O  O    . ILE A 1 4  ? 4.771   1.208   0.455   1.00 0.00 ? 4  ILE A O    1 
ATOM   53   C  CB   . ILE A 1 4  ? 2.614   -1.069  1.467   1.00 0.00 ? 4  ILE A CB   1 
ATOM   54   C  CG1  . ILE A 1 4  ? 2.151   -1.428  2.879   1.00 0.00 ? 4  ILE A CG1  1 
ATOM   55   C  CG2  . ILE A 1 4  ? 3.970   -1.711  1.195   1.00 0.00 ? 4  ILE A CG2  1 
ATOM   56   C  CD1  . ILE A 1 4  ? 0.655   -1.164  3.058   1.00 0.00 ? 4  ILE A CD1  1 
ATOM   57   H  H    . ILE A 1 4  ? 2.003   -0.118  -0.687  1.00 0.00 ? 4  ILE A H    1 
ATOM   58   H  HA   . ILE A 1 4  ? 1.950   1.007   1.906   1.00 0.00 ? 4  ILE A HA   1 
ATOM   59   H  HB   . ILE A 1 4  ? 1.972   -1.562  0.727   1.00 0.00 ? 4  ILE A HB   1 
ATOM   60   H  HG12 . ILE A 1 4  ? 2.338   -2.484  3.059   1.00 0.00 ? 4  ILE A HG12 1 
ATOM   61   H  HG13 . ILE A 1 4  ? 2.716   -0.848  3.608   1.00 0.00 ? 4  ILE A HG13 1 
ATOM   62   H  HG21 . ILE A 1 4  ? 4.305   -1.351  0.221   1.00 0.00 ? 4  ILE A HG21 1 
ATOM   63   H  HG22 . ILE A 1 4  ? 4.698   -1.454  1.963   1.00 0.00 ? 4  ILE A HG22 1 
ATOM   64   H  HG23 . ILE A 1 4  ? 3.840   -2.794  1.178   1.00 0.00 ? 4  ILE A HG23 1 
ATOM   65   H  HD11 . ILE A 1 4  ? 0.216   -0.711  2.169   1.00 0.00 ? 4  ILE A HD11 1 
ATOM   66   H  HD12 . ILE A 1 4  ? 0.135   -2.098  3.274   1.00 0.00 ? 4  ILE A HD12 1 
ATOM   67   H  HD13 . ILE A 1 4  ? 0.535   -0.488  3.899   1.00 0.00 ? 4  ILE A HD13 1 
ATOM   68   N  N    . THR A 1 5  ? 4.441   1.300   2.673   1.00 0.00 ? 5  THR A N    1 
ATOM   69   C  CA   . THR A 1 5  ? 5.849   1.409   3.011   1.00 0.00 ? 5  THR A CA   1 
ATOM   70   C  C    . THR A 1 5  ? 6.113   0.696   4.335   1.00 0.00 ? 5  THR A C    1 
ATOM   71   O  O    . THR A 1 5  ? 5.189   0.323   5.062   1.00 0.00 ? 5  THR A O    1 
ATOM   72   C  CB   . THR A 1 5  ? 6.301   2.876   3.102   1.00 0.00 ? 5  THR A CB   1 
ATOM   73   O  OG1  . THR A 1 5  ? 5.515   3.591   4.026   1.00 0.00 ? 5  THR A OG1  1 
ATOM   74   C  CG2  . THR A 1 5  ? 6.290   3.591   1.756   1.00 0.00 ? 5  THR A CG2  1 
ATOM   75   H  H    . THR A 1 5  ? 3.812   1.178   3.455   1.00 0.00 ? 5  THR A H    1 
ATOM   76   H  HA   . THR A 1 5  ? 6.449   0.901   2.252   1.00 0.00 ? 5  THR A HA   1 
ATOM   77   H  HB   . THR A 1 5  ? 7.330   2.899   3.456   1.00 0.00 ? 5  THR A HB   1 
ATOM   78   H  HG1  . THR A 1 5  ? 4.598   3.599   3.720   1.00 0.00 ? 5  THR A HG1  1 
ATOM   79   H  HG21 . THR A 1 5  ? 6.866   3.008   1.037   1.00 0.00 ? 5  THR A HG21 1 
ATOM   80   H  HG22 . THR A 1 5  ? 5.267   3.701   1.394   1.00 0.00 ? 5  THR A HG22 1 
ATOM   81   H  HG23 . THR A 1 5  ? 6.748   4.579   1.853   1.00 0.00 ? 5  THR A HG23 1 
ATOM   82   N  N    . GLU A 1 6  ? 7.411   0.565   4.615   1.00 0.00 ? 6  GLU A N    1 
ATOM   83   C  CA   . GLU A 1 6  ? 8.033   0.183   5.868   1.00 0.00 ? 6  GLU A CA   1 
ATOM   84   C  C    . GLU A 1 6  ? 7.119   0.264   7.107   1.00 0.00 ? 6  GLU A C    1 
ATOM   85   O  O    . GLU A 1 6  ? 6.831   -0.784  7.676   1.00 0.00 ? 6  GLU A O    1 
ATOM   86   C  CB   . GLU A 1 6  ? 9.346   0.955   5.969   1.00 0.00 ? 6  GLU A CB   1 
ATOM   87   C  CG   . GLU A 1 6  ? 10.252  0.582   7.144   1.00 0.00 ? 6  GLU A CG   1 
ATOM   88   C  CD   . GLU A 1 6  ? 11.204  -0.563  6.807   1.00 0.00 ? 6  GLU A CD   1 
ATOM   89   O  OE1  . GLU A 1 6  ? 10.860  -1.361  5.907   1.00 0.00 ? 6  GLU A OE1  1 
ATOM   90   O  OE2  . GLU A 1 6  ? 12.274  -0.612  7.447   1.00 0.00 ? 6  GLU A OE2  1 
ATOM   91   H  H    . GLU A 1 6  ? 8.057   0.839   3.892   1.00 0.00 ? 6  GLU A H    1 
ATOM   92   H  HA   . GLU A 1 6  ? 8.345   -0.840  5.754   1.00 0.00 ? 6  GLU A HA   1 
ATOM   93   H  HB2  . GLU A 1 6  ? 9.914   0.808   5.053   1.00 0.00 ? 6  GLU A HB2  1 
ATOM   94   H  HB3  . GLU A 1 6  ? 9.106   1.997   6.021   1.00 0.00 ? 6  GLU A HB3  1 
ATOM   95   H  HG2  . GLU A 1 6  ? 10.847  1.469   7.376   1.00 0.00 ? 6  GLU A HG2  1 
ATOM   96   H  HG3  . GLU A 1 6  ? 9.673   0.318   8.027   1.00 0.00 ? 6  GLU A HG3  1 
ATOM   97   N  N    . PRO A 1 7  ? 6.650   1.443   7.561   1.00 0.00 ? 7  PRO A N    1 
ATOM   98   C  CA   . PRO A 1 7  ? 5.928   1.576   8.826   1.00 0.00 ? 7  PRO A CA   1 
ATOM   99   C  C    . PRO A 1 7  ? 4.749   0.618   9.058   1.00 0.00 ? 7  PRO A C    1 
ATOM   100  O  O    . PRO A 1 7  ? 4.457   0.306   10.214  1.00 0.00 ? 7  PRO A O    1 
ATOM   101  C  CB   . PRO A 1 7  ? 5.514   3.049   8.945   1.00 0.00 ? 7  PRO A CB   1 
ATOM   102  C  CG   . PRO A 1 7  ? 5.849   3.675   7.588   1.00 0.00 ? 7  PRO A CG   1 
ATOM   103  C  CD   . PRO A 1 7  ? 6.937   2.767   7.034   1.00 0.00 ? 7  PRO A CD   1 
ATOM   104  H  HA   . PRO A 1 7  ? 6.651   1.372   9.620   1.00 0.00 ? 7  PRO A HA   1 
ATOM   105  H  HB2  . PRO A 1 7  ? 4.454   3.163   9.181   1.00 0.00 ? 7  PRO A HB2  1 
ATOM   106  H  HB3  . PRO A 1 7  ? 6.111   3.524   9.723   1.00 0.00 ? 7  PRO A HB3  1 
ATOM   107  H  HG2  . PRO A 1 7  ? 4.990   3.624   6.923   1.00 0.00 ? 7  PRO A HG2  1 
ATOM   108  H  HG3  . PRO A 1 7  ? 6.183   4.708   7.683   1.00 0.00 ? 7  PRO A HG3  1 
ATOM   109  H  HD2  . PRO A 1 7  ? 6.944   2.819   5.946   1.00 0.00 ? 7  PRO A HD2  1 
ATOM   110  H  HD3  . PRO A 1 7  ? 7.892   3.108   7.437   1.00 0.00 ? 7  PRO A HD3  1 
ATOM   111  N  N    . CYS A 1 8  ? 4.048   0.151   8.017   1.00 0.00 ? 8  CYS A N    1 
ATOM   112  C  CA   . CYS A 1 8  ? 2.963   -0.805  8.240   1.00 0.00 ? 8  CYS A CA   1 
ATOM   113  C  C    . CYS A 1 8  ? 3.511   -2.186  8.650   1.00 0.00 ? 8  CYS A C    1 
ATOM   114  O  O    . CYS A 1 8  ? 2.826   -2.939  9.341   1.00 0.00 ? 8  CYS A O    1 
ATOM   115  C  CB   . CYS A 1 8  ? 2.026   -0.855  7.058   1.00 0.00 ? 8  CYS A CB   1 
ATOM   116  S  SG   . CYS A 1 8  ? 0.686   -2.080  7.202   1.00 0.00 ? 8  CYS A SG   1 
ATOM   117  H  H    . CYS A 1 8  ? 4.323   0.371   7.066   1.00 0.00 ? 8  CYS A H    1 
ATOM   118  H  HA   . CYS A 1 8  ? 2.356   -0.444  9.072   1.00 0.00 ? 8  CYS A HA   1 
ATOM   119  H  HB2  . CYS A 1 8  ? 1.574   0.128   6.927   1.00 0.00 ? 8  CYS A HB2  1 
ATOM   120  H  HB3  . CYS A 1 8  ? 2.600   -1.068  6.159   1.00 0.00 ? 8  CYS A HB3  1 
ATOM   121  N  N    . ILE A 1 9  ? 4.747   -2.536  8.264   1.00 0.00 ? 9  ILE A N    1 
ATOM   122  C  CA   . ILE A 1 9  ? 5.366   -3.799  8.631   1.00 0.00 ? 9  ILE A CA   1 
ATOM   123  C  C    . ILE A 1 9  ? 5.288   -3.982  10.146  1.00 0.00 ? 9  ILE A C    1 
ATOM   124  O  O    . ILE A 1 9  ? 5.652   -3.092  10.913  1.00 0.00 ? 9  ILE A O    1 
ATOM   125  C  CB   . ILE A 1 9  ? 6.805   -3.892  8.111   1.00 0.00 ? 9  ILE A CB   1 
ATOM   126  C  CG1  . ILE A 1 9  ? 6.783   -3.805  6.580   1.00 0.00 ? 9  ILE A CG1  1 
ATOM   127  C  CG2  . ILE A 1 9  ? 7.457   -5.214  8.555   1.00 0.00 ? 9  ILE A CG2  1 
ATOM   128  C  CD1  . ILE A 1 9  ? 8.175   -3.730  5.982   1.00 0.00 ? 9  ILE A CD1  1 
ATOM   129  H  H    . ILE A 1 9  ? 5.355   -1.880  7.793   1.00 0.00 ? 9  ILE A H    1 
ATOM   130  H  HA   . ILE A 1 9  ? 4.831   -4.579  8.107   1.00 0.00 ? 9  ILE A HA   1 
ATOM   131  H  HB   . ILE A 1 9  ? 7.374   -3.057  8.508   1.00 0.00 ? 9  ILE A HB   1 
ATOM   132  H  HG12 . ILE A 1 9  ? 6.290   -4.683  6.180   1.00 0.00 ? 9  ILE A HG12 1 
ATOM   133  H  HG13 . ILE A 1 9  ? 6.252   -2.913  6.253   1.00 0.00 ? 9  ILE A HG13 1 
ATOM   134  H  HG21 . ILE A 1 9  ? 6.870   -6.060  8.193   1.00 0.00 ? 9  ILE A HG21 1 
ATOM   135  H  HG22 . ILE A 1 9  ? 8.472   -5.293  8.169   1.00 0.00 ? 9  ILE A HG22 1 
ATOM   136  H  HG23 . ILE A 1 9  ? 7.520   -5.267  9.642   1.00 0.00 ? 9  ILE A HG23 1 
ATOM   137  H  HD11 . ILE A 1 9  ? 8.753   -2.988  6.528   1.00 0.00 ? 9  ILE A HD11 1 
ATOM   138  H  HD12 . ILE A 1 9  ? 8.655   -4.703  6.040   1.00 0.00 ? 9  ILE A HD12 1 
ATOM   139  H  HD13 . ILE A 1 9  ? 8.076   -3.436  4.939   1.00 0.00 ? 9  ILE A HD13 1 
ATOM   140  N  N    . GLY A 1 10 ? 4.770   -5.123  10.585  1.00 0.00 ? 10 GLY A N    1 
ATOM   141  C  CA   . GLY A 1 10 ? 4.663   -5.474  11.992  1.00 0.00 ? 10 GLY A CA   1 
ATOM   142  C  C    . GLY A 1 10 ? 3.445   -4.825  12.645  1.00 0.00 ? 10 GLY A C    1 
ATOM   143  O  O    . GLY A 1 10 ? 2.754   -5.470  13.430  1.00 0.00 ? 10 GLY A O    1 
ATOM   144  H  H    . GLY A 1 10 ? 4.429   -5.788  9.887   1.00 0.00 ? 10 GLY A H    1 
ATOM   145  H  HA2  . GLY A 1 10 ? 4.565   -6.558  12.067  1.00 0.00 ? 10 GLY A HA2  1 
ATOM   146  H  HA3  . GLY A 1 10 ? 5.567   -5.173  12.515  1.00 0.00 ? 10 GLY A HA3  1 
ATOM   147  N  N    . THR A 1 11 ? 3.158   -3.558  12.323  1.00 0.00 ? 11 THR A N    1 
ATOM   148  C  CA   . THR A 1 11 ? 1.902   -2.915  12.683  1.00 0.00 ? 11 THR A CA   1 
ATOM   149  C  C    . THR A 1 11 ? 0.739   -3.771  12.164  1.00 0.00 ? 11 THR A C    1 
ATOM   150  O  O    . THR A 1 11 ? -0.171  -4.116  12.914  1.00 0.00 ? 11 THR A O    1 
ATOM   151  C  CB   . THR A 1 11 ? 1.884   -1.482  12.127  1.00 0.00 ? 11 THR A CB   1 
ATOM   152  O  OG1  . THR A 1 11 ? 3.138   -0.874  12.382  1.00 0.00 ? 11 THR A OG1  1 
ATOM   153  C  CG2  . THR A 1 11 ? 0.784   -0.646  12.785  1.00 0.00 ? 11 THR A CG2  1 
ATOM   154  H  H    . THR A 1 11 ? 3.801   -3.038  11.735  1.00 0.00 ? 11 THR A H    1 
ATOM   155  H  HA   . THR A 1 11 ? 1.851   -2.871  13.772  1.00 0.00 ? 11 THR A HA   1 
ATOM   156  H  HB   . THR A 1 11 ? 1.703   -1.500  11.053  1.00 0.00 ? 11 THR A HB   1 
ATOM   157  H  HG1  . THR A 1 11 ? 3.498   -0.499  11.563  1.00 0.00 ? 11 THR A HG1  1 
ATOM   158  H  HG21 . THR A 1 11 ? 0.918   -0.636  13.867  1.00 0.00 ? 11 THR A HG21 1 
ATOM   159  H  HG22 . THR A 1 11 ? 0.830   0.377   12.410  1.00 0.00 ? 11 THR A HG22 1 
ATOM   160  H  HG23 . THR A 1 11 ? -0.196  -1.063  12.547  1.00 0.00 ? 11 THR A HG23 1 
ATOM   161  N  N    . LYS A 1 12 ? 0.819   -4.163  10.888  1.00 0.00 ? 12 LYS A N    1 
ATOM   162  C  CA   . LYS A 1 12 ? 0.133   -5.298  10.285  1.00 0.00 ? 12 LYS A CA   1 
ATOM   163  C  C    . LYS A 1 12 ? -1.357  -5.087  10.000  1.00 0.00 ? 12 LYS A C    1 
ATOM   164  O  O    . LYS A 1 12 ? -1.830  -5.536  8.953   1.00 0.00 ? 12 LYS A O    1 
ATOM   165  C  CB   . LYS A 1 12 ? 0.415   -6.590  11.072  1.00 0.00 ? 12 LYS A CB   1 
ATOM   166  C  CG   . LYS A 1 12 ? 0.008   -7.830  10.267  1.00 0.00 ? 12 LYS A CG   1 
ATOM   167  C  CD   . LYS A 1 12 ? -1.393  -8.354  10.614  1.00 0.00 ? 12 LYS A CD   1 
ATOM   168  C  CE   . LYS A 1 12 ? -2.021  -9.053  9.397   1.00 0.00 ? 12 LYS A CE   1 
ATOM   169  N  NZ   . LYS A 1 12 ? -2.624  -8.088  8.455   1.00 0.00 ? 12 LYS A NZ   1 
ATOM   170  H  H    . LYS A 1 12 ? 1.577   -3.770  10.338  1.00 0.00 ? 12 LYS A H    1 
ATOM   171  H  HA   . LYS A 1 12 ? 0.619   -5.403  9.314   1.00 0.00 ? 12 LYS A HA   1 
ATOM   172  H  HB2  . LYS A 1 12 ? 1.492   -6.649  11.239  1.00 0.00 ? 12 LYS A HB2  1 
ATOM   173  H  HB3  . LYS A 1 12 ? -0.086  -6.585  12.040  1.00 0.00 ? 12 LYS A HB3  1 
ATOM   174  H  HG2  . LYS A 1 12 ? 0.062   -7.585  9.211   1.00 0.00 ? 12 LYS A HG2  1 
ATOM   175  H  HG3  . LYS A 1 12 ? 0.735   -8.625  10.451  1.00 0.00 ? 12 LYS A HG3  1 
ATOM   176  H  HD2  . LYS A 1 12 ? -1.297  -9.067  11.434  1.00 0.00 ? 12 LYS A HD2  1 
ATOM   177  H  HD3  . LYS A 1 12 ? -2.051  -7.550  10.950  1.00 0.00 ? 12 LYS A HD3  1 
ATOM   178  H  HE2  . LYS A 1 12 ? -1.277  -9.662  8.881   1.00 0.00 ? 12 LYS A HE2  1 
ATOM   179  H  HE3  . LYS A 1 12 ? -2.825  -9.707  9.738   1.00 0.00 ? 12 LYS A HE3  1 
ATOM   180  H  HZ1  . LYS A 1 12 ? -2.015  -7.314  8.221   1.00 0.00 ? 12 LYS A HZ1  1 
ATOM   181  H  HZ2  . LYS A 1 12 ? -2.932  -8.569  7.610   1.00 0.00 ? 12 LYS A HZ2  1 
ATOM   182  H  HZ3  . LYS A 1 12 ? -3.447  -7.688  8.903   1.00 0.00 ? 12 LYS A HZ3  1 
ATOM   183  N  N    . ASP A 1 13 ? -2.084  -4.463  10.931  1.00 0.00 ? 13 ASP A N    1 
ATOM   184  C  CA   . ASP A 1 13 ? -3.486  -4.086  10.820  1.00 0.00 ? 13 ASP A CA   1 
ATOM   185  C  C    . ASP A 1 13 ? -3.678  -2.746  11.532  1.00 0.00 ? 13 ASP A C    1 
ATOM   186  O  O    . ASP A 1 13 ? -2.791  -2.287  12.253  1.00 0.00 ? 13 ASP A O    1 
ATOM   187  C  CB   . ASP A 1 13 ? -4.393  -5.180  11.416  1.00 0.00 ? 13 ASP A CB   1 
ATOM   188  C  CG   . ASP A 1 13 ? -4.978  -6.071  10.334  1.00 0.00 ? 13 ASP A CG   1 
ATOM   189  O  OD1  . ASP A 1 13 ? -5.966  -5.635  9.703   1.00 0.00 ? 13 ASP A OD1  1 
ATOM   190  O  OD2  . ASP A 1 13 ? -4.425  -7.167  10.116  1.00 0.00 ? 13 ASP A OD2  1 
ATOM   191  H  H    . ASP A 1 13 ? -1.610  -4.127  11.765  1.00 0.00 ? 13 ASP A H    1 
ATOM   192  H  HA   . ASP A 1 13 ? -3.740  -3.922  9.773   1.00 0.00 ? 13 ASP A HA   1 
ATOM   193  H  HB2  . ASP A 1 13 ? -3.840  -5.785  12.133  1.00 0.00 ? 13 ASP A HB2  1 
ATOM   194  H  HB3  . ASP A 1 13 ? -5.233  -4.727  11.941  1.00 0.00 ? 13 ASP A HB3  1 
ATOM   195  N  N    . ALA A 1 14 ? -4.839  -2.123  11.325  1.00 0.00 ? 14 ALA A N    1 
ATOM   196  C  CA   . ALA A 1 14 ? -5.188  -0.797  11.816  1.00 0.00 ? 14 ALA A CA   1 
ATOM   197  C  C    . ALA A 1 14 ? -6.681  -0.473  11.625  1.00 0.00 ? 14 ALA A C    1 
ATOM   198  O  O    . ALA A 1 14 ? -7.311  -0.031  12.583  1.00 0.00 ? 14 ALA A O    1 
ATOM   199  C  CB   . ALA A 1 14 ? -4.281  0.277   11.196  1.00 0.00 ? 14 ALA A CB   1 
ATOM   200  H  H    . ALA A 1 14 ? -5.538  -2.606  10.774  1.00 0.00 ? 14 ALA A H    1 
ATOM   201  H  HA   . ALA A 1 14 ? -5.007  -0.793  12.892  1.00 0.00 ? 14 ALA A HA   1 
ATOM   202  H  HB1  . ALA A 1 14 ? -3.796  -0.091  10.292  1.00 0.00 ? 14 ALA A HB1  1 
ATOM   203  H  HB2  . ALA A 1 14 ? -4.859  1.168   10.945  1.00 0.00 ? 14 ALA A HB2  1 
ATOM   204  H  HB3  . ALA A 1 14 ? -3.510  0.555   11.914  1.00 0.00 ? 14 ALA A HB3  1 
ATOM   205  N  N    . SER A 1 15 ? -7.293  -0.633  10.445  1.00 0.00 ? 15 SER A N    1 
ATOM   206  C  CA   . SER A 1 15 ? -6.773  -1.165  9.192   1.00 0.00 ? 15 SER A CA   1 
ATOM   207  C  C    . SER A 1 15 ? -7.344  -0.337  8.042   1.00 0.00 ? 15 SER A C    1 
ATOM   208  O  O    . SER A 1 15 ? -8.326  0.379   8.227   1.00 0.00 ? 15 SER A O    1 
ATOM   209  C  CB   . SER A 1 15 ? -7.213  -2.630  9.031   1.00 0.00 ? 15 SER A CB   1 
ATOM   210  O  OG   . SER A 1 15 ? -7.080  -3.338  10.247  1.00 0.00 ? 15 SER A OG   1 
ATOM   211  H  H    . SER A 1 15 ? -8.244  -0.298  10.382  1.00 0.00 ? 15 SER A H    1 
ATOM   212  H  HA   . SER A 1 15 ? -5.687  -1.089  9.155   1.00 0.00 ? 15 SER A HA   1 
ATOM   213  H  HB2  . SER A 1 15 ? -8.263  -2.668  8.734   1.00 0.00 ? 15 SER A HB2  1 
ATOM   214  H  HB3  . SER A 1 15 ? -6.611  -3.111  8.255   1.00 0.00 ? 15 SER A HB3  1 
ATOM   215  H  HG   . SER A 1 15 ? -6.844  -4.262  10.046  1.00 0.00 ? 15 SER A HG   1 
ATOM   216  N  N    . CYS A 1 16 ? -6.754  -0.484  6.857   1.00 0.00 ? 16 CYS A N    1 
ATOM   217  C  CA   . CYS A 1 16 ? -7.165  0.211   5.645   1.00 0.00 ? 16 CYS A CA   1 
ATOM   218  C  C    . CYS A 1 16 ? -8.250  -0.611  4.938   1.00 0.00 ? 16 CYS A C    1 
ATOM   219  O  O    . CYS A 1 16 ? -9.409  -0.200  4.875   1.00 0.00 ? 16 CYS A O    1 
ATOM   220  C  CB   . CYS A 1 16 ? -5.968  0.502   4.759   1.00 0.00 ? 16 CYS A CB   1 
ATOM   221  S  SG   . CYS A 1 16 ? -4.625  -0.722  4.661   1.00 0.00 ? 16 CYS A SG   1 
ATOM   222  H  H    . CYS A 1 16 ? -5.981  -1.127  6.791   1.00 0.00 ? 16 CYS A H    1 
ATOM   223  H  HA   . CYS A 1 16 ? -7.609  1.174   5.907   1.00 0.00 ? 16 CYS A HA   1 
ATOM   224  H  HB2  . CYS A 1 16 ? -6.344  0.646   3.745   1.00 0.00 ? 16 CYS A HB2  1 
ATOM   225  H  HB3  . CYS A 1 16 ? -5.523  1.448   5.065   1.00 0.00 ? 16 CYS A HB3  1 
ATOM   226  N  N    . VAL A 1 17 ? -7.854  -1.783  4.432   1.00 0.00 ? 17 VAL A N    1 
ATOM   227  C  CA   . VAL A 1 17 ? -8.630  -2.769  3.681   1.00 0.00 ? 17 VAL A CA   1 
ATOM   228  C  C    . VAL A 1 17 ? -10.032 -2.329  3.225   1.00 0.00 ? 17 VAL A C    1 
ATOM   229  O  O    . VAL A 1 17 ? -10.228 -2.003  2.054   1.00 0.00 ? 17 VAL A O    1 
ATOM   230  C  CB   . VAL A 1 17 ? -8.570  -4.135  4.400   1.00 0.00 ? 17 VAL A CB   1 
ATOM   231  C  CG1  . VAL A 1 17 ? -9.171  -4.146  5.815   1.00 0.00 ? 17 VAL A CG1  1 
ATOM   232  C  CG2  . VAL A 1 17 ? -9.202  -5.250  3.557   1.00 0.00 ? 17 VAL A CG2  1 
ATOM   233  H  H    . VAL A 1 17 ? -6.870  -1.983  4.551   1.00 0.00 ? 17 VAL A H    1 
ATOM   234  H  HA   . VAL A 1 17 ? -8.073  -2.898  2.758   1.00 0.00 ? 17 VAL A HA   1 
ATOM   235  H  HB   . VAL A 1 17 ? -7.511  -4.378  4.508   1.00 0.00 ? 17 VAL A HB   1 
ATOM   236  H  HG11 . VAL A 1 17 ? -8.950  -3.218  6.340   1.00 0.00 ? 17 VAL A HG11 1 
ATOM   237  H  HG12 . VAL A 1 17 ? -10.251 -4.292  5.780   1.00 0.00 ? 17 VAL A HG12 1 
ATOM   238  H  HG13 . VAL A 1 17 ? -8.739  -4.974  6.377   1.00 0.00 ? 17 VAL A HG13 1 
ATOM   239  H  HG21 . VAL A 1 17 ? -8.761  -5.262  2.561   1.00 0.00 ? 17 VAL A HG21 1 
ATOM   240  H  HG22 . VAL A 1 17 ? -9.018  -6.214  4.033   1.00 0.00 ? 17 VAL A HG22 1 
ATOM   241  H  HG23 . VAL A 1 17 ? -10.279 -5.103  3.467   1.00 0.00 ? 17 VAL A HG23 1 
ATOM   242  N  N    . GLU A 1 18 ? -11.019 -2.350  4.124   1.00 0.00 ? 18 GLU A N    1 
ATOM   243  C  CA   . GLU A 1 18 ? -12.425 -2.212  3.780   1.00 0.00 ? 18 GLU A CA   1 
ATOM   244  C  C    . GLU A 1 18 ? -12.759 -0.883  3.098   1.00 0.00 ? 18 GLU A C    1 
ATOM   245  O  O    . GLU A 1 18 ? -13.743 -0.811  2.364   1.00 0.00 ? 18 GLU A O    1 
ATOM   246  C  CB   . GLU A 1 18 ? -13.295 -2.458  5.021   1.00 0.00 ? 18 GLU A CB   1 
ATOM   247  C  CG   . GLU A 1 18 ? -12.991 -1.520  6.196   1.00 0.00 ? 18 GLU A CG   1 
ATOM   248  C  CD   . GLU A 1 18 ? -13.968 -1.764  7.339   1.00 0.00 ? 18 GLU A CD   1 
ATOM   249  O  OE1  . GLU A 1 18 ? -13.924 -2.888  7.884   1.00 0.00 ? 18 GLU A OE1  1 
ATOM   250  O  OE2  . GLU A 1 18 ? -14.752 -0.835  7.629   1.00 0.00 ? 18 GLU A OE2  1 
ATOM   251  H  H    . GLU A 1 18 ? -10.786 -2.482  5.095   1.00 0.00 ? 18 GLU A H    1 
ATOM   252  H  HA   . GLU A 1 18 ? -12.663 -2.999  3.062   1.00 0.00 ? 18 GLU A HA   1 
ATOM   253  H  HB2  . GLU A 1 18 ? -14.343 -2.333  4.742   1.00 0.00 ? 18 GLU A HB2  1 
ATOM   254  H  HB3  . GLU A 1 18 ? -13.157 -3.485  5.362   1.00 0.00 ? 18 GLU A HB3  1 
ATOM   255  H  HG2  . GLU A 1 18 ? -11.985 -1.688  6.576   1.00 0.00 ? 18 GLU A HG2  1 
ATOM   256  H  HG3  . GLU A 1 18 ? -13.082 -0.480  5.881   1.00 0.00 ? 18 GLU A HG3  1 
ATOM   257  N  N    . VAL A 1 19 ? -11.977 0.178   3.332   1.00 0.00 ? 19 VAL A N    1 
ATOM   258  C  CA   . VAL A 1 19 ? -12.338 1.492   2.809   1.00 0.00 ? 19 VAL A CA   1 
ATOM   259  C  C    . VAL A 1 19 ? -12.200 1.586   1.283   1.00 0.00 ? 19 VAL A C    1 
ATOM   260  O  O    . VAL A 1 19 ? -12.761 2.500   0.678   1.00 0.00 ? 19 VAL A O    1 
ATOM   261  C  CB   . VAL A 1 19 ? -11.571 2.623   3.519   1.00 0.00 ? 19 VAL A CB   1 
ATOM   262  C  CG1  . VAL A 1 19 ? -11.734 2.535   5.043   1.00 0.00 ? 19 VAL A CG1  1 
ATOM   263  C  CG2  . VAL A 1 19 ? -10.083 2.693   3.146   1.00 0.00 ? 19 VAL A CG2  1 
ATOM   264  H  H    . VAL A 1 19 ? -11.160 0.075   3.930   1.00 0.00 ? 19 VAL A H    1 
ATOM   265  H  HA   . VAL A 1 19 ? -13.394 1.653   3.035   1.00 0.00 ? 19 VAL A HA   1 
ATOM   266  H  HB   . VAL A 1 19 ? -12.022 3.565   3.201   1.00 0.00 ? 19 VAL A HB   1 
ATOM   267  H  HG11 . VAL A 1 19 ? -12.793 2.485   5.299   1.00 0.00 ? 19 VAL A HG11 1 
ATOM   268  H  HG12 . VAL A 1 19 ? -11.232 1.652   5.439   1.00 0.00 ? 19 VAL A HG12 1 
ATOM   269  H  HG13 . VAL A 1 19 ? -11.301 3.420   5.509   1.00 0.00 ? 19 VAL A HG13 1 
ATOM   270  H  HG21 . VAL A 1 19 ? -9.956  2.787   2.068   1.00 0.00 ? 19 VAL A HG21 1 
ATOM   271  H  HG22 . VAL A 1 19 ? -9.639  3.568   3.620   1.00 0.00 ? 19 VAL A HG22 1 
ATOM   272  H  HG23 . VAL A 1 19 ? -9.556  1.806   3.485   1.00 0.00 ? 19 VAL A HG23 1 
ATOM   273  N  N    . CYS A 1 20 ? -11.410 0.709   0.653   1.00 0.00 ? 20 CYS A N    1 
ATOM   274  C  CA   . CYS A 1 20 ? -10.975 0.924   -0.722  1.00 0.00 ? 20 CYS A CA   1 
ATOM   275  C  C    . CYS A 1 20 ? -12.074 0.606   -1.749  1.00 0.00 ? 20 CYS A C    1 
ATOM   276  O  O    . CYS A 1 20 ? -12.547 -0.530  -1.804  1.00 0.00 ? 20 CYS A O    1 
ATOM   277  C  CB   . CYS A 1 20 ? -9.730  0.129   -0.979  1.00 0.00 ? 20 CYS A CB   1 
ATOM   278  S  SG   . CYS A 1 20 ? -9.082  0.143   -2.668  1.00 0.00 ? 20 CYS A SG   1 
ATOM   279  H  H    . CYS A 1 20 ? -11.017 -0.074  1.163   1.00 0.00 ? 20 CYS A H    1 
ATOM   280  H  HA   . CYS A 1 20 ? -10.680 1.964   -0.782  1.00 0.00 ? 20 CYS A HA   1 
ATOM   281  H  HB2  . CYS A 1 20 ? -8.970  0.514   -0.305  1.00 0.00 ? 20 CYS A HB2  1 
ATOM   282  H  HB3  . CYS A 1 20 ? -9.941  -0.909  -0.722  1.00 0.00 ? 20 CYS A HB3  1 
ATOM   283  N  N    . PRO A 1 21 ? -12.458 1.578   -2.602  1.00 0.00 ? 21 PRO A N    1 
ATOM   284  C  CA   . PRO A 1 21 ? -13.461 1.394   -3.645  1.00 0.00 ? 21 PRO A CA   1 
ATOM   285  C  C    . PRO A 1 21 ? -13.252 0.144   -4.502  1.00 0.00 ? 21 PRO A C    1 
ATOM   286  O  O    . PRO A 1 21 ? -14.226 -0.451  -4.955  1.00 0.00 ? 21 PRO A O    1 
ATOM   287  C  CB   . PRO A 1 21 ? -13.389 2.649   -4.521  1.00 0.00 ? 21 PRO A CB   1 
ATOM   288  C  CG   . PRO A 1 21 ? -12.845 3.725   -3.586  1.00 0.00 ? 21 PRO A CG   1 
ATOM   289  C  CD   . PRO A 1 21 ? -11.953 2.945   -2.623  1.00 0.00 ? 21 PRO A CD   1 
ATOM   290  H  HA   . PRO A 1 21 ? -14.440 1.344   -3.166  1.00 0.00 ? 21 PRO A HA   1 
ATOM   291  H  HB2  . PRO A 1 21 ? -12.677 2.499   -5.332  1.00 0.00 ? 21 PRO A HB2  1 
ATOM   292  H  HB3  . PRO A 1 21 ? -14.365 2.915   -4.929  1.00 0.00 ? 21 PRO A HB3  1 
ATOM   293  H  HG2  . PRO A 1 21 ? -12.286 4.493   -4.125  1.00 0.00 ? 21 PRO A HG2  1 
ATOM   294  H  HG3  . PRO A 1 21 ? -13.668 4.177   -3.032  1.00 0.00 ? 21 PRO A HG3  1 
ATOM   295  H  HD2  . PRO A 1 21 ? -10.930 2.940   -2.996  1.00 0.00 ? 21 PRO A HD2  1 
ATOM   296  H  HD3  . PRO A 1 21 ? -12.003 3.426   -1.645  1.00 0.00 ? 21 PRO A HD3  1 
ATOM   297  N  N    . VAL A 1 22 ? -11.990 -0.214  -4.766  1.00 0.00 ? 22 VAL A N    1 
ATOM   298  C  CA   . VAL A 1 22 ? -11.618 -1.331  -5.626  1.00 0.00 ? 22 VAL A CA   1 
ATOM   299  C  C    . VAL A 1 22 ? -10.922 -2.442  -4.825  1.00 0.00 ? 22 VAL A C    1 
ATOM   300  O  O    . VAL A 1 22 ? -10.166 -3.212  -5.410  1.00 0.00 ? 22 VAL A O    1 
ATOM   301  C  CB   . VAL A 1 22 ? -10.764 -0.811  -6.803  1.00 0.00 ? 22 VAL A CB   1 
ATOM   302  C  CG1  . VAL A 1 22 ? -11.582 0.125   -7.701  1.00 0.00 ? 22 VAL A CG1  1 
ATOM   303  C  CG2  . VAL A 1 22 ? -9.500  -0.073  -6.341  1.00 0.00 ? 22 VAL A CG2  1 
ATOM   304  H  H    . VAL A 1 22 ? -11.238 0.289   -4.316  1.00 0.00 ? 22 VAL A H    1 
ATOM   305  H  HA   . VAL A 1 22 ? -12.508 -1.795  -6.055  1.00 0.00 ? 22 VAL A HA   1 
ATOM   306  H  HB   . VAL A 1 22 ? -10.458 -1.661  -7.416  1.00 0.00 ? 22 VAL A HB   1 
ATOM   307  H  HG11 . VAL A 1 22 ? -12.486 -0.382  -8.041  1.00 0.00 ? 22 VAL A HG11 1 
ATOM   308  H  HG12 . VAL A 1 22 ? -11.862 1.030   -7.162  1.00 0.00 ? 22 VAL A HG12 1 
ATOM   309  H  HG13 . VAL A 1 22 ? -10.990 0.406   -8.573  1.00 0.00 ? 22 VAL A HG13 1 
ATOM   310  H  HG21 . VAL A 1 22 ? -8.894  -0.720  -5.707  1.00 0.00 ? 22 VAL A HG21 1 
ATOM   311  H  HG22 . VAL A 1 22 ? -8.910  0.210   -7.213  1.00 0.00 ? 22 VAL A HG22 1 
ATOM   312  H  HG23 . VAL A 1 22 ? -9.760  0.830   -5.792  1.00 0.00 ? 22 VAL A HG23 1 
ATOM   313  N  N    . ASP A 1 23 ? -11.151 -2.485  -3.501  1.00 0.00 ? 23 ASP A N    1 
ATOM   314  C  CA   . ASP A 1 23 ? -10.737 -3.511  -2.537  1.00 0.00 ? 23 ASP A CA   1 
ATOM   315  C  C    . ASP A 1 23 ? -9.326  -4.103  -2.703  1.00 0.00 ? 23 ASP A C    1 
ATOM   316  O  O    . ASP A 1 23 ? -9.020  -5.160  -2.155  1.00 0.00 ? 23 ASP A O    1 
ATOM   317  C  CB   . ASP A 1 23 ? -11.835 -4.581  -2.386  1.00 0.00 ? 23 ASP A CB   1 
ATOM   318  C  CG   . ASP A 1 23 ? -11.830 -5.656  -3.471  1.00 0.00 ? 23 ASP A CG   1 
ATOM   319  O  OD1  . ASP A 1 23 ? -12.267 -5.330  -4.595  1.00 0.00 ? 23 ASP A OD1  1 
ATOM   320  O  OD2  . ASP A 1 23 ? -11.456 -6.803  -3.143  1.00 0.00 ? 23 ASP A OD2  1 
ATOM   321  H  H    . ASP A 1 23 ? -11.759 -1.773  -3.110  1.00 0.00 ? 23 ASP A H    1 
ATOM   322  H  HA   . ASP A 1 23 ? -10.710 -2.991  -1.581  1.00 0.00 ? 23 ASP A HA   1 
ATOM   323  H  HB2  . ASP A 1 23 ? -11.697 -5.077  -1.426  1.00 0.00 ? 23 ASP A HB2  1 
ATOM   324  H  HB3  . ASP A 1 23 ? -12.813 -4.102  -2.381  1.00 0.00 ? 23 ASP A HB3  1 
ATOM   325  N  N    . CYS A 1 24 ? -8.407  -3.402  -3.368  1.00 0.00 ? 24 CYS A N    1 
ATOM   326  C  CA   . CYS A 1 24 ? -7.164  -4.002  -3.854  1.00 0.00 ? 24 CYS A CA   1 
ATOM   327  C  C    . CYS A 1 24 ? -6.051  -4.065  -2.803  1.00 0.00 ? 24 CYS A C    1 
ATOM   328  O  O    . CYS A 1 24 ? -4.868  -4.077  -3.148  1.00 0.00 ? 24 CYS A O    1 
ATOM   329  C  CB   . CYS A 1 24 ? -6.690  -3.286  -5.119  1.00 0.00 ? 24 CYS A CB   1 
ATOM   330  S  SG   . CYS A 1 24 ? -6.088  -1.626  -4.724  1.00 0.00 ? 24 CYS A SG   1 
ATOM   331  H  H    . CYS A 1 24 ? -8.688  -2.517  -3.759  1.00 0.00 ? 24 CYS A H    1 
ATOM   332  H  HA   . CYS A 1 24 ? -7.394  -5.023  -4.154  1.00 0.00 ? 24 CYS A HA   1 
ATOM   333  H  HB2  . CYS A 1 24 ? -5.876  -3.863  -5.549  1.00 0.00 ? 24 CYS A HB2  1 
ATOM   334  H  HB3  . CYS A 1 24 ? -7.503  -3.230  -5.839  1.00 0.00 ? 24 CYS A HB3  1 
ATOM   335  H  HG   . CYS A 1 24 ? -5.272  -1.505  -5.778  1.00 0.00 ? 24 CYS A HG   1 
ATOM   336  N  N    . ILE A 1 25 ? -6.430  -4.152  -1.523  1.00 0.00 ? 25 ILE A N    1 
ATOM   337  C  CA   . ILE A 1 25 ? -5.527  -4.363  -0.401  1.00 0.00 ? 25 ILE A CA   1 
ATOM   338  C  C    . ILE A 1 25 ? -5.522  -5.865  -0.143  1.00 0.00 ? 25 ILE A C    1 
ATOM   339  O  O    . ILE A 1 25 ? -6.572  -6.440  0.138   1.00 0.00 ? 25 ILE A O    1 
ATOM   340  C  CB   . ILE A 1 25 ? -6.007  -3.607  0.855   1.00 0.00 ? 25 ILE A CB   1 
ATOM   341  C  CG1  . ILE A 1 25 ? -5.930  -2.079  0.738   1.00 0.00 ? 25 ILE A CG1  1 
ATOM   342  C  CG2  . ILE A 1 25 ? -5.139  -3.981  2.065   1.00 0.00 ? 25 ILE A CG2  1 
ATOM   343  C  CD1  . ILE A 1 25 ? -6.957  -1.457  -0.197  1.00 0.00 ? 25 ILE A CD1  1 
ATOM   344  H  H    . ILE A 1 25 ? -7.415  -4.318  -1.355  1.00 0.00 ? 25 ILE A H    1 
ATOM   345  H  HA   . ILE A 1 25 ? -4.527  -4.014  -0.653  1.00 0.00 ? 25 ILE A HA   1 
ATOM   346  H  HB   . ILE A 1 25 ? -7.037  -3.897  1.065   1.00 0.00 ? 25 ILE A HB   1 
ATOM   347  H  HG12 . ILE A 1 25 ? -6.098  -1.644  1.724   1.00 0.00 ? 25 ILE A HG12 1 
ATOM   348  H  HG13 . ILE A 1 25 ? -4.941  -1.775  0.420   1.00 0.00 ? 25 ILE A HG13 1 
ATOM   349  H  HG21 . ILE A 1 25 ? -4.090  -3.785  1.838   1.00 0.00 ? 25 ILE A HG21 1 
ATOM   350  H  HG22 . ILE A 1 25 ? -5.426  -3.394  2.938   1.00 0.00 ? 25 ILE A HG22 1 
ATOM   351  H  HG23 . ILE A 1 25 ? -5.269  -5.031  2.316   1.00 0.00 ? 25 ILE A HG23 1 
ATOM   352  H  HD11 . ILE A 1 25 ? -7.756  -2.154  -0.451  1.00 0.00 ? 25 ILE A HD11 1 
ATOM   353  H  HD12 . ILE A 1 25 ? -7.374  -0.617  0.349   1.00 0.00 ? 25 ILE A HD12 1 
ATOM   354  H  HD13 . ILE A 1 25 ? -6.477  -1.095  -1.106  1.00 0.00 ? 25 ILE A HD13 1 
ATOM   355  N  N    . HIS A 1 26 ? -4.361  -6.514  -0.244  1.00 0.00 ? 26 HIS A N    1 
ATOM   356  C  CA   . HIS A 1 26 ? -4.239  -7.949  -0.112  1.00 0.00 ? 26 HIS A CA   1 
ATOM   357  C  C    . HIS A 1 26 ? -3.058  -8.272  0.795   1.00 0.00 ? 26 HIS A C    1 
ATOM   358  O  O    . HIS A 1 26 ? -2.049  -7.577  0.753   1.00 0.00 ? 26 HIS A O    1 
ATOM   359  C  CB   . HIS A 1 26 ? -3.979  -8.496  -1.502  1.00 0.00 ? 26 HIS A CB   1 
ATOM   360  C  CG   . HIS A 1 26 ? -5.016  -8.118  -2.532  1.00 0.00 ? 26 HIS A CG   1 
ATOM   361  N  ND1  . HIS A 1 26 ? -6.362  -8.401  -2.472  1.00 0.00 ? 26 HIS A ND1  1 
ATOM   362  C  CD2  . HIS A 1 26 ? -4.801  -7.362  -3.653  1.00 0.00 ? 26 HIS A CD2  1 
ATOM   363  C  CE1  . HIS A 1 26 ? -6.939  -7.850  -3.555  1.00 0.00 ? 26 HIS A CE1  1 
ATOM   364  N  NE2  . HIS A 1 26 ? -6.025  -7.218  -4.308  1.00 0.00 ? 26 HIS A NE2  1 
ATOM   365  H  H    . HIS A 1 26 ? -3.509  -6.026  -0.500  1.00 0.00 ? 26 HIS A H    1 
ATOM   366  H  HA   . HIS A 1 26 ? -5.144  -8.399  0.296   1.00 0.00 ? 26 HIS A HA   1 
ATOM   367  H  HB2  . HIS A 1 26 ? -3.013  -8.123  -1.815  1.00 0.00 ? 26 HIS A HB2  1 
ATOM   368  H  HB3  . HIS A 1 26 ? -3.907  -9.565  -1.414  1.00 0.00 ? 26 HIS A HB3  1 
ATOM   369  H  HD1  . HIS A 1 26 ? -6.844  -8.889  -1.732  1.00 0.00 ? 26 HIS A HD1  1 
ATOM   370  H  HD2  . HIS A 1 26 ? -3.862  -6.928  -3.964  1.00 0.00 ? 26 HIS A HD2  1 
ATOM   371  H  HE1  . HIS A 1 26 ? -7.993  -7.906  -3.785  1.00 0.00 ? 26 HIS A HE1  1 
ATOM   372  N  N    . GLU A 1 27 ? -3.162  -9.319  1.610   1.00 0.00 ? 27 GLU A N    1 
ATOM   373  C  CA   . GLU A 1 27 ? -2.137  -9.638  2.582   1.00 0.00 ? 27 GLU A CA   1 
ATOM   374  C  C    . GLU A 1 27 ? -0.870  -10.141 1.896   1.00 0.00 ? 27 GLU A C    1 
ATOM   375  O  O    . GLU A 1 27 ? -0.950  -10.784 0.849   1.00 0.00 ? 27 GLU A O    1 
ATOM   376  C  CB   . GLU A 1 27 ? -2.631  -10.688 3.579   1.00 0.00 ? 27 GLU A CB   1 
ATOM   377  C  CG   . GLU A 1 27 ? -3.792  -10.212 4.462   1.00 0.00 ? 27 GLU A CG   1 
ATOM   378  C  CD   . GLU A 1 27 ? -3.315  -9.497  5.723   1.00 0.00 ? 27 GLU A CD   1 
ATOM   379  O  OE1  . GLU A 1 27 ? -2.325  -8.740  5.676   1.00 0.00 ? 27 GLU A OE1  1 
ATOM   380  O  OE2  . GLU A 1 27 ? -3.930  -9.695  6.791   1.00 0.00 ? 27 GLU A OE2  1 
ATOM   381  H  H    . GLU A 1 27 ? -3.957  -9.924  1.557   1.00 0.00 ? 27 GLU A H    1 
ATOM   382  H  HA   . GLU A 1 27 ? -1.928  -8.722  3.113   1.00 0.00 ? 27 GLU A HA   1 
ATOM   383  H  HB2  . GLU A 1 27 ? -2.922  -11.587 3.035   1.00 0.00 ? 27 GLU A HB2  1 
ATOM   384  H  HB3  . GLU A 1 27 ? -1.799  -10.932 4.239   1.00 0.00 ? 27 GLU A HB3  1 
ATOM   385  H  HG2  . GLU A 1 27 ? -4.471  -9.567  3.910   1.00 0.00 ? 27 GLU A HG2  1 
ATOM   386  H  HG3  . GLU A 1 27 ? -4.343  -11.094 4.789   1.00 0.00 ? 27 GLU A HG3  1 
ATOM   387  N  N    . GLY A 1 28 ? 0.287   -9.900  2.516   1.00 0.00 ? 28 GLY A N    1 
ATOM   388  C  CA   . GLY A 1 28 ? 1.499   -10.645 2.201   1.00 0.00 ? 28 GLY A CA   1 
ATOM   389  C  C    . GLY A 1 28 ? 2.015   -11.398 3.417   1.00 0.00 ? 28 GLY A C    1 
ATOM   390  O  O    . GLY A 1 28 ? 1.241   -12.039 4.124   1.00 0.00 ? 28 GLY A O    1 
ATOM   391  H  H    . GLY A 1 28 ? 0.297   -9.267  3.320   1.00 0.00 ? 28 GLY A H    1 
ATOM   392  H  HA2  . GLY A 1 28 ? 1.317   -11.401 1.438   1.00 0.00 ? 28 GLY A HA2  1 
ATOM   393  H  HA3  . GLY A 1 28 ? 2.273   -9.980  1.835   1.00 0.00 ? 28 GLY A HA3  1 
ATOM   394  N  N    . GLU A 1 29 ? 3.331   -11.354 3.625   1.00 0.00 ? 29 GLU A N    1 
ATOM   395  C  CA   . GLU A 1 29 ? 4.029   -12.137 4.618   1.00 0.00 ? 29 GLU A CA   1 
ATOM   396  C  C    . GLU A 1 29 ? 3.528   -11.791 6.018   1.00 0.00 ? 29 GLU A C    1 
ATOM   397  O  O    . GLU A 1 29 ? 3.026   -12.645 6.744   1.00 0.00 ? 29 GLU A O    1 
ATOM   398  C  CB   . GLU A 1 29 ? 5.531   -11.841 4.482   1.00 0.00 ? 29 GLU A CB   1 
ATOM   399  C  CG   . GLU A 1 29 ? 6.106   -12.241 3.111   1.00 0.00 ? 29 GLU A CG   1 
ATOM   400  C  CD   . GLU A 1 29 ? 6.047   -11.141 2.060   1.00 0.00 ? 29 GLU A CD   1 
ATOM   401  O  OE1  . GLU A 1 29 ? 5.318   -10.143 2.263   1.00 0.00 ? 29 GLU A OE1  1 
ATOM   402  O  OE2  . GLU A 1 29 ? 6.740   -11.270 1.029   1.00 0.00 ? 29 GLU A OE2  1 
ATOM   403  H  H    . GLU A 1 29 ? 3.930   -10.793 3.025   1.00 0.00 ? 29 GLU A H    1 
ATOM   404  H  HA   . GLU A 1 29 ? 3.850   -13.197 4.433   1.00 0.00 ? 29 GLU A HA   1 
ATOM   405  H  HB2  . GLU A 1 29 ? 5.753   -10.790 4.669   1.00 0.00 ? 29 GLU A HB2  1 
ATOM   406  H  HB3  . GLU A 1 29 ? 6.022   -12.413 5.258   1.00 0.00 ? 29 GLU A HB3  1 
ATOM   407  H  HG2  . GLU A 1 29 ? 7.159   -12.490 3.246   1.00 0.00 ? 29 GLU A HG2  1 
ATOM   408  H  HG3  . GLU A 1 29 ? 5.594   -13.125 2.732   1.00 0.00 ? 29 GLU A HG3  1 
ATOM   409  N  N    . ASP A 1 30 ? 3.718   -10.524 6.381   1.00 0.00 ? 30 ASP A N    1 
ATOM   410  C  CA   . ASP A 1 30 ? 3.328   -9.940  7.643   1.00 0.00 ? 30 ASP A CA   1 
ATOM   411  C  C    . ASP A 1 30 ? 2.175   -8.971  7.379   1.00 0.00 ? 30 ASP A C    1 
ATOM   412  O  O    . ASP A 1 30 ? 1.025   -9.245  7.710   1.00 0.00 ? 30 ASP A O    1 
ATOM   413  C  CB   . ASP A 1 30 ? 4.570   -9.242  8.208   1.00 0.00 ? 30 ASP A CB   1 
ATOM   414  C  CG   . ASP A 1 30 ? 4.198   -8.287  9.323   1.00 0.00 ? 30 ASP A CG   1 
ATOM   415  O  OD1  . ASP A 1 30 ? 4.073   -8.748  10.474  1.00 0.00 ? 30 ASP A OD1  1 
ATOM   416  O  OD2  . ASP A 1 30 ? 4.037   -7.099  8.976   1.00 0.00 ? 30 ASP A OD2  1 
ATOM   417  H  H    . ASP A 1 30 ? 4.174   -9.910  5.728   1.00 0.00 ? 30 ASP A H    1 
ATOM   418  H  HA   . ASP A 1 30 ? 2.995   -10.696 8.356   1.00 0.00 ? 30 ASP A HA   1 
ATOM   419  H  HB2  . ASP A 1 30 ? 5.260   -9.999  8.574   1.00 0.00 ? 30 ASP A HB2  1 
ATOM   420  H  HB3  . ASP A 1 30 ? 5.085   -8.669  7.436   1.00 0.00 ? 30 ASP A HB3  1 
ATOM   421  N  N    . GLN A 1 31 ? 2.510   -7.839  6.762   1.00 0.00 ? 31 GLN A N    1 
ATOM   422  C  CA   . GLN A 1 31 ? 1.600   -6.737  6.497   1.00 0.00 ? 31 GLN A CA   1 
ATOM   423  C  C    . GLN A 1 31 ? 0.788   -6.997  5.233   1.00 0.00 ? 31 GLN A C    1 
ATOM   424  O  O    . GLN A 1 31 ? 1.055   -7.940  4.480   1.00 0.00 ? 31 GLN A O    1 
ATOM   425  C  CB   . GLN A 1 31 ? 2.384   -5.418  6.374   1.00 0.00 ? 31 GLN A CB   1 
ATOM   426  C  CG   . GLN A 1 31 ? 3.593   -5.575  5.439   1.00 0.00 ? 31 GLN A CG   1 
ATOM   427  C  CD   . GLN A 1 31 ? 4.011   -4.304  4.704   1.00 0.00 ? 31 GLN A CD   1 
ATOM   428  O  OE1  . GLN A 1 31 ? 4.575   -4.369  3.615   1.00 0.00 ? 31 GLN A OE1  1 
ATOM   429  N  NE2  . GLN A 1 31 ? 3.774   -3.137  5.291   1.00 0.00 ? 31 GLN A NE2  1 
ATOM   430  H  H    . GLN A 1 31 ? 3.493   -7.713  6.586   1.00 0.00 ? 31 GLN A H    1 
ATOM   431  H  HA   . GLN A 1 31 ? 0.898   -6.635  7.323   1.00 0.00 ? 31 GLN A HA   1 
ATOM   432  H  HB2  . GLN A 1 31 ? 1.719   -4.643  5.994   1.00 0.00 ? 31 GLN A HB2  1 
ATOM   433  H  HB3  . GLN A 1 31 ? 2.727   -5.112  7.362   1.00 0.00 ? 31 GLN A HB3  1 
ATOM   434  H  HG2  . GLN A 1 31 ? 4.439   -5.954  6.012   1.00 0.00 ? 31 GLN A HG2  1 
ATOM   435  H  HG3  . GLN A 1 31 ? 3.351   -6.311  4.685   1.00 0.00 ? 31 GLN A HG3  1 
ATOM   436  H  HE21 . GLN A 1 31 ? 3.257   -3.096  6.159   1.00 0.00 ? 31 GLN A HE21 1 
ATOM   437  H  HE22 . GLN A 1 31 ? 4.062   -2.283  4.837   1.00 0.00 ? 31 GLN A HE22 1 
ATOM   438  N  N    . TYR A 1 32 ? -0.158  -6.093  4.968   1.00 0.00 ? 32 TYR A N    1 
ATOM   439  C  CA   . TYR A 1 32 ? -0.790  -6.052  3.670   1.00 0.00 ? 32 TYR A CA   1 
ATOM   440  C  C    . TYR A 1 32 ? 0.099   -5.363  2.647   1.00 0.00 ? 32 TYR A C    1 
ATOM   441  O  O    . TYR A 1 32 ? 1.049   -4.658  2.979   1.00 0.00 ? 32 TYR A O    1 
ATOM   442  C  CB   . TYR A 1 32 ? -2.165  -5.373  3.696   1.00 0.00 ? 32 TYR A CB   1 
ATOM   443  C  CG   . TYR A 1 32 ? -3.173  -5.845  4.724   1.00 0.00 ? 32 TYR A CG   1 
ATOM   444  C  CD1  . TYR A 1 32 ? -3.196  -5.254  6.001   1.00 0.00 ? 32 TYR A CD1  1 
ATOM   445  C  CD2  . TYR A 1 32 ? -4.251  -6.656  4.317   1.00 0.00 ? 32 TYR A CD2  1 
ATOM   446  C  CE1  . TYR A 1 32 ? -4.286  -5.474  6.859   1.00 0.00 ? 32 TYR A CE1  1 
ATOM   447  C  CE2  . TYR A 1 32 ? -5.349  -6.855  5.170   1.00 0.00 ? 32 TYR A CE2  1 
ATOM   448  C  CZ   . TYR A 1 32 ? -5.359  -6.281  6.450   1.00 0.00 ? 32 TYR A CZ   1 
ATOM   449  O  OH   . TYR A 1 32 ? -6.450  -6.445  7.249   1.00 0.00 ? 32 TYR A OH   1 
ATOM   450  H  H    . TYR A 1 32 ? -0.313  -5.327  5.603   1.00 0.00 ? 32 TYR A H    1 
ATOM   451  H  HA   . TYR A 1 32 ? -0.876  -7.072  3.326   1.00 0.00 ? 32 TYR A HA   1 
ATOM   452  H  HB2  . TYR A 1 32 ? -2.027  -4.297  3.819   1.00 0.00 ? 32 TYR A HB2  1 
ATOM   453  H  HB3  . TYR A 1 32 ? -2.608  -5.547  2.715   1.00 0.00 ? 32 TYR A HB3  1 
ATOM   454  H  HD1  . TYR A 1 32 ? -2.414  -4.573  6.301   1.00 0.00 ? 32 TYR A HD1  1 
ATOM   455  H  HD2  . TYR A 1 32 ? -4.260  -7.092  3.330   1.00 0.00 ? 32 TYR A HD2  1 
ATOM   456  H  HE1  . TYR A 1 32 ? -4.317  -4.959  7.805   1.00 0.00 ? 32 TYR A HE1  1 
ATOM   457  H  HE2  . TYR A 1 32 ? -6.182  -7.463  4.848   1.00 0.00 ? 32 TYR A HE2  1 
ATOM   458  H  HH   . TYR A 1 32 ? -6.288  -6.161  8.165   1.00 0.00 ? 32 TYR A HH   1 
ATOM   459  N  N    . TYR A 1 33 ? -0.266  -5.588  1.391   1.00 0.00 ? 33 TYR A N    1 
ATOM   460  C  CA   . TYR A 1 33 ? 0.214   -4.906  0.205   1.00 0.00 ? 33 TYR A CA   1 
ATOM   461  C  C    . TYR A 1 33 ? -1.019  -4.400  -0.544  1.00 0.00 ? 33 TYR A C    1 
ATOM   462  O  O    . TYR A 1 33 ? -2.153  -4.723  -0.185  1.00 0.00 ? 33 TYR A O    1 
ATOM   463  C  CB   . TYR A 1 33 ? 0.996   -5.870  -0.696  1.00 0.00 ? 33 TYR A CB   1 
ATOM   464  C  CG   . TYR A 1 33 ? 2.234   -6.454  -0.051  1.00 0.00 ? 33 TYR A CG   1 
ATOM   465  C  CD1  . TYR A 1 33 ? 2.113   -7.302  1.060   1.00 0.00 ? 33 TYR A CD1  1 
ATOM   466  C  CD2  . TYR A 1 33 ? 3.508   -6.021  -0.453  1.00 0.00 ? 33 TYR A CD2  1 
ATOM   467  C  CE1  . TYR A 1 33 ? 3.228   -7.576  1.864   1.00 0.00 ? 33 TYR A CE1  1 
ATOM   468  C  CE2  . TYR A 1 33 ? 4.630   -6.311  0.336   1.00 0.00 ? 33 TYR A CE2  1 
ATOM   469  C  CZ   . TYR A 1 33 ? 4.490   -7.082  1.501   1.00 0.00 ? 33 TYR A CZ   1 
ATOM   470  O  OH   . TYR A 1 33 ? 5.618   -7.616  2.048   1.00 0.00 ? 33 TYR A OH   1 
ATOM   471  H  H    . TYR A 1 33 ? -1.050  -6.224  1.267   1.00 0.00 ? 33 TYR A H    1 
ATOM   472  H  HA   . TYR A 1 33 ? 0.864   -4.077  0.502   1.00 0.00 ? 33 TYR A HA   1 
ATOM   473  H  HB2  . TYR A 1 33 ? 0.321   -6.658  -1.004  1.00 0.00 ? 33 TYR A HB2  1 
ATOM   474  H  HB3  . TYR A 1 33 ? 1.292   -5.350  -1.604  1.00 0.00 ? 33 TYR A HB3  1 
ATOM   475  H  HD1  . TYR A 1 33 ? 1.151   -7.704  1.333   1.00 0.00 ? 33 TYR A HD1  1 
ATOM   476  H  HD2  . TYR A 1 33 ? 3.630   -5.483  -1.376  1.00 0.00 ? 33 TYR A HD2  1 
ATOM   477  H  HE1  . TYR A 1 33 ? 3.077   -8.168  2.755   1.00 0.00 ? 33 TYR A HE1  1 
ATOM   478  H  HE2  . TYR A 1 33 ? 5.592   -5.924  0.049   1.00 0.00 ? 33 TYR A HE2  1 
ATOM   479  H  HH   . TYR A 1 33 ? 5.421   -8.477  2.464   1.00 0.00 ? 33 TYR A HH   1 
ATOM   480  N  N    . ILE A 1 34 ? -0.785  -3.628  -1.601  1.00 0.00 ? 34 ILE A N    1 
ATOM   481  C  CA   . ILE A 1 34 ? -1.814  -2.995  -2.414  1.00 0.00 ? 34 ILE A CA   1 
ATOM   482  C  C    . ILE A 1 34 ? -1.441  -3.241  -3.868  1.00 0.00 ? 34 ILE A C    1 
ATOM   483  O  O    . ILE A 1 34 ? -0.256  -3.160  -4.181  1.00 0.00 ? 34 ILE A O    1 
ATOM   484  C  CB   . ILE A 1 34 ? -1.844  -1.475  -2.131  1.00 0.00 ? 34 ILE A CB   1 
ATOM   485  C  CG1  . ILE A 1 34 ? -2.075  -1.238  -0.629  1.00 0.00 ? 34 ILE A CG1  1 
ATOM   486  C  CG2  . ILE A 1 34 ? -2.928  -0.775  -2.978  1.00 0.00 ? 34 ILE A CG2  1 
ATOM   487  C  CD1  . ILE A 1 34 ? -2.031  0.227   -0.193  1.00 0.00 ? 34 ILE A CD1  1 
ATOM   488  H  H    . ILE A 1 34 ? 0.180   -3.490  -1.878  1.00 0.00 ? 34 ILE A H    1 
ATOM   489  H  HA   . ILE A 1 34 ? -2.777  -3.450  -2.184  1.00 0.00 ? 34 ILE A HA   1 
ATOM   490  H  HB   . ILE A 1 34 ? -0.874  -1.051  -2.395  1.00 0.00 ? 34 ILE A HB   1 
ATOM   491  H  HG12 . ILE A 1 34 ? -3.034  -1.666  -0.368  1.00 0.00 ? 34 ILE A HG12 1 
ATOM   492  H  HG13 . ILE A 1 34 ? -1.310  -1.742  -0.041  1.00 0.00 ? 34 ILE A HG13 1 
ATOM   493  H  HG21 . ILE A 1 34 ? -3.906  -1.199  -2.752  1.00 0.00 ? 34 ILE A HG21 1 
ATOM   494  H  HG22 . ILE A 1 34 ? -2.952  0.293   -2.775  1.00 0.00 ? 34 ILE A HG22 1 
ATOM   495  H  HG23 . ILE A 1 34 ? -2.744  -0.873  -4.047  1.00 0.00 ? 34 ILE A HG23 1 
ATOM   496  H  HD11 . ILE A 1 34 ? -1.070  0.666   -0.464  1.00 0.00 ? 34 ILE A HD11 1 
ATOM   497  H  HD12 . ILE A 1 34 ? -2.840  0.802   -0.640  1.00 0.00 ? 34 ILE A HD12 1 
ATOM   498  H  HD13 . ILE A 1 34 ? -2.142  0.262   0.891   1.00 0.00 ? 34 ILE A HD13 1 
ATOM   499  N  N    . ASP A 1 35 ? -2.402  -3.509  -4.756  1.00 0.00 ? 35 ASP A N    1 
ATOM   500  C  CA   . ASP A 1 35 ? -2.147  -3.421  -6.186  1.00 0.00 ? 35 ASP A CA   1 
ATOM   501  C  C    . ASP A 1 35 ? -2.235  -1.951  -6.620  1.00 0.00 ? 35 ASP A C    1 
ATOM   502  O  O    . ASP A 1 35 ? -3.346  -1.413  -6.654  1.00 0.00 ? 35 ASP A O    1 
ATOM   503  C  CB   . ASP A 1 35 ? -3.103  -4.310  -6.987  1.00 0.00 ? 35 ASP A CB   1 
ATOM   504  C  CG   . ASP A 1 35 ? -2.740  -4.297  -8.469  1.00 0.00 ? 35 ASP A CG   1 
ATOM   505  O  OD1  . ASP A 1 35 ? -2.494  -3.186  -8.993  1.00 0.00 ? 35 ASP A OD1  1 
ATOM   506  O  OD2  . ASP A 1 35 ? -2.700  -5.398  -9.055  1.00 0.00 ? 35 ASP A OD2  1 
ATOM   507  H  H    . ASP A 1 35 ? -3.355  -3.633  -4.447  1.00 0.00 ? 35 ASP A H    1 
ATOM   508  H  HA   . ASP A 1 35 ? -1.169  -3.829  -6.366  1.00 0.00 ? 35 ASP A HA   1 
ATOM   509  H  HB2  . ASP A 1 35 ? -3.053  -5.333  -6.616  1.00 0.00 ? 35 ASP A HB2  1 
ATOM   510  H  HB3  . ASP A 1 35 ? -4.120  -3.956  -6.870  1.00 0.00 ? 35 ASP A HB3  1 
ATOM   511  N  N    . PRO A 1 36 ? -1.115  -1.274  -6.942  1.00 0.00 ? 36 PRO A N    1 
ATOM   512  C  CA   . PRO A 1 36 ? -1.156  0.142   -7.262  1.00 0.00 ? 36 PRO A CA   1 
ATOM   513  C  C    . PRO A 1 36 ? -1.733  0.420   -8.644  1.00 0.00 ? 36 PRO A C    1 
ATOM   514  O  O    . PRO A 1 36 ? -2.012  1.573   -8.956  1.00 0.00 ? 36 PRO A O    1 
ATOM   515  C  CB   . PRO A 1 36 ? 0.285   0.650   -7.242  1.00 0.00 ? 36 PRO A CB   1 
ATOM   516  C  CG   . PRO A 1 36 ? 1.125   -0.537  -6.756  1.00 0.00 ? 36 PRO A CG   1 
ATOM   517  C  CD   . PRO A 1 36 ? 0.253   -1.754  -7.056  1.00 0.00 ? 36 PRO A CD   1 
ATOM   518  H  HA   . PRO A 1 36 ? -1.724  0.666   -6.493  1.00 0.00 ? 36 PRO A HA   1 
ATOM   519  H  HB2  . PRO A 1 36 ? 0.612   0.913   -8.249  1.00 0.00 ? 36 PRO A HB2  1 
ATOM   520  H  HB3  . PRO A 1 36 ? 0.311   1.546   -6.621  1.00 0.00 ? 36 PRO A HB3  1 
ATOM   521  H  HG2  . PRO A 1 36 ? 2.089   -0.592  -7.264  1.00 0.00 ? 36 PRO A HG2  1 
ATOM   522  H  HG3  . PRO A 1 36 ? 1.277   -0.488  -5.681  1.00 0.00 ? 36 PRO A HG3  1 
ATOM   523  H  HD2  . PRO A 1 36 ? 0.417   -2.084  -8.083  1.00 0.00 ? 36 PRO A HD2  1 
ATOM   524  H  HD3  . PRO A 1 36 ? 0.524   -2.556  -6.376  1.00 0.00 ? 36 PRO A HD3  1 
ATOM   525  N  N    . ASP A 1 37 ? -1.801  -0.591  -9.509  1.00 0.00 ? 37 ASP A N    1 
ATOM   526  C  CA   . ASP A 1 37 ? -2.147  -0.438  -10.890 1.00 0.00 ? 37 ASP A CA   1 
ATOM   527  C  C    . ASP A 1 37 ? -3.654  -0.664  -11.040 1.00 0.00 ? 37 ASP A C    1 
ATOM   528  O  O    . ASP A 1 37 ? -4.290  -0.087  -11.919 1.00 0.00 ? 37 ASP A O    1 
ATOM   529  C  CB   . ASP A 1 37 ? -1.240  -1.390  -11.647 1.00 0.00 ? 37 ASP A CB   1 
ATOM   530  C  CG   . ASP A 1 37 ? 0.216   -0.914  -11.702 1.00 0.00 ? 37 ASP A CG   1 
ATOM   531  O  OD1  . ASP A 1 37 ? 0.460   0.311   -11.768 1.00 0.00 ? 37 ASP A OD1  1 
ATOM   532  O  OD2  . ASP A 1 37 ? 1.128   -1.764  -11.605 1.00 0.00 ? 37 ASP A OD2  1 
ATOM   533  H  H    . ASP A 1 37 ? -1.661  -1.573  -9.278  1.00 0.00 ? 37 ASP A H    1 
ATOM   534  H  HA   . ASP A 1 37 ? -1.903  0.536   -11.263 1.00 0.00 ? 37 ASP A HA   1 
ATOM   535  H  HB2  . ASP A 1 37 ? -1.286  -2.323  -11.125 1.00 0.00 ? 37 ASP A HB2  1 
ATOM   536  H  HB3  . ASP A 1 37 ? -1.652  -1.543  -12.621 1.00 0.00 ? 37 ASP A HB3  1 
ATOM   537  N  N    . VAL A 1 38 ? -4.240  -1.445  -10.126 1.00 0.00 ? 38 VAL A N    1 
ATOM   538  C  CA   . VAL A 1 38 ? -5.672  -1.464  -9.874  1.00 0.00 ? 38 VAL A CA   1 
ATOM   539  C  C    . VAL A 1 38 ? -6.082  -0.201  -9.109  1.00 0.00 ? 38 VAL A C    1 
ATOM   540  O  O    . VAL A 1 38 ? -7.072  0.431   -9.477  1.00 0.00 ? 38 VAL A O    1 
ATOM   541  C  CB   . VAL A 1 38 ? -6.040  -2.732  -9.091  1.00 0.00 ? 38 VAL A CB   1 
ATOM   542  C  CG1  . VAL A 1 38 ? -7.467  -2.653  -8.536  1.00 0.00 ? 38 VAL A CG1  1 
ATOM   543  C  CG2  . VAL A 1 38 ? -5.896  -3.980  -9.974  1.00 0.00 ? 38 VAL A CG2  1 
ATOM   544  H  H    . VAL A 1 38 ? -3.634  -1.974  -9.496  1.00 0.00 ? 38 VAL A H    1 
ATOM   545  H  HA   . VAL A 1 38 ? -6.208  -1.478  -10.824 1.00 0.00 ? 38 VAL A HA   1 
ATOM   546  H  HB   . VAL A 1 38 ? -5.363  -2.819  -8.246  1.00 0.00 ? 38 VAL A HB   1 
ATOM   547  H  HG11 . VAL A 1 38 ? -8.166  -2.382  -9.328  1.00 0.00 ? 38 VAL A HG11 1 
ATOM   548  H  HG12 . VAL A 1 38 ? -7.756  -3.620  -8.122  1.00 0.00 ? 38 VAL A HG12 1 
ATOM   549  H  HG13 . VAL A 1 38 ? -7.508  -1.903  -7.742  1.00 0.00 ? 38 VAL A HG13 1 
ATOM   550  H  HG21 . VAL A 1 38 ? -4.942  -3.969  -10.502 1.00 0.00 ? 38 VAL A HG21 1 
ATOM   551  H  HG22 . VAL A 1 38 ? -5.936  -4.873  -9.350  1.00 0.00 ? 38 VAL A HG22 1 
ATOM   552  H  HG23 . VAL A 1 38 ? -6.705  -4.016  -10.704 1.00 0.00 ? 38 VAL A HG23 1 
ATOM   553  N  N    . CYS A 1 39 ? -5.379  0.141   -8.018  1.00 0.00 ? 39 CYS A N    1 
ATOM   554  C  CA   . CYS A 1 39 ? -5.681  1.348   -7.253  1.00 0.00 ? 39 CYS A CA   1 
ATOM   555  C  C    . CYS A 1 39 ? -5.736  2.565   -8.186  1.00 0.00 ? 39 CYS A C    1 
ATOM   556  O  O    . CYS A 1 39 ? -4.885  2.746   -9.054  1.00 0.00 ? 39 CYS A O    1 
ATOM   557  C  CB   . CYS A 1 39 ? -4.631  1.558   -6.201  1.00 0.00 ? 39 CYS A CB   1 
ATOM   558  S  SG   . CYS A 1 39 ? -4.693  3.166   -5.358  1.00 0.00 ? 39 CYS A SG   1 
ATOM   559  H  H    . CYS A 1 39 ? -4.576  -0.411  -7.724  1.00 0.00 ? 39 CYS A H    1 
ATOM   560  H  HA   . CYS A 1 39 ? -6.646  1.214   -6.766  1.00 0.00 ? 39 CYS A HA   1 
ATOM   561  H  HB2  . CYS A 1 39 ? -4.568  0.716   -5.518  1.00 0.00 ? 39 CYS A HB2  1 
ATOM   562  H  HB3  . CYS A 1 39 ? -3.701  1.540   -6.753  1.00 0.00 ? 39 CYS A HB3  1 
ATOM   563  N  N    . ILE A 1 40 ? -6.761  3.399   -8.020  1.00 0.00 ? 40 ILE A N    1 
ATOM   564  C  CA   . ILE A 1 40 ? -7.095  4.448   -8.973  1.00 0.00 ? 40 ILE A CA   1 
ATOM   565  C  C    . ILE A 1 40 ? -6.470  5.804   -8.625  1.00 0.00 ? 40 ILE A C    1 
ATOM   566  O  O    . ILE A 1 40 ? -6.988  6.820   -9.077  1.00 0.00 ? 40 ILE A O    1 
ATOM   567  C  CB   . ILE A 1 40 ? -8.628  4.522   -9.110  1.00 0.00 ? 40 ILE A CB   1 
ATOM   568  C  CG1  . ILE A 1 40 ? -9.375  4.832   -7.799  1.00 0.00 ? 40 ILE A CG1  1 
ATOM   569  C  CG2  . ILE A 1 40 ? -9.165  3.216   -9.715  1.00 0.00 ? 40 ILE A CG2  1 
ATOM   570  C  CD1  . ILE A 1 40 ? -9.864  6.280   -7.767  1.00 0.00 ? 40 ILE A CD1  1 
ATOM   571  H  H    . ILE A 1 40 ? -7.406  3.208   -7.271  1.00 0.00 ? 40 ILE A H    1 
ATOM   572  H  HA   . ILE A 1 40 ? -6.712  4.188   -9.961  1.00 0.00 ? 40 ILE A HA   1 
ATOM   573  H  HB   . ILE A 1 40 ? -8.853  5.319   -9.813  1.00 0.00 ? 40 ILE A HB   1 
ATOM   574  H  HG12 . ILE A 1 40 ? -10.251 4.187   -7.712  1.00 0.00 ? 40 ILE A HG12 1 
ATOM   575  H  HG13 . ILE A 1 40 ? -8.743  4.662   -6.929  1.00 0.00 ? 40 ILE A HG13 1 
ATOM   576  H  HG21 . ILE A 1 40 ? -8.632  2.985   -10.639 1.00 0.00 ? 40 ILE A HG21 1 
ATOM   577  H  HG22 . ILE A 1 40 ? -9.038  2.389   -9.016  1.00 0.00 ? 40 ILE A HG22 1 
ATOM   578  H  HG23 . ILE A 1 40 ? -10.224 3.326   -9.944  1.00 0.00 ? 40 ILE A HG23 1 
ATOM   579  H  HD11 . ILE A 1 40 ? -10.448 6.503   -8.660  1.00 0.00 ? 40 ILE A HD11 1 
ATOM   580  H  HD12 . ILE A 1 40 ? -10.494 6.430   -6.891  1.00 0.00 ? 40 ILE A HD12 1 
ATOM   581  H  HD13 . ILE A 1 40 ? -9.008  6.952   -7.710  1.00 0.00 ? 40 ILE A HD13 1 
ATOM   582  N  N    . ASP A 1 41 ? -5.383  5.846   -7.839  1.00 0.00 ? 41 ASP A N    1 
ATOM   583  C  CA   . ASP A 1 41 ? -4.903  7.086   -7.218  1.00 0.00 ? 41 ASP A CA   1 
ATOM   584  C  C    . ASP A 1 41 ? -6.033  7.856   -6.533  1.00 0.00 ? 41 ASP A C    1 
ATOM   585  O  O    . ASP A 1 41 ? -6.534  8.850   -7.059  1.00 0.00 ? 41 ASP A O    1 
ATOM   586  C  CB   . ASP A 1 41 ? -4.125  7.971   -8.205  1.00 0.00 ? 41 ASP A CB   1 
ATOM   587  C  CG   . ASP A 1 41 ? -2.706  7.485   -8.398  1.00 0.00 ? 41 ASP A CG   1 
ATOM   588  O  OD1  . ASP A 1 41 ? -1.985  7.319   -7.387  1.00 0.00 ? 41 ASP A OD1  1 
ATOM   589  O  OD2  . ASP A 1 41 ? -2.306  7.211   -9.543  1.00 0.00 ? 41 ASP A OD2  1 
ATOM   590  H  H    . ASP A 1 41 ? -4.872  4.987   -7.642  1.00 0.00 ? 41 ASP A H    1 
ATOM   591  H  HA   . ASP A 1 41 ? -4.222  6.800   -6.425  1.00 0.00 ? 41 ASP A HA   1 
ATOM   592  H  HB2  . ASP A 1 41 ? -4.640  8.024   -9.165  1.00 0.00 ? 41 ASP A HB2  1 
ATOM   593  H  HB3  . ASP A 1 41 ? -4.050  8.980   -7.801  1.00 0.00 ? 41 ASP A HB3  1 
ATOM   594  N  N    . CYS A 1 42 ? -6.413  7.409   -5.331  1.00 0.00 ? 42 CYS A N    1 
ATOM   595  C  CA   . CYS A 1 42 ? -7.444  8.045   -4.523  1.00 0.00 ? 42 CYS A CA   1 
ATOM   596  C  C    . CYS A 1 42 ? -6.883  8.384   -3.138  1.00 0.00 ? 42 CYS A C    1 
ATOM   597  O  O    . CYS A 1 42 ? -5.781  7.959   -2.802  1.00 0.00 ? 42 CYS A O    1 
ATOM   598  C  CB   . CYS A 1 42 ? -8.688  7.186   -4.509  1.00 0.00 ? 42 CYS A CB   1 
ATOM   599  S  SG   . CYS A 1 42 ? -9.026  6.185   -3.045  1.00 0.00 ? 42 CYS A SG   1 
ATOM   600  H  H    . CYS A 1 42 ? -5.862  6.694   -4.880  1.00 0.00 ? 42 CYS A H    1 
ATOM   601  H  HA   . CYS A 1 42 ? -7.719  8.996   -4.979  1.00 0.00 ? 42 CYS A HA   1 
ATOM   602  H  HB2  . CYS A 1 42 ? -9.531  7.875   -4.579  1.00 0.00 ? 42 CYS A HB2  1 
ATOM   603  H  HB3  . CYS A 1 42 ? -8.714  6.550   -5.400  1.00 0.00 ? 42 CYS A HB3  1 
ATOM   604  N  N    . GLY A 1 43 ? -7.604  9.194   -2.356  1.00 0.00 ? 43 GLY A N    1 
ATOM   605  C  CA   . GLY A 1 43 ? -7.100  9.754   -1.103  1.00 0.00 ? 43 GLY A CA   1 
ATOM   606  C  C    . GLY A 1 43 ? -7.751  9.148   0.144   1.00 0.00 ? 43 GLY A C    1 
ATOM   607  O  O    . GLY A 1 43 ? -7.510  9.619   1.253   1.00 0.00 ? 43 GLY A O    1 
ATOM   608  H  H    . GLY A 1 43 ? -8.510  9.488   -2.690  1.00 0.00 ? 43 GLY A H    1 
ATOM   609  H  HA2  . GLY A 1 43 ? -6.019  9.630   -1.018  1.00 0.00 ? 43 GLY A HA2  1 
ATOM   610  H  HA3  . GLY A 1 43 ? -7.308  10.824  -1.106  1.00 0.00 ? 43 GLY A HA3  1 
ATOM   611  N  N    . ALA A 1 44 ? -8.596  8.124   -0.017  1.00 0.00 ? 44 ALA A N    1 
ATOM   612  C  CA   . ALA A 1 44 ? -9.367  7.584   1.097   1.00 0.00 ? 44 ALA A CA   1 
ATOM   613  C  C    . ALA A 1 44 ? -8.445  6.894   2.105   1.00 0.00 ? 44 ALA A C    1 
ATOM   614  O  O    . ALA A 1 44 ? -8.312  7.329   3.250   1.00 0.00 ? 44 ALA A O    1 
ATOM   615  C  CB   . ALA A 1 44 ? -10.451 6.635   0.571   1.00 0.00 ? 44 ALA A CB   1 
ATOM   616  H  H    . ALA A 1 44 ? -8.729  7.743   -0.943  1.00 0.00 ? 44 ALA A H    1 
ATOM   617  H  HA   . ALA A 1 44 ? -9.870  8.409   1.604   1.00 0.00 ? 44 ALA A HA   1 
ATOM   618  H  HB1  . ALA A 1 44 ? -11.114 7.176   -0.105  1.00 0.00 ? 44 ALA A HB1  1 
ATOM   619  H  HB2  . ALA A 1 44 ? -10.007 5.796   0.034   1.00 0.00 ? 44 ALA A HB2  1 
ATOM   620  H  HB3  . ALA A 1 44 ? -11.036 6.251   1.407   1.00 0.00 ? 44 ALA A HB3  1 
ATOM   621  N  N    . CYS A 1 45 ? -7.803  5.809   1.666   1.00 0.00 ? 45 CYS A N    1 
ATOM   622  C  CA   . CYS A 1 45 ? -6.923  5.014   2.504   1.00 0.00 ? 45 CYS A CA   1 
ATOM   623  C  C    . CYS A 1 45 ? -5.779  5.873   3.063   1.00 0.00 ? 45 CYS A C    1 
ATOM   624  O  O    . CYS A 1 45 ? -5.517  5.820   4.262   1.00 0.00 ? 45 CYS A O    1 
ATOM   625  C  CB   . CYS A 1 45 ? -6.473  3.783   1.756   1.00 0.00 ? 45 CYS A CB   1 
ATOM   626  S  SG   . CYS A 1 45 ? -5.368  4.059   0.350   1.00 0.00 ? 45 CYS A SG   1 
ATOM   627  H  H    . CYS A 1 45 ? -7.943  5.507   0.717   1.00 0.00 ? 45 CYS A H    1 
ATOM   628  H  HA   . CYS A 1 45 ? -7.509  4.671   3.358   1.00 0.00 ? 45 CYS A HA   1 
ATOM   629  H  HB2  . CYS A 1 45 ? -5.943  3.148   2.467   1.00 0.00 ? 45 CYS A HB2  1 
ATOM   630  H  HB3  . CYS A 1 45 ? -7.348  3.223   1.433   1.00 0.00 ? 45 CYS A HB3  1 
ATOM   631  N  N    . GLU A 1 46 ? -5.169  6.722   2.224   1.00 0.00 ? 46 GLU A N    1 
ATOM   632  C  CA   . GLU A 1 46 ? -4.157  7.706   2.619   1.00 0.00 ? 46 GLU A CA   1 
ATOM   633  C  C    . GLU A 1 46 ? -4.542  8.410   3.926   1.00 0.00 ? 46 GLU A C    1 
ATOM   634  O  O    . GLU A 1 46 ? -3.743  8.486   4.860   1.00 0.00 ? 46 GLU A O    1 
ATOM   635  C  CB   . GLU A 1 46 ? -3.973  8.745   1.497   1.00 0.00 ? 46 GLU A CB   1 
ATOM   636  C  CG   . GLU A 1 46 ? -2.858  9.759   1.812   1.00 0.00 ? 46 GLU A CG   1 
ATOM   637  C  CD   . GLU A 1 46 ? -2.899  10.973  0.891   1.00 0.00 ? 46 GLU A CD   1 
ATOM   638  O  OE1  . GLU A 1 46 ? -2.983  10.762  -0.336  1.00 0.00 ? 46 GLU A OE1  1 
ATOM   639  O  OE2  . GLU A 1 46 ? -2.845  12.101  1.424   1.00 0.00 ? 46 GLU A OE2  1 
ATOM   640  H  H    . GLU A 1 46 ? -5.420  6.653   1.249   1.00 0.00 ? 46 GLU A H    1 
ATOM   641  H  HA   . GLU A 1 46 ? -3.212  7.181   2.771   1.00 0.00 ? 46 GLU A HA   1 
ATOM   642  H  HB2  . GLU A 1 46 ? -3.727  8.247   0.558   1.00 0.00 ? 46 GLU A HB2  1 
ATOM   643  H  HB3  . GLU A 1 46 ? -4.902  9.299   1.360   1.00 0.00 ? 46 GLU A HB3  1 
ATOM   644  H  HG2  . GLU A 1 46 ? -2.957  10.140  2.828   1.00 0.00 ? 46 GLU A HG2  1 
ATOM   645  H  HG3  . GLU A 1 46 ? -1.886  9.273   1.720   1.00 0.00 ? 46 GLU A HG3  1 
ATOM   646  N  N    . ALA A 1 47 ? -5.761  8.958   3.970   1.00 0.00 ? 47 ALA A N    1 
ATOM   647  C  CA   . ALA A 1 47 ? -6.230  9.724   5.112   1.00 0.00 ? 47 ALA A CA   1 
ATOM   648  C  C    . ALA A 1 47 ? -6.408  8.834   6.341   1.00 0.00 ? 47 ALA A C    1 
ATOM   649  O  O    . ALA A 1 47 ? -6.152  9.272   7.461   1.00 0.00 ? 47 ALA A O    1 
ATOM   650  C  CB   . ALA A 1 47 ? -7.543  10.426  4.757   1.00 0.00 ? 47 ALA A CB   1 
ATOM   651  H  H    . ALA A 1 47 ? -6.378  8.851   3.174   1.00 0.00 ? 47 ALA A H    1 
ATOM   652  H  HA   . ALA A 1 47 ? -5.490  10.492  5.347   1.00 0.00 ? 47 ALA A HA   1 
ATOM   653  H  HB1  . ALA A 1 47 ? -7.393  11.078  3.896   1.00 0.00 ? 47 ALA A HB1  1 
ATOM   654  H  HB2  . ALA A 1 47 ? -8.313  9.690   4.520   1.00 0.00 ? 47 ALA A HB2  1 
ATOM   655  H  HB3  . ALA A 1 47 ? -7.875  11.026  5.606   1.00 0.00 ? 47 ALA A HB3  1 
ATOM   656  N  N    . VAL A 1 48 ? -6.901  7.607   6.148   1.00 0.00 ? 48 VAL A N    1 
ATOM   657  C  CA   . VAL A 1 48 ? -7.249  6.726   7.246   1.00 0.00 ? 48 VAL A CA   1 
ATOM   658  C  C    . VAL A 1 48 ? -5.992  6.109   7.872   1.00 0.00 ? 48 VAL A C    1 
ATOM   659  O  O    . VAL A 1 48 ? -5.923  5.951   9.091   1.00 0.00 ? 48 VAL A O    1 
ATOM   660  C  CB   . VAL A 1 48 ? -8.301  5.714   6.760   1.00 0.00 ? 48 VAL A CB   1 
ATOM   661  C  CG1  . VAL A 1 48 ? -7.779  4.285   6.596   1.00 0.00 ? 48 VAL A CG1  1 
ATOM   662  C  CG2  . VAL A 1 48 ? -9.542  5.748   7.652   1.00 0.00 ? 48 VAL A CG2  1 
ATOM   663  H  H    . VAL A 1 48 ? -7.070  7.254   5.213   1.00 0.00 ? 48 VAL A H    1 
ATOM   664  H  HA   . VAL A 1 48 ? -7.746  7.335   7.993   1.00 0.00 ? 48 VAL A HA   1 
ATOM   665  H  HB   . VAL A 1 48 ? -8.648  6.057   5.791   1.00 0.00 ? 48 VAL A HB   1 
ATOM   666  H  HG11 . VAL A 1 48 ? -6.949  4.296   5.889   1.00 0.00 ? 48 VAL A HG11 1 
ATOM   667  H  HG12 . VAL A 1 48 ? -7.450  3.881   7.553   1.00 0.00 ? 48 VAL A HG12 1 
ATOM   668  H  HG13 . VAL A 1 48 ? -8.568  3.648   6.199   1.00 0.00 ? 48 VAL A HG13 1 
ATOM   669  H  HG21 . VAL A 1 48 ? -9.953  6.759   7.630   1.00 0.00 ? 48 VAL A HG21 1 
ATOM   670  H  HG22 . VAL A 1 48 ? -10.291 5.059   7.266   1.00 0.00 ? 48 VAL A HG22 1 
ATOM   671  H  HG23 . VAL A 1 48 ? -9.282  5.476   8.674   1.00 0.00 ? 48 VAL A HG23 1 
ATOM   672  N  N    . CYS A 1 49 ? -5.011  5.741   7.041   1.00 0.00 ? 49 CYS A N    1 
ATOM   673  C  CA   . CYS A 1 49 ? -3.821  5.029   7.480   1.00 0.00 ? 49 CYS A CA   1 
ATOM   674  C  C    . CYS A 1 49 ? -3.029  5.874   8.491   1.00 0.00 ? 49 CYS A C    1 
ATOM   675  O  O    . CYS A 1 49 ? -2.733  7.038   8.206   1.00 0.00 ? 49 CYS A O    1 
ATOM   676  C  CB   . CYS A 1 49 ? -2.961  4.685   6.291   1.00 0.00 ? 49 CYS A CB   1 
ATOM   677  S  SG   . CYS A 1 49 ? -1.486  3.747   6.727   1.00 0.00 ? 49 CYS A SG   1 
ATOM   678  H  H    . CYS A 1 49 ? -5.119  5.908   6.047   1.00 0.00 ? 49 CYS A H    1 
ATOM   679  H  HA   . CYS A 1 49 ? -4.162  4.097   7.919   1.00 0.00 ? 49 CYS A HA   1 
ATOM   680  H  HB2  . CYS A 1 49 ? -3.515  4.127   5.543   1.00 0.00 ? 49 CYS A HB2  1 
ATOM   681  H  HB3  . CYS A 1 49 ? -2.650  5.616   5.825   1.00 0.00 ? 49 CYS A HB3  1 
ATOM   682  N  N    . PRO A 1 50 ? -2.677  5.337   9.675   1.00 0.00 ? 50 PRO A N    1 
ATOM   683  C  CA   . PRO A 1 50 ? -1.870  6.051   10.648  1.00 0.00 ? 50 PRO A CA   1 
ATOM   684  C  C    . PRO A 1 50 ? -0.606  6.641   10.010  1.00 0.00 ? 50 PRO A C    1 
ATOM   685  O  O    . PRO A 1 50 ? 0.240   5.913   9.495   1.00 0.00 ? 50 PRO A O    1 
ATOM   686  C  CB   . PRO A 1 50 ? -1.532  5.045   11.753  1.00 0.00 ? 50 PRO A CB   1 
ATOM   687  C  CG   . PRO A 1 50 ? -2.605  3.962   11.628  1.00 0.00 ? 50 PRO A CG   1 
ATOM   688  C  CD   . PRO A 1 50 ? -3.036  4.015   10.162  1.00 0.00 ? 50 PRO A CD   1 
ATOM   689  H  HA   . PRO A 1 50 ? -2.491  6.843   11.071  1.00 0.00 ? 50 PRO A HA   1 
ATOM   690  H  HB2  . PRO A 1 50 ? -0.555  4.596   11.570  1.00 0.00 ? 50 PRO A HB2  1 
ATOM   691  H  HB3  . PRO A 1 50 ? -1.545  5.512   12.738  1.00 0.00 ? 50 PRO A HB3  1 
ATOM   692  H  HG2  . PRO A 1 50 ? -2.213  2.979   11.892  1.00 0.00 ? 50 PRO A HG2  1 
ATOM   693  H  HG3  . PRO A 1 50 ? -3.453  4.212   12.265  1.00 0.00 ? 50 PRO A HG3  1 
ATOM   694  H  HD2  . PRO A 1 50 ? -2.495  3.262   9.593   1.00 0.00 ? 50 PRO A HD2  1 
ATOM   695  H  HD3  . PRO A 1 50 ? -4.111  3.836   10.100  1.00 0.00 ? 50 PRO A HD3  1 
ATOM   696  N  N    . VAL A 1 51 ? -0.488  7.973   10.041  1.00 0.00 ? 51 VAL A N    1 
ATOM   697  C  CA   . VAL A 1 51 ? 0.653   8.712   9.507   1.00 0.00 ? 51 VAL A CA   1 
ATOM   698  C  C    . VAL A 1 51 ? 0.832   8.459   7.997   1.00 0.00 ? 51 VAL A C    1 
ATOM   699  O  O    . VAL A 1 51 ? 1.915   8.680   7.450   1.00 0.00 ? 51 VAL A O    1 
ATOM   700  C  CB   . VAL A 1 51 ? 1.929   8.430   10.341  1.00 0.00 ? 51 VAL A CB   1 
ATOM   701  C  CG1  . VAL A 1 51 ? 2.945   9.577   10.211  1.00 0.00 ? 51 VAL A CG1  1 
ATOM   702  C  CG2  . VAL A 1 51 ? 1.624   8.255   11.839  1.00 0.00 ? 51 VAL A CG2  1 
ATOM   703  H  H    . VAL A 1 51 ? -1.252  8.510   10.421  1.00 0.00 ? 51 VAL A H    1 
ATOM   704  H  HA   . VAL A 1 51 ? 0.404   9.768   9.620   1.00 0.00 ? 51 VAL A HA   1 
ATOM   705  H  HB   . VAL A 1 51 ? 2.398   7.510   9.988   1.00 0.00 ? 51 VAL A HB   1 
ATOM   706  H  HG11 . VAL A 1 51 ? 2.472   10.527  10.463  1.00 0.00 ? 51 VAL A HG11 1 
ATOM   707  H  HG12 . VAL A 1 51 ? 3.781   9.413   10.890  1.00 0.00 ? 51 VAL A HG12 1 
ATOM   708  H  HG13 . VAL A 1 51 ? 3.343   9.636   9.200   1.00 0.00 ? 51 VAL A HG13 1 
ATOM   709  H  HG21 . VAL A 1 51 ? 1.047   9.103   12.207  1.00 0.00 ? 51 VAL A HG21 1 
ATOM   710  H  HG22 . VAL A 1 51 ? 1.070   7.334   12.018  1.00 0.00 ? 51 VAL A HG22 1 
ATOM   711  H  HG23 . VAL A 1 51 ? 2.554   8.187   12.403  1.00 0.00 ? 51 VAL A HG23 1 
ATOM   712  N  N    . SER A 1 52 ? -0.231  8.017   7.315   1.00 0.00 ? 52 SER A N    1 
ATOM   713  C  CA   . SER A 1 52 ? -0.222  7.687   5.900   1.00 0.00 ? 52 SER A CA   1 
ATOM   714  C  C    . SER A 1 52 ? 0.962   6.786   5.549   1.00 0.00 ? 52 SER A C    1 
ATOM   715  O  O    . SER A 1 52 ? 1.736   7.096   4.650   1.00 0.00 ? 52 SER A O    1 
ATOM   716  C  CB   . SER A 1 52 ? -0.273  8.963   5.059   1.00 0.00 ? 52 SER A CB   1 
ATOM   717  O  OG   . SER A 1 52 ? -1.342  9.782   5.500   1.00 0.00 ? 52 SER A OG   1 
ATOM   718  H  H    . SER A 1 52 ? -1.108  7.862   7.801   1.00 0.00 ? 52 SER A H    1 
ATOM   719  H  HA   . SER A 1 52 ? -1.129  7.131   5.675   1.00 0.00 ? 52 SER A HA   1 
ATOM   720  H  HB2  . SER A 1 52 ? 0.668   9.501   5.156   1.00 0.00 ? 52 SER A HB2  1 
ATOM   721  H  HB3  . SER A 1 52 ? -0.417  8.691   4.011   1.00 0.00 ? 52 SER A HB3  1 
ATOM   722  H  HG   . SER A 1 52 ? -2.175  9.304   5.374   1.00 0.00 ? 52 SER A HG   1 
ATOM   723  N  N    . ALA A 1 53 ? 1.092   5.656   6.249   1.00 0.00 ? 53 ALA A N    1 
ATOM   724  C  CA   . ALA A 1 53 ? 2.055   4.615   5.893   1.00 0.00 ? 53 ALA A CA   1 
ATOM   725  C  C    . ALA A 1 53 ? 1.875   4.216   4.421   1.00 0.00 ? 53 ALA A C    1 
ATOM   726  O  O    . ALA A 1 53 ? 2.840   3.913   3.721   1.00 0.00 ? 53 ALA A O    1 
ATOM   727  C  CB   . ALA A 1 53 ? 1.904   3.402   6.823   1.00 0.00 ? 53 ALA A CB   1 
ATOM   728  H  H    . ALA A 1 53 ? 0.440   5.485   7.004   1.00 0.00 ? 53 ALA A H    1 
ATOM   729  H  HA   . ALA A 1 53 ? 3.056   5.032   6.019   1.00 0.00 ? 53 ALA A HA   1 
ATOM   730  H  HB1  . ALA A 1 53 ? 1.327   3.659   7.712   1.00 0.00 ? 53 ALA A HB1  1 
ATOM   731  H  HB2  . ALA A 1 53 ? 1.412   2.580   6.303   1.00 0.00 ? 53 ALA A HB2  1 
ATOM   732  H  HB3  . ALA A 1 53 ? 2.883   3.057   7.149   1.00 0.00 ? 53 ALA A HB3  1 
ATOM   733  N  N    . ILE A 1 54 ? 0.630   4.239   3.943   1.00 0.00 ? 54 ILE A N    1 
ATOM   734  C  CA   . ILE A 1 54 ? 0.327   4.197   2.524   1.00 0.00 ? 54 ILE A CA   1 
ATOM   735  C  C    . ILE A 1 54 ? 0.794   5.517   1.902   1.00 0.00 ? 54 ILE A C    1 
ATOM   736  O  O    . ILE A 1 54 ? 0.171   6.556   2.117   1.00 0.00 ? 54 ILE A O    1 
ATOM   737  C  CB   . ILE A 1 54 ? -1.179  3.972   2.312   1.00 0.00 ? 54 ILE A CB   1 
ATOM   738  C  CG1  . ILE A 1 54 ? -1.614  2.656   2.973   1.00 0.00 ? 54 ILE A CG1  1 
ATOM   739  C  CG2  . ILE A 1 54 ? -1.539  3.984   0.820   1.00 0.00 ? 54 ILE A CG2  1 
ATOM   740  C  CD1  . ILE A 1 54 ? -3.129  2.452   2.912   1.00 0.00 ? 54 ILE A CD1  1 
ATOM   741  H  H    . ILE A 1 54 ? -0.128  4.447   4.581   1.00 0.00 ? 54 ILE A H    1 
ATOM   742  H  HA   . ILE A 1 54 ? 0.864   3.360   2.082   1.00 0.00 ? 54 ILE A HA   1 
ATOM   743  H  HB   . ILE A 1 54 ? -1.717  4.786   2.802   1.00 0.00 ? 54 ILE A HB   1 
ATOM   744  H  HG12 . ILE A 1 54 ? -1.098  1.808   2.521   1.00 0.00 ? 54 ILE A HG12 1 
ATOM   745  H  HG13 . ILE A 1 54 ? -1.346  2.700   4.024   1.00 0.00 ? 54 ILE A HG13 1 
ATOM   746  H  HG21 . ILE A 1 54 ? -0.648  4.082   0.199   1.00 0.00 ? 54 ILE A HG21 1 
ATOM   747  H  HG22 . ILE A 1 54 ? -2.047  3.067   0.529   1.00 0.00 ? 54 ILE A HG22 1 
ATOM   748  H  HG23 . ILE A 1 54 ? -2.204  4.826   0.630   1.00 0.00 ? 54 ILE A HG23 1 
ATOM   749  H  HD11 . ILE A 1 54 ? -3.638  3.407   3.036   1.00 0.00 ? 54 ILE A HD11 1 
ATOM   750  H  HD12 . ILE A 1 54 ? -3.425  2.000   1.967   1.00 0.00 ? 54 ILE A HD12 1 
ATOM   751  H  HD13 . ILE A 1 54 ? -3.429  1.790   3.722   1.00 0.00 ? 54 ILE A HD13 1 
ATOM   752  N  N    . TYR A 1 55 ? 1.877   5.469   1.124   1.00 0.00 ? 55 TYR A N    1 
ATOM   753  C  CA   . TYR A 1 55 ? 2.435   6.611   0.421   1.00 0.00 ? 55 TYR A CA   1 
ATOM   754  C  C    . TYR A 1 55 ? 2.398   6.377   -1.082  1.00 0.00 ? 55 TYR A C    1 
ATOM   755  O  O    . TYR A 1 55 ? 2.388   5.246   -1.561  1.00 0.00 ? 55 TYR A O    1 
ATOM   756  C  CB   . TYR A 1 55 ? 3.858   6.892   0.899   1.00 0.00 ? 55 TYR A CB   1 
ATOM   757  C  CG   . TYR A 1 55 ? 3.987   7.512   2.278   1.00 0.00 ? 55 TYR A CG   1 
ATOM   758  C  CD1  . TYR A 1 55 ? 3.448   8.787   2.538   1.00 0.00 ? 55 TYR A CD1  1 
ATOM   759  C  CD2  . TYR A 1 55 ? 4.745   6.865   3.271   1.00 0.00 ? 55 TYR A CD2  1 
ATOM   760  C  CE1  . TYR A 1 55 ? 3.589   9.368   3.811   1.00 0.00 ? 55 TYR A CE1  1 
ATOM   761  C  CE2  . TYR A 1 55 ? 4.902   7.453   4.538   1.00 0.00 ? 55 TYR A CE2  1 
ATOM   762  C  CZ   . TYR A 1 55 ? 4.260   8.667   4.828   1.00 0.00 ? 55 TYR A CZ   1 
ATOM   763  O  OH   . TYR A 1 55 ? 4.287   9.159   6.099   1.00 0.00 ? 55 TYR A OH   1 
ATOM   764  H  H    . TYR A 1 55 ? 2.270   4.556   0.911   1.00 0.00 ? 55 TYR A H    1 
ATOM   765  H  HA   . TYR A 1 55 ? 1.838   7.491   0.597   1.00 0.00 ? 55 TYR A HA   1 
ATOM   766  H  HB2  . TYR A 1 55 ? 4.367   5.936   0.877   1.00 0.00 ? 55 TYR A HB2  1 
ATOM   767  H  HB3  . TYR A 1 55 ? 4.346   7.560   0.191   1.00 0.00 ? 55 TYR A HB3  1 
ATOM   768  H  HD1  . TYR A 1 55 ? 2.905   9.317   1.768   1.00 0.00 ? 55 TYR A HD1  1 
ATOM   769  H  HD2  . TYR A 1 55 ? 5.205   5.914   3.068   1.00 0.00 ? 55 TYR A HD2  1 
ATOM   770  H  HE1  . TYR A 1 55 ? 3.137   10.325  4.021   1.00 0.00 ? 55 TYR A HE1  1 
ATOM   771  H  HE2  . TYR A 1 55 ? 5.454   6.934   5.307   1.00 0.00 ? 55 TYR A HE2  1 
ATOM   772  H  HH   . TYR A 1 55 ? 3.425   9.065   6.528   1.00 0.00 ? 55 TYR A HH   1 
ATOM   773  N  N    . HIS A 1 56 ? 2.358   7.467   -1.844  1.00 0.00 ? 56 HIS A N    1 
ATOM   774  C  CA   . HIS A 1 56 ? 2.290   7.378   -3.285  1.00 0.00 ? 56 HIS A CA   1 
ATOM   775  C  C    . HIS A 1 56 ? 3.640   6.925   -3.835  1.00 0.00 ? 56 HIS A C    1 
ATOM   776  O  O    . HIS A 1 56 ? 4.682   7.344   -3.331  1.00 0.00 ? 56 HIS A O    1 
ATOM   777  C  CB   . HIS A 1 56 ? 1.867   8.741   -3.838  1.00 0.00 ? 56 HIS A CB   1 
ATOM   778  C  CG   . HIS A 1 56 ? 1.624   8.709   -5.324  1.00 0.00 ? 56 HIS A CG   1 
ATOM   779  N  ND1  . HIS A 1 56 ? 2.496   9.142   -6.295  1.00 0.00 ? 56 HIS A ND1  1 
ATOM   780  C  CD2  . HIS A 1 56 ? 0.627   8.011   -5.947  1.00 0.00 ? 56 HIS A CD2  1 
ATOM   781  C  CE1  . HIS A 1 56 ? 2.045   8.683   -7.477  1.00 0.00 ? 56 HIS A CE1  1 
ATOM   782  N  NE2  . HIS A 1 56 ? 0.914   7.972   -7.317  1.00 0.00 ? 56 HIS A NE2  1 
ATOM   783  H  H    . HIS A 1 56 ? 2.396   8.379   -1.416  1.00 0.00 ? 56 HIS A H    1 
ATOM   784  H  HA   . HIS A 1 56 ? 1.540   6.624   -3.533  1.00 0.00 ? 56 HIS A HA   1 
ATOM   785  H  HB2  . HIS A 1 56 ? 0.957   9.050   -3.323  1.00 0.00 ? 56 HIS A HB2  1 
ATOM   786  H  HB3  . HIS A 1 56 ? 2.648   9.465   -3.613  1.00 0.00 ? 56 HIS A HB3  1 
ATOM   787  H  HD1  . HIS A 1 56 ? 3.318   9.708   -6.151  1.00 0.00 ? 56 HIS A HD1  1 
ATOM   788  H  HD2  . HIS A 1 56 ? -0.174  7.489   -5.450  1.00 0.00 ? 56 HIS A HD2  1 
ATOM   789  H  HE1  . HIS A 1 56 ? 2.554   8.827   -8.418  1.00 0.00 ? 56 HIS A HE1  1 
ATOM   790  N  N    . GLU A 1 57 ? 3.629   6.085   -4.873  1.00 0.00 ? 57 GLU A N    1 
ATOM   791  C  CA   . GLU A 1 57 ? 4.814   5.475   -5.451  1.00 0.00 ? 57 GLU A CA   1 
ATOM   792  C  C    . GLU A 1 57 ? 5.953   6.456   -5.741  1.00 0.00 ? 57 GLU A C    1 
ATOM   793  O  O    . GLU A 1 57 ? 7.120   6.089   -5.634  1.00 0.00 ? 57 GLU A O    1 
ATOM   794  C  CB   . GLU A 1 57 ? 4.378   4.718   -6.710  1.00 0.00 ? 57 GLU A CB   1 
ATOM   795  C  CG   . GLU A 1 57 ? 3.676   5.560   -7.770  1.00 0.00 ? 57 GLU A CG   1 
ATOM   796  C  CD   . GLU A 1 57 ? 3.130   4.671   -8.874  1.00 0.00 ? 57 GLU A CD   1 
ATOM   797  O  OE1  . GLU A 1 57 ? 3.949   4.029   -9.560  1.00 0.00 ? 57 GLU A OE1  1 
ATOM   798  O  OE2  . GLU A 1 57 ? 1.893   4.561   -8.984  1.00 0.00 ? 57 GLU A OE2  1 
ATOM   799  H  H    . GLU A 1 57 ? 2.747   5.778   -5.270  1.00 0.00 ? 57 GLU A H    1 
ATOM   800  H  HA   . GLU A 1 57 ? 5.213   4.766   -4.719  1.00 0.00 ? 57 GLU A HA   1 
ATOM   801  H  HB2  . GLU A 1 57 ? 5.252   4.309   -7.193  1.00 0.00 ? 57 GLU A HB2  1 
ATOM   802  H  HB3  . GLU A 1 57 ? 3.692   3.922   -6.438  1.00 0.00 ? 57 GLU A HB3  1 
ATOM   803  H  HG2  . GLU A 1 57 ? 2.850   6.098   -7.325  1.00 0.00 ? 57 GLU A HG2  1 
ATOM   804  H  HG3  . GLU A 1 57 ? 4.401   6.247   -8.199  1.00 0.00 ? 57 GLU A HG3  1 
ATOM   805  N  N    . ASP A 1 58 ? 5.625   7.695   -6.101  1.00 0.00 ? 58 ASP A N    1 
ATOM   806  C  CA   . ASP A 1 58 ? 6.601   8.730   -6.396  1.00 0.00 ? 58 ASP A CA   1 
ATOM   807  C  C    . ASP A 1 58 ? 7.264   9.211   -5.109  1.00 0.00 ? 58 ASP A C    1 
ATOM   808  O  O    . ASP A 1 58 ? 8.491   9.189   -4.982  1.00 0.00 ? 58 ASP A O    1 
ATOM   809  C  CB   . ASP A 1 58 ? 5.901   9.890   -7.104  1.00 0.00 ? 58 ASP A CB   1 
ATOM   810  C  CG   . ASP A 1 58 ? 6.907   10.985  -7.421  1.00 0.00 ? 58 ASP A CG   1 
ATOM   811  O  OD1  . ASP A 1 58 ? 7.786   10.715  -8.266  1.00 0.00 ? 58 ASP A OD1  1 
ATOM   812  O  OD2  . ASP A 1 58 ? 6.784   12.055  -6.788  1.00 0.00 ? 58 ASP A OD2  1 
ATOM   813  H  H    . ASP A 1 58 ? 4.652   7.930   -6.106  1.00 0.00 ? 58 ASP A H    1 
ATOM   814  H  HA   . ASP A 1 58 ? 7.365   8.327   -7.063  1.00 0.00 ? 58 ASP A HA   1 
ATOM   815  H  HB2  . ASP A 1 58 ? 5.448   9.535   -8.029  1.00 0.00 ? 58 ASP A HB2  1 
ATOM   816  H  HB3  . ASP A 1 58 ? 5.135   10.326  -6.468  1.00 0.00 ? 58 ASP A HB3  1 
ATOM   817  N  N    . PHE A 1 59 ? 6.419   9.610   -4.149  1.00 0.00 ? 59 PHE A N    1 
ATOM   818  C  CA   . PHE A 1 59 ? 6.757   10.161  -2.861  1.00 0.00 ? 59 PHE A CA   1 
ATOM   819  C  C    . PHE A 1 59 ? 7.554   9.145   -2.059  1.00 0.00 ? 59 PHE A C    1 
ATOM   820  O  O    . PHE A 1 59 ? 8.421   9.504   -1.267  1.00 0.00 ? 59 PHE A O    1 
ATOM   821  C  CB   . PHE A 1 59 ? 5.441   10.437  -2.134  1.00 0.00 ? 59 PHE A CB   1 
ATOM   822  C  CG   . PHE A 1 59 ? 4.481   11.465  -2.713  1.00 0.00 ? 59 PHE A CG   1 
ATOM   823  C  CD1  . PHE A 1 59 ? 4.757   12.166  -3.905  1.00 0.00 ? 59 PHE A CD1  1 
ATOM   824  C  CD2  . PHE A 1 59 ? 3.256   11.681  -2.052  1.00 0.00 ? 59 PHE A CD2  1 
ATOM   825  C  CE1  . PHE A 1 59 ? 3.787   13.014  -4.465  1.00 0.00 ? 59 PHE A CE1  1 
ATOM   826  C  CE2  . PHE A 1 59 ? 2.288   12.534  -2.610  1.00 0.00 ? 59 PHE A CE2  1 
ATOM   827  C  CZ   . PHE A 1 59 ? 2.549   13.191  -3.824  1.00 0.00 ? 59 PHE A CZ   1 
ATOM   828  H  H    . PHE A 1 59 ? 5.432   9.460   -4.249  1.00 0.00 ? 59 PHE A H    1 
ATOM   829  H  HA   . PHE A 1 59 ? 7.327   11.082  -2.964  1.00 0.00 ? 59 PHE A HA   1 
ATOM   830  H  HB2  . PHE A 1 59 ? 4.901   9.499   -2.036  1.00 0.00 ? 59 PHE A HB2  1 
ATOM   831  H  HB3  . PHE A 1 59 ? 5.710   10.741  -1.139  1.00 0.00 ? 59 PHE A HB3  1 
ATOM   832  H  HD1  . PHE A 1 59 ? 5.708   12.078  -4.414  1.00 0.00 ? 59 PHE A HD1  1 
ATOM   833  H  HD2  . PHE A 1 59 ? 3.044   11.182  -1.117  1.00 0.00 ? 59 PHE A HD2  1 
ATOM   834  H  HE1  . PHE A 1 59 ? 4.004   13.533  -5.389  1.00 0.00 ? 59 PHE A HE1  1 
ATOM   835  H  HE2  . PHE A 1 59 ? 1.341   12.680  -2.108  1.00 0.00 ? 59 PHE A HE2  1 
ATOM   836  H  HZ   . PHE A 1 59 ? 1.803   13.843  -4.256  1.00 0.00 ? 59 PHE A HZ   1 
ATOM   837  N  N    . VAL A 1 60 ? 7.209   7.871   -2.244  1.00 0.00 ? 60 VAL A N    1 
ATOM   838  C  CA   . VAL A 1 60 ? 7.912   6.766   -1.619  1.00 0.00 ? 60 VAL A CA   1 
ATOM   839  C  C    . VAL A 1 60 ? 9.422   6.927   -1.837  1.00 0.00 ? 60 VAL A C    1 
ATOM   840  O  O    . VAL A 1 60 ? 9.850   7.052   -2.985  1.00 0.00 ? 60 VAL A O    1 
ATOM   841  C  CB   . VAL A 1 60 ? 7.365   5.450   -2.183  1.00 0.00 ? 60 VAL A CB   1 
ATOM   842  C  CG1  . VAL A 1 60 ? 8.397   4.321   -2.117  1.00 0.00 ? 60 VAL A CG1  1 
ATOM   843  C  CG2  . VAL A 1 60 ? 6.196   5.096   -1.281  1.00 0.00 ? 60 VAL A CG2  1 
ATOM   844  H  H    . VAL A 1 60 ? 6.452   7.680   -2.905  1.00 0.00 ? 60 VAL A H    1 
ATOM   845  H  HA   . VAL A 1 60 ? 7.678   6.786   -0.550  1.00 0.00 ? 60 VAL A HA   1 
ATOM   846  H  HB   . VAL A 1 60 ? 6.998   5.550   -3.206  1.00 0.00 ? 60 VAL A HB   1 
ATOM   847  H  HG11 . VAL A 1 60 ? 8.899   4.321   -1.154  1.00 0.00 ? 60 VAL A HG11 1 
ATOM   848  H  HG12 . VAL A 1 60 ? 7.908   3.362   -2.234  1.00 0.00 ? 60 VAL A HG12 1 
ATOM   849  H  HG13 . VAL A 1 60 ? 9.127   4.440   -2.913  1.00 0.00 ? 60 VAL A HG13 1 
ATOM   850  H  HG21 . VAL A 1 60 ? 5.546   5.961   -1.154  1.00 0.00 ? 60 VAL A HG21 1 
ATOM   851  H  HG22 . VAL A 1 60 ? 5.617   4.283   -1.700  1.00 0.00 ? 60 VAL A HG22 1 
ATOM   852  H  HG23 . VAL A 1 60 ? 6.646   4.811   -0.334  1.00 0.00 ? 60 VAL A HG23 1 
ATOM   853  N  N    . PRO A 1 61 ? 10.236  6.928   -0.770  1.00 0.00 ? 61 PRO A N    1 
ATOM   854  C  CA   . PRO A 1 61 ? 11.669  7.109   -0.910  1.00 0.00 ? 61 PRO A CA   1 
ATOM   855  C  C    . PRO A 1 61 ? 12.246  5.978   -1.756  1.00 0.00 ? 61 PRO A C    1 
ATOM   856  O  O    . PRO A 1 61 ? 11.730  4.864   -1.729  1.00 0.00 ? 61 PRO A O    1 
ATOM   857  C  CB   . PRO A 1 61 ? 12.247  7.120   0.509   1.00 0.00 ? 61 PRO A CB   1 
ATOM   858  C  CG   . PRO A 1 61 ? 11.131  6.614   1.428   1.00 0.00 ? 61 PRO A CG   1 
ATOM   859  C  CD   . PRO A 1 61 ? 9.841   6.686   0.608   1.00 0.00 ? 61 PRO A CD   1 
ATOM   860  H  HA   . PRO A 1 61 ? 11.870  8.067   -1.395  1.00 0.00 ? 61 PRO A HA   1 
ATOM   861  H  HB2  . PRO A 1 61 ? 13.130  6.484   0.594   1.00 0.00 ? 61 PRO A HB2  1 
ATOM   862  H  HB3  . PRO A 1 61 ? 12.512  8.142   0.783   1.00 0.00 ? 61 PRO A HB3  1 
ATOM   863  H  HG2  . PRO A 1 61 ? 11.335  5.582   1.709   1.00 0.00 ? 61 PRO A HG2  1 
ATOM   864  H  HG3  . PRO A 1 61 ? 11.058  7.230   2.327   1.00 0.00 ? 61 PRO A HG3  1 
ATOM   865  H  HD2  . PRO A 1 61 ? 9.284   5.745   0.697   1.00 0.00 ? 61 PRO A HD2  1 
ATOM   866  H  HD3  . PRO A 1 61 ? 9.231   7.519   0.964   1.00 0.00 ? 61 PRO A HD3  1 
ATOM   867  N  N    . GLU A 1 62 ? 13.314  6.249   -2.504  1.00 0.00 ? 62 GLU A N    1 
ATOM   868  C  CA   . GLU A 1 62 ? 14.049  5.331   -3.332  1.00 0.00 ? 62 GLU A CA   1 
ATOM   869  C  C    . GLU A 1 62 ? 14.314  4.020   -2.594  1.00 0.00 ? 62 GLU A C    1 
ATOM   870  O  O    . GLU A 1 62 ? 14.060  2.941   -3.124  1.00 0.00 ? 62 GLU A O    1 
ATOM   871  C  CB   . GLU A 1 62 ? 15.319  6.094   -3.701  1.00 0.00 ? 62 GLU A CB   1 
ATOM   872  C  CG   . GLU A 1 62 ? 15.109  6.987   -4.936  1.00 0.00 ? 62 GLU A CG   1 
ATOM   873  C  CD   . GLU A 1 62 ? 13.990  8.000   -4.739  1.00 0.00 ? 62 GLU A CD   1 
ATOM   874  O  OE1  . GLU A 1 62 ? 13.943  8.581   -3.633  1.00 0.00 ? 62 GLU A OE1  1 
ATOM   875  O  OE2  . GLU A 1 62 ? 13.134  8.098   -5.645  1.00 0.00 ? 62 GLU A OE2  1 
ATOM   876  H  H    . GLU A 1 62 ? 13.704  7.187   -2.588  1.00 0.00 ? 62 GLU A H    1 
ATOM   877  H  HA   . GLU A 1 62 ? 13.493  5.105   -4.238  1.00 0.00 ? 62 GLU A HA   1 
ATOM   878  H  HB2  . GLU A 1 62 ? 15.677  6.702   -2.867  1.00 0.00 ? 62 GLU A HB2  1 
ATOM   879  H  HB3  . GLU A 1 62 ? 16.076  5.369   -3.897  1.00 0.00 ? 62 GLU A HB3  1 
ATOM   880  H  HG2  . GLU A 1 62 ? 16.030  7.532   -5.145  1.00 0.00 ? 62 GLU A HG2  1 
ATOM   881  H  HG3  . GLU A 1 62 ? 14.874  6.358   -5.795  1.00 0.00 ? 62 GLU A HG3  1 
ATOM   882  N  N    . GLU A 1 63 ? 14.753  4.137   -1.339  1.00 0.00 ? 63 GLU A N    1 
ATOM   883  C  CA   . GLU A 1 63 ? 14.893  3.032   -0.403  1.00 0.00 ? 63 GLU A CA   1 
ATOM   884  C  C    . GLU A 1 63 ? 13.707  2.057   -0.479  1.00 0.00 ? 63 GLU A C    1 
ATOM   885  O  O    . GLU A 1 63 ? 13.906  0.844   -0.504  1.00 0.00 ? 63 GLU A O    1 
ATOM   886  C  CB   . GLU A 1 63 ? 15.064  3.615   1.002   1.00 0.00 ? 63 GLU A CB   1 
ATOM   887  C  CG   . GLU A 1 63 ? 15.426  2.550   2.043   1.00 0.00 ? 63 GLU A CG   1 
ATOM   888  C  CD   . GLU A 1 63 ? 15.615  3.143   3.434   1.00 0.00 ? 63 GLU A CD   1 
ATOM   889  O  OE1  . GLU A 1 63 ? 15.333  4.351   3.588   1.00 0.00 ? 63 GLU A OE1  1 
ATOM   890  O  OE2  . GLU A 1 63 ? 16.041  2.368   4.315   1.00 0.00 ? 63 GLU A OE2  1 
ATOM   891  H  H    . GLU A 1 63 ? 14.932  5.072   -1.007  1.00 0.00 ? 63 GLU A H    1 
ATOM   892  H  HA   . GLU A 1 63 ? 15.812  2.501   -0.648  1.00 0.00 ? 63 GLU A HA   1 
ATOM   893  H  HB2  . GLU A 1 63 ? 15.880  4.336   0.980   1.00 0.00 ? 63 GLU A HB2  1 
ATOM   894  H  HB3  . GLU A 1 63 ? 14.149  4.121   1.314   1.00 0.00 ? 63 GLU A HB3  1 
ATOM   895  H  HG2  . GLU A 1 63 ? 14.639  1.803   2.108   1.00 0.00 ? 63 GLU A HG2  1 
ATOM   896  H  HG3  . GLU A 1 63 ? 16.352  2.053   1.754   1.00 0.00 ? 63 GLU A HG3  1 
ATOM   897  N  N    . TRP A 1 64 ? 12.481  2.591   -0.523  1.00 0.00 ? 64 TRP A N    1 
ATOM   898  C  CA   . TRP A 1 64 ? 11.212  1.870   -0.498  1.00 0.00 ? 64 TRP A CA   1 
ATOM   899  C  C    . TRP A 1 64 ? 10.523  1.802   -1.867  1.00 0.00 ? 64 TRP A C    1 
ATOM   900  O  O    . TRP A 1 64 ? 9.527   1.096   -2.018  1.00 0.00 ? 64 TRP A O    1 
ATOM   901  C  CB   . TRP A 1 64 ? 10.353  2.434   0.650   1.00 0.00 ? 64 TRP A CB   1 
ATOM   902  C  CG   . TRP A 1 64 ? 10.975  2.257   2.014   1.00 0.00 ? 64 TRP A CG   1 
ATOM   903  C  CD1  . TRP A 1 64 ? 11.911  1.327   2.322   1.00 0.00 ? 64 TRP A CD1  1 
ATOM   904  C  CD2  . TRP A 1 64 ? 10.798  3.034   3.243   1.00 0.00 ? 64 TRP A CD2  1 
ATOM   905  N  NE1  . TRP A 1 64 ? 12.375  1.517   3.601   1.00 0.00 ? 64 TRP A NE1  1 
ATOM   906  C  CE2  . TRP A 1 64 ? 11.743  2.573   4.209   1.00 0.00 ? 64 TRP A CE2  1 
ATOM   907  C  CE3  . TRP A 1 64 ? 9.940   4.079   3.653   1.00 0.00 ? 64 TRP A CE3  1 
ATOM   908  C  CZ2  . TRP A 1 64 ? 11.868  3.138   5.482   1.00 0.00 ? 64 TRP A CZ2  1 
ATOM   909  C  CZ3  . TRP A 1 64 ? 10.002  4.597   4.962   1.00 0.00 ? 64 TRP A CZ3  1 
ATOM   910  C  CH2  . TRP A 1 64 ? 10.980  4.149   5.866   1.00 0.00 ? 64 TRP A CH2  1 
ATOM   911  H  H    . TRP A 1 64 ? 12.414  3.600   -0.583  1.00 0.00 ? 64 TRP A H    1 
ATOM   912  H  HA   . TRP A 1 64 ? 11.378  0.823   -0.280  1.00 0.00 ? 64 TRP A HA   1 
ATOM   913  H  HB2  . TRP A 1 64 ? 10.209  3.501   0.483   1.00 0.00 ? 64 TRP A HB2  1 
ATOM   914  H  HB3  . TRP A 1 64 ? 9.366   1.973   0.632   1.00 0.00 ? 64 TRP A HB3  1 
ATOM   915  H  HD1  . TRP A 1 64 ? 12.300  0.583   1.651   1.00 0.00 ? 64 TRP A HD1  1 
ATOM   916  H  HE1  . TRP A 1 64 ? 13.108  0.957   4.019   1.00 0.00 ? 64 TRP A HE1  1 
ATOM   917  H  HE3  . TRP A 1 64 ? 9.206   4.467   2.962   1.00 0.00 ? 64 TRP A HE3  1 
ATOM   918  H  HZ2  . TRP A 1 64 ? 12.613  2.765   6.172   1.00 0.00 ? 64 TRP A HZ2  1 
ATOM   919  H  HZ3  . TRP A 1 64 ? 9.284   5.327   5.295   1.00 0.00 ? 64 TRP A HZ3  1 
ATOM   920  H  HH2  . TRP A 1 64 ? 11.027  4.544   6.870   1.00 0.00 ? 64 TRP A HH2  1 
ATOM   921  N  N    . LYS A 1 65 ? 11.097  2.404   -2.914  1.00 0.00 ? 65 LYS A N    1 
ATOM   922  C  CA   . LYS A 1 65 ? 10.690  2.111   -4.289  1.00 0.00 ? 65 LYS A CA   1 
ATOM   923  C  C    . LYS A 1 65 ? 10.810  0.599   -4.576  1.00 0.00 ? 65 LYS A C    1 
ATOM   924  O  O    . LYS A 1 65 ? 10.081  0.052   -5.409  1.00 0.00 ? 65 LYS A O    1 
ATOM   925  C  CB   . LYS A 1 65 ? 11.460  2.982   -5.289  1.00 0.00 ? 65 LYS A CB   1 
ATOM   926  C  CG   . LYS A 1 65 ? 10.923  4.416   -5.179  1.00 0.00 ? 65 LYS A CG   1 
ATOM   927  C  CD   . LYS A 1 65 ? 11.337  5.303   -6.360  1.00 0.00 ? 65 LYS A CD   1 
ATOM   928  C  CE   . LYS A 1 65 ? 10.346  6.467   -6.471  1.00 0.00 ? 65 LYS A CE   1 
ATOM   929  N  NZ   . LYS A 1 65 ? 10.574  7.536   -5.475  1.00 0.00 ? 65 LYS A NZ   1 
ATOM   930  H  H    . LYS A 1 65 ? 11.909  2.988   -2.745  1.00 0.00 ? 65 LYS A H    1 
ATOM   931  H  HA   . LYS A 1 65 ? 9.648   2.418   -4.420  1.00 0.00 ? 65 LYS A HA   1 
ATOM   932  H  HB2  . LYS A 1 65 ? 12.537  2.951   -5.116  1.00 0.00 ? 65 LYS A HB2  1 
ATOM   933  H  HB3  . LYS A 1 65 ? 11.257  2.603   -6.291  1.00 0.00 ? 65 LYS A HB3  1 
ATOM   934  H  HG2  . LYS A 1 65 ? 9.835   4.355   -5.177  1.00 0.00 ? 65 LYS A HG2  1 
ATOM   935  H  HG3  . LYS A 1 65 ? 11.226  4.867   -4.236  1.00 0.00 ? 65 LYS A HG3  1 
ATOM   936  H  HD2  . LYS A 1 65 ? 12.365  5.657   -6.259  1.00 0.00 ? 65 LYS A HD2  1 
ATOM   937  H  HD3  . LYS A 1 65 ? 11.261  4.721   -7.279  1.00 0.00 ? 65 LYS A HD3  1 
ATOM   938  H  HE2  . LYS A 1 65 ? 10.412  6.902   -7.469  1.00 0.00 ? 65 LYS A HE2  1 
ATOM   939  H  HE3  . LYS A 1 65 ? 9.356   6.031   -6.339  1.00 0.00 ? 65 LYS A HE3  1 
ATOM   940  H  HZ1  . LYS A 1 65 ? 10.506  7.178   -4.530  1.00 0.00 ? 65 LYS A HZ1  1 
ATOM   941  H  HZ2  . LYS A 1 65 ? 11.503  7.941   -5.588  1.00 0.00 ? 65 LYS A HZ2  1 
ATOM   942  H  HZ3  . LYS A 1 65 ? 9.873   8.274   -5.534  1.00 0.00 ? 65 LYS A HZ3  1 
ATOM   943  N  N    . SER A 1 66 ? 11.704  -0.093  -3.862  1.00 0.00 ? 66 SER A N    1 
ATOM   944  C  CA   . SER A 1 66 ? 11.779  -1.545  -3.788  1.00 0.00 ? 66 SER A CA   1 
ATOM   945  C  C    . SER A 1 66 ? 10.421  -2.152  -3.420  1.00 0.00 ? 66 SER A C    1 
ATOM   946  O  O    . SER A 1 66 ? 9.873   -2.961  -4.167  1.00 0.00 ? 66 SER A O    1 
ATOM   947  C  CB   . SER A 1 66 ? 12.816  -1.906  -2.722  1.00 0.00 ? 66 SER A CB   1 
ATOM   948  O  OG   . SER A 1 66 ? 12.515  -1.156  -1.561  1.00 0.00 ? 66 SER A OG   1 
ATOM   949  H  H    . SER A 1 66 ? 12.271  0.402   -3.188  1.00 0.00 ? 66 SER A H    1 
ATOM   950  H  HA   . SER A 1 66 ? 12.101  -1.938  -4.752  1.00 0.00 ? 66 SER A HA   1 
ATOM   951  H  HB2  . SER A 1 66 ? 12.765  -2.973  -2.495  1.00 0.00 ? 66 SER A HB2  1 
ATOM   952  H  HB3  . SER A 1 66 ? 13.820  -1.668  -3.081  1.00 0.00 ? 66 SER A HB3  1 
ATOM   953  H  HG   . SER A 1 66 ? 13.302  -0.679  -1.253  1.00 0.00 ? 66 SER A HG   1 
ATOM   954  N  N    . TYR A 1 67 ? 9.873   -1.776  -2.261  1.00 0.00 ? 67 TYR A N    1 
ATOM   955  C  CA   . TYR A 1 67 ? 8.567   -2.254  -1.823  1.00 0.00 ? 67 TYR A CA   1 
ATOM   956  C  C    . TYR A 1 67 ? 7.515   -1.956  -2.867  1.00 0.00 ? 67 TYR A C    1 
ATOM   957  O  O    . TYR A 1 67 ? 6.607   -2.756  -3.058  1.00 0.00 ? 67 TYR A O    1 
ATOM   958  C  CB   . TYR A 1 67 ? 8.098   -1.579  -0.529  1.00 0.00 ? 67 TYR A CB   1 
ATOM   959  C  CG   . TYR A 1 67 ? 8.770   -2.055  0.744   1.00 0.00 ? 67 TYR A CG   1 
ATOM   960  C  CD1  . TYR A 1 67 ? 8.898   -3.429  1.025   1.00 0.00 ? 67 TYR A CD1  1 
ATOM   961  C  CD2  . TYR A 1 67 ? 9.263   -1.113  1.664   1.00 0.00 ? 67 TYR A CD2  1 
ATOM   962  C  CE1  . TYR A 1 67 ? 9.596   -3.852  2.168   1.00 0.00 ? 67 TYR A CE1  1 
ATOM   963  C  CE2  . TYR A 1 67 ? 9.945   -1.538  2.814   1.00 0.00 ? 67 TYR A CE2  1 
ATOM   964  C  CZ   . TYR A 1 67 ? 10.127  -2.908  3.062   1.00 0.00 ? 67 TYR A CZ   1 
ATOM   965  O  OH   . TYR A 1 67 ? 10.794  -3.328  4.170   1.00 0.00 ? 67 TYR A OH   1 
ATOM   966  H  H    . TYR A 1 67 ? 10.396  -1.122  -1.687  1.00 0.00 ? 67 TYR A H    1 
ATOM   967  H  HA   . TYR A 1 67 ? 8.611   -3.343  -1.727  1.00 0.00 ? 67 TYR A HA   1 
ATOM   968  H  HB2  . TYR A 1 67 ? 8.244   -0.505  -0.624  1.00 0.00 ? 67 TYR A HB2  1 
ATOM   969  H  HB3  . TYR A 1 67 ? 7.013   -1.723  -0.463  1.00 0.00 ? 67 TYR A HB3  1 
ATOM   970  H  HD1  . TYR A 1 67 ? 8.460   -4.167  0.371   1.00 0.00 ? 67 TYR A HD1  1 
ATOM   971  H  HD2  . TYR A 1 67 ? 9.118   -0.060  1.496   1.00 0.00 ? 67 TYR A HD2  1 
ATOM   972  H  HE1  . TYR A 1 67 ? 9.709   -4.907  2.377   1.00 0.00 ? 67 TYR A HE1  1 
ATOM   973  H  HE2  . TYR A 1 67 ? 10.354  -0.810  3.497   1.00 0.00 ? 67 TYR A HE2  1 
ATOM   974  H  HH   . TYR A 1 67 ? 10.902  -2.616  4.828   1.00 0.00 ? 67 TYR A HH   1 
ATOM   975  N  N    . ILE A 1 68 ? 7.578   -0.798  -3.514  1.00 0.00 ? 68 ILE A N    1 
ATOM   976  C  CA   . ILE A 1 68 ? 6.563   -0.463  -4.481  1.00 0.00 ? 68 ILE A CA   1 
ATOM   977  C  C    . ILE A 1 68 ? 6.621   -1.434  -5.655  1.00 0.00 ? 68 ILE A C    1 
ATOM   978  O  O    . ILE A 1 68 ? 5.597   -1.977  -6.077  1.00 0.00 ? 68 ILE A O    1 
ATOM   979  C  CB   . ILE A 1 68 ? 6.756   1.005   -4.865  1.00 0.00 ? 68 ILE A CB   1 
ATOM   980  C  CG1  . ILE A 1 68 ? 6.131   1.934   -3.819  1.00 0.00 ? 68 ILE A CG1  1 
ATOM   981  C  CG2  . ILE A 1 68 ? 6.200   1.349   -6.248  1.00 0.00 ? 68 ILE A CG2  1 
ATOM   982  C  CD1  . ILE A 1 68 ? 6.136   1.454   -2.355  1.00 0.00 ? 68 ILE A CD1  1 
ATOM   983  H  H    . ILE A 1 68 ? 8.243   -0.075  -3.256  1.00 0.00 ? 68 ILE A H    1 
ATOM   984  H  HA   . ILE A 1 68 ? 5.616   -0.626  -3.974  1.00 0.00 ? 68 ILE A HA   1 
ATOM   985  H  HB   . ILE A 1 68 ? 7.823   1.211   -4.908  1.00 0.00 ? 68 ILE A HB   1 
ATOM   986  H  HG12 . ILE A 1 68 ? 6.666   2.875   -3.891  1.00 0.00 ? 68 ILE A HG12 1 
ATOM   987  H  HG13 . ILE A 1 68 ? 5.105   2.116   -4.107  1.00 0.00 ? 68 ILE A HG13 1 
ATOM   988  H  HG21 . ILE A 1 68 ? 5.148   1.071   -6.314  1.00 0.00 ? 68 ILE A HG21 1 
ATOM   989  H  HG22 . ILE A 1 68 ? 6.307   2.419   -6.412  1.00 0.00 ? 68 ILE A HG22 1 
ATOM   990  H  HG23 . ILE A 1 68 ? 6.767   0.829   -7.019  1.00 0.00 ? 68 ILE A HG23 1 
ATOM   991  H  HD11 . ILE A 1 68 ? 7.145   1.292   -1.994  1.00 0.00 ? 68 ILE A HD11 1 
ATOM   992  H  HD12 . ILE A 1 68 ? 5.676   2.201   -1.722  1.00 0.00 ? 68 ILE A HD12 1 
ATOM   993  H  HD13 . ILE A 1 68 ? 5.568   0.540   -2.210  1.00 0.00 ? 68 ILE A HD13 1 
ATOM   994  N  N    . GLN A 1 69 ? 7.829   -1.701  -6.153  1.00 0.00 ? 69 GLN A N    1 
ATOM   995  C  CA   . GLN A 1 69 ? 8.035   -2.767  -7.104  1.00 0.00 ? 69 GLN A CA   1 
ATOM   996  C  C    . GLN A 1 69 ? 7.508   -4.089  -6.542  1.00 0.00 ? 69 GLN A C    1 
ATOM   997  O  O    . GLN A 1 69 ? 6.849   -4.809  -7.276  1.00 0.00 ? 69 GLN A O    1 
ATOM   998  C  CB   . GLN A 1 69 ? 9.515   -2.811  -7.484  1.00 0.00 ? 69 GLN A CB   1 
ATOM   999  C  CG   . GLN A 1 69 ? 9.808   -1.733  -8.530  1.00 0.00 ? 69 GLN A CG   1 
ATOM   1000 C  CD   . GLN A 1 69 ? 11.288  -1.389  -8.593  1.00 0.00 ? 69 GLN A CD   1 
ATOM   1001 O  OE1  . GLN A 1 69 ? 11.986  -1.756  -9.532  1.00 0.00 ? 69 GLN A OE1  1 
ATOM   1002 N  NE2  . GLN A 1 69 ? 11.772  -0.665  -7.590  1.00 0.00 ? 69 GLN A NE2  1 
ATOM   1003 H  H    . GLN A 1 69 ? 8.656   -1.249  -5.773  1.00 0.00 ? 69 GLN A H    1 
ATOM   1004 H  HA   . GLN A 1 69 ? 7.448   -2.556  -8.001  1.00 0.00 ? 69 GLN A HA   1 
ATOM   1005 H  HB2  . GLN A 1 69 ? 10.134  -2.640  -6.608  1.00 0.00 ? 69 GLN A HB2  1 
ATOM   1006 H  HB3  . GLN A 1 69 ? 9.761   -3.784  -7.890  1.00 0.00 ? 69 GLN A HB3  1 
ATOM   1007 H  HG2  . GLN A 1 69 ? 9.472   -2.089  -9.504  1.00 0.00 ? 69 GLN A HG2  1 
ATOM   1008 H  HG3  . GLN A 1 69 ? 9.261   -0.825  -8.281  1.00 0.00 ? 69 GLN A HG3  1 
ATOM   1009 H  HE21 . GLN A 1 69 ? 11.153  -0.392  -6.832  1.00 0.00 ? 69 GLN A HE21 1 
ATOM   1010 H  HE22 . GLN A 1 69 ? 12.744  -0.401  -7.599  1.00 0.00 ? 69 GLN A HE22 1 
ATOM   1011 N  N    . LYS A 1 70 ? 7.727   -4.393  -5.259  1.00 0.00 ? 70 LYS A N    1 
ATOM   1012 C  CA   . LYS A 1 70 ? 7.212   -5.606  -4.625  1.00 0.00 ? 70 LYS A CA   1 
ATOM   1013 C  C    . LYS A 1 70 ? 5.684   -5.691  -4.679  1.00 0.00 ? 70 LYS A C    1 
ATOM   1014 O  O    . LYS A 1 70 ? 5.142   -6.698  -5.121  1.00 0.00 ? 70 LYS A O    1 
ATOM   1015 C  CB   . LYS A 1 70 ? 7.725   -5.715  -3.180  1.00 0.00 ? 70 LYS A CB   1 
ATOM   1016 C  CG   . LYS A 1 70 ? 7.591   -7.136  -2.617  1.00 0.00 ? 70 LYS A CG   1 
ATOM   1017 C  CD   . LYS A 1 70 ? 8.210   -7.195  -1.211  1.00 0.00 ? 70 LYS A CD   1 
ATOM   1018 C  CE   . LYS A 1 70 ? 8.092   -8.587  -0.575  1.00 0.00 ? 70 LYS A CE   1 
ATOM   1019 N  NZ   . LYS A 1 70 ? 6.730   -8.878  -0.087  1.00 0.00 ? 70 LYS A NZ   1 
ATOM   1020 H  H    . LYS A 1 70 ? 8.318   -3.773  -4.716  1.00 0.00 ? 70 LYS A H    1 
ATOM   1021 H  HA   . LYS A 1 70 ? 7.583   -6.440  -5.218  1.00 0.00 ? 70 LYS A HA   1 
ATOM   1022 H  HB2  . LYS A 1 70 ? 8.763   -5.382  -3.128  1.00 0.00 ? 70 LYS A HB2  1 
ATOM   1023 H  HB3  . LYS A 1 70 ? 7.136   -5.062  -2.544  1.00 0.00 ? 70 LYS A HB3  1 
ATOM   1024 H  HG2  . LYS A 1 70 ? 6.535   -7.409  -2.584  1.00 0.00 ? 70 LYS A HG2  1 
ATOM   1025 H  HG3  . LYS A 1 70 ? 8.116   -7.831  -3.276  1.00 0.00 ? 70 LYS A HG3  1 
ATOM   1026 H  HD2  . LYS A 1 70 ? 9.271   -6.951  -1.298  1.00 0.00 ? 70 LYS A HD2  1 
ATOM   1027 H  HD3  . LYS A 1 70 ? 7.749   -6.452  -0.559  1.00 0.00 ? 70 LYS A HD3  1 
ATOM   1028 H  HE2  . LYS A 1 70 ? 8.390   -9.349  -1.297  1.00 0.00 ? 70 LYS A HE2  1 
ATOM   1029 H  HE3  . LYS A 1 70 ? 8.768   -8.645  0.280   1.00 0.00 ? 70 LYS A HE3  1 
ATOM   1030 H  HZ1  . LYS A 1 70 ? 6.023   -8.783  -0.799  1.00 0.00 ? 70 LYS A HZ1  1 
ATOM   1031 H  HZ2  . LYS A 1 70 ? 6.698   -9.837  0.255   1.00 0.00 ? 70 LYS A HZ2  1 
ATOM   1032 H  HZ3  . LYS A 1 70 ? 6.481   -8.300  0.710   1.00 0.00 ? 70 LYS A HZ3  1 
ATOM   1033 N  N    . ASN A 1 71 ? 4.980   -4.654  -4.219  1.00 0.00 ? 71 ASN A N    1 
ATOM   1034 C  CA   . ASN A 1 71 ? 3.537   -4.544  -4.330  1.00 0.00 ? 71 ASN A CA   1 
ATOM   1035 C  C    . ASN A 1 71 ? 3.093   -4.769  -5.759  1.00 0.00 ? 71 ASN A C    1 
ATOM   1036 O  O    . ASN A 1 71 ? 2.131   -5.493  -5.985  1.00 0.00 ? 71 ASN A O    1 
ATOM   1037 C  CB   . ASN A 1 71 ? 3.089   -3.150  -3.879  1.00 0.00 ? 71 ASN A CB   1 
ATOM   1038 C  CG   . ASN A 1 71 ? 3.015   -3.012  -2.369  1.00 0.00 ? 71 ASN A CG   1 
ATOM   1039 O  OD1  . ASN A 1 71 ? 1.937   -2.894  -1.794  1.00 0.00 ? 71 ASN A OD1  1 
ATOM   1040 N  ND2  . ASN A 1 71 ? 4.162   -3.023  -1.703  1.00 0.00 ? 71 ASN A ND2  1 
ATOM   1041 H  H    . ASN A 1 71 ? 5.454   -3.876  -3.784  1.00 0.00 ? 71 ASN A H    1 
ATOM   1042 H  HA   . ASN A 1 71 ? 3.074   -5.347  -3.757  1.00 0.00 ? 71 ASN A HA   1 
ATOM   1043 H  HB2  . ASN A 1 71 ? 3.781   -2.416  -4.276  1.00 0.00 ? 71 ASN A HB2  1 
ATOM   1044 H  HB3  . ASN A 1 71 ? 2.111   -2.934  -4.295  1.00 0.00 ? 71 ASN A HB3  1 
ATOM   1045 H  HD21 . ASN A 1 71 ? 5.053   -3.029  -2.183  1.00 0.00 ? 71 ASN A HD21 1 
ATOM   1046 H  HD22 . ASN A 1 71 ? 4.128   -3.047  -0.699  1.00 0.00 ? 71 ASN A HD22 1 
ATOM   1047 N  N    . ARG A 1 72 ? 3.792   -4.183  -6.730  1.00 0.00 ? 72 ARG A N    1 
ATOM   1048 C  CA   . ARG A 1 72 ? 3.508   -4.525  -8.108  1.00 0.00 ? 72 ARG A CA   1 
ATOM   1049 C  C    . ARG A 1 72 ? 3.685   -6.033  -8.304  1.00 0.00 ? 72 ARG A C    1 
ATOM   1050 O  O    . ARG A 1 72 ? 2.739   -6.719  -8.679  1.00 0.00 ? 72 ARG A O    1 
ATOM   1051 C  CB   . ARG A 1 72 ? 4.386   -3.694  -9.063  1.00 0.00 ? 72 ARG A CB   1 
ATOM   1052 C  CG   . ARG A 1 72 ? 3.532   -2.724  -9.899  1.00 0.00 ? 72 ARG A CG   1 
ATOM   1053 C  CD   . ARG A 1 72 ? 4.137   -1.323  -9.922  1.00 0.00 ? 72 ARG A CD   1 
ATOM   1054 N  NE   . ARG A 1 72 ? 3.155   -0.347  -10.429 1.00 0.00 ? 72 ARG A NE   1 
ATOM   1055 C  CZ   . ARG A 1 72 ? 3.210   0.967   -10.160 1.00 0.00 ? 72 ARG A CZ   1 
ATOM   1056 N  NH1  . ARG A 1 72 ? 4.294   1.449   -9.550  1.00 0.00 ? 72 ARG A NH1  1 
ATOM   1057 N  NH2  . ARG A 1 72 ? 2.214   1.797   -10.478 1.00 0.00 ? 72 ARG A NH2  1 
ATOM   1058 H  H    . ARG A 1 72 ? 4.571   -3.567  -6.516  1.00 0.00 ? 72 ARG A H    1 
ATOM   1059 H  HA   . ARG A 1 72 ? 2.451   -4.300  -8.263  1.00 0.00 ? 72 ARG A HA   1 
ATOM   1060 H  HB2  . ARG A 1 72 ? 5.140   -3.146  -8.495  1.00 0.00 ? 72 ARG A HB2  1 
ATOM   1061 H  HB3  . ARG A 1 72 ? 4.927   -4.356  -9.735  1.00 0.00 ? 72 ARG A HB3  1 
ATOM   1062 H  HG2  . ARG A 1 72 ? 3.423   -3.105  -10.916 1.00 0.00 ? 72 ARG A HG2  1 
ATOM   1063 H  HG3  . ARG A 1 72 ? 2.533   -2.619  -9.478  1.00 0.00 ? 72 ARG A HG3  1 
ATOM   1064 H  HD2  . ARG A 1 72 ? 4.394   -1.069  -8.891  1.00 0.00 ? 72 ARG A HD2  1 
ATOM   1065 H  HD3  . ARG A 1 72 ? 5.034   -1.320  -10.544 1.00 0.00 ? 72 ARG A HD3  1 
ATOM   1066 H  HE   . ARG A 1 72 ? 2.352   -0.727  -10.944 1.00 0.00 ? 72 ARG A HE   1 
ATOM   1067 H  HH11 . ARG A 1 72 ? 5.074   0.859   -9.321  1.00 0.00 ? 72 ARG A HH11 1 
ATOM   1068 H  HH12 . ARG A 1 72 ? 4.358   2.463   -9.430  1.00 0.00 ? 72 ARG A HH12 1 
ATOM   1069 H  HH21 . ARG A 1 72 ? 1.402   1.414   -10.980 1.00 0.00 ? 72 ARG A HH21 1 
ATOM   1070 H  HH22 . ARG A 1 72 ? 2.248   2.785   -10.211 1.00 0.00 ? 72 ARG A HH22 1 
ATOM   1071 N  N    . ASP A 1 73 ? 4.882   -6.557  -8.019  1.00 0.00 ? 73 ASP A N    1 
ATOM   1072 C  CA   . ASP A 1 73 ? 5.291   -7.917  -8.337  1.00 0.00 ? 73 ASP A CA   1 
ATOM   1073 C  C    . ASP A 1 73 ? 4.274   -8.923  -7.829  1.00 0.00 ? 73 ASP A C    1 
ATOM   1074 O  O    . ASP A 1 73 ? 3.878   -9.840  -8.545  1.00 0.00 ? 73 ASP A O    1 
ATOM   1075 C  CB   . ASP A 1 73 ? 6.683   -8.194  -7.754  1.00 0.00 ? 73 ASP A CB   1 
ATOM   1076 C  CG   . ASP A 1 73 ? 7.581   -9.009  -8.678  1.00 0.00 ? 73 ASP A CG   1 
ATOM   1077 O  OD1  . ASP A 1 73 ? 7.437   -8.863  -9.915  1.00 0.00 ? 73 ASP A OD1  1 
ATOM   1078 O  OD2  . ASP A 1 73 ? 8.437   -9.731  -8.129  1.00 0.00 ? 73 ASP A OD2  1 
ATOM   1079 H  H    . ASP A 1 73 ? 5.565   -5.986  -7.532  1.00 0.00 ? 73 ASP A H    1 
ATOM   1080 H  HA   . ASP A 1 73 ? 5.319   -7.986  -9.413  1.00 0.00 ? 73 ASP A HA   1 
ATOM   1081 H  HB2  . ASP A 1 73 ? 7.180   -7.254  -7.559  1.00 0.00 ? 73 ASP A HB2  1 
ATOM   1082 H  HB3  . ASP A 1 73 ? 6.592   -8.715  -6.800  1.00 0.00 ? 73 ASP A HB3  1 
ATOM   1083 N  N    . PHE A 1 74 ? 3.815   -8.677  -6.602  1.00 0.00 ? 74 PHE A N    1 
ATOM   1084 C  CA   . PHE A 1 74 ? 2.782   -9.438  -5.926  1.00 0.00 ? 74 PHE A CA   1 
ATOM   1085 C  C    . PHE A 1 74 ? 1.595   -9.746  -6.841  1.00 0.00 ? 74 PHE A C    1 
ATOM   1086 O  O    . PHE A 1 74 ? 1.094   -10.870 -6.834  1.00 0.00 ? 74 PHE A O    1 
ATOM   1087 C  CB   . PHE A 1 74 ? 2.353   -8.653  -4.679  1.00 0.00 ? 74 PHE A CB   1 
ATOM   1088 C  CG   . PHE A 1 74 ? 3.013   -9.093  -3.387  1.00 0.00 ? 74 PHE A CG   1 
ATOM   1089 C  CD1  . PHE A 1 74 ? 4.356   -9.522  -3.368  1.00 0.00 ? 74 PHE A CD1  1 
ATOM   1090 C  CD2  . PHE A 1 74 ? 2.212   -9.267  -2.248  1.00 0.00 ? 74 PHE A CD2  1 
ATOM   1091 C  CE1  . PHE A 1 74 ? 4.844   -10.248 -2.268  1.00 0.00 ? 74 PHE A CE1  1 
ATOM   1092 C  CE2  . PHE A 1 74 ? 2.712   -9.959  -1.138  1.00 0.00 ? 74 PHE A CE2  1 
ATOM   1093 C  CZ   . PHE A 1 74 ? 4.024   -10.461 -1.146  1.00 0.00 ? 74 PHE A CZ   1 
ATOM   1094 H  H    . PHE A 1 74 ? 4.168   -7.840  -6.141  1.00 0.00 ? 74 PHE A H    1 
ATOM   1095 H  HA   . PHE A 1 74 ? 3.197   -10.404 -5.630  1.00 0.00 ? 74 PHE A HA   1 
ATOM   1096 H  HB2  . PHE A 1 74 ? 2.535   -7.591  -4.813  1.00 0.00 ? 74 PHE A HB2  1 
ATOM   1097 H  HB3  . PHE A 1 74 ? 1.277   -8.762  -4.573  1.00 0.00 ? 74 PHE A HB3  1 
ATOM   1098 H  HD1  . PHE A 1 74 ? 4.972   -9.413  -4.249  1.00 0.00 ? 74 PHE A HD1  1 
ATOM   1099 H  HD2  . PHE A 1 74 ? 1.172   -8.975  -2.257  1.00 0.00 ? 74 PHE A HD2  1 
ATOM   1100 H  HE1  . PHE A 1 74 ? 5.804   -10.743 -2.335  1.00 0.00 ? 74 PHE A HE1  1 
ATOM   1101 H  HE2  . PHE A 1 74 ? 2.029   -10.205 -0.345  1.00 0.00 ? 74 PHE A HE2  1 
ATOM   1102 H  HZ   . PHE A 1 74 ? 4.362   -11.089 -0.332  1.00 0.00 ? 74 PHE A HZ   1 
ATOM   1103 N  N    . PHE A 1 75 ? 1.143   -8.759  -7.619  1.00 0.00 ? 75 PHE A N    1 
ATOM   1104 C  CA   . PHE A 1 75 ? -0.015  -8.884  -8.494  1.00 0.00 ? 75 PHE A CA   1 
ATOM   1105 C  C    . PHE A 1 75 ? 0.357   -8.860  -9.979  1.00 0.00 ? 75 PHE A C    1 
ATOM   1106 O  O    . PHE A 1 75 ? -0.478  -9.110  -10.853 1.00 0.00 ? 75 PHE A O    1 
ATOM   1107 C  CB   . PHE A 1 75 ? -1.020  -7.803  -8.107  1.00 0.00 ? 75 PHE A CB   1 
ATOM   1108 C  CG   . PHE A 1 75 ? -1.250  -7.712  -6.606  1.00 0.00 ? 75 PHE A CG   1 
ATOM   1109 C  CD1  . PHE A 1 75 ? -1.802  -8.799  -5.902  1.00 0.00 ? 75 PHE A CD1  1 
ATOM   1110 C  CD2  . PHE A 1 75 ? -0.683  -6.643  -5.894  1.00 0.00 ? 75 PHE A CD2  1 
ATOM   1111 C  CE1  . PHE A 1 75 ? -1.745  -8.828  -4.496  1.00 0.00 ? 75 PHE A CE1  1 
ATOM   1112 C  CE2  . PHE A 1 75 ? -0.631  -6.665  -4.492  1.00 0.00 ? 75 PHE A CE2  1 
ATOM   1113 C  CZ   . PHE A 1 75 ? -1.142  -7.770  -3.793  1.00 0.00 ? 75 PHE A CZ   1 
ATOM   1114 H  H    . PHE A 1 75 ? 1.593   -7.851  -7.584  1.00 0.00 ? 75 PHE A H    1 
ATOM   1115 H  HA   . PHE A 1 75 ? -0.462  -9.857  -8.347  1.00 0.00 ? 75 PHE A HA   1 
ATOM   1116 H  HB2  . PHE A 1 75 ? -0.662  -6.842  -8.481  1.00 0.00 ? 75 PHE A HB2  1 
ATOM   1117 H  HB3  . PHE A 1 75 ? -1.958  -8.004  -8.608  1.00 0.00 ? 75 PHE A HB3  1 
ATOM   1118 H  HD1  . PHE A 1 75 ? -2.212  -9.642  -6.439  1.00 0.00 ? 75 PHE A HD1  1 
ATOM   1119 H  HD2  . PHE A 1 75 ? -0.223  -5.831  -6.434  1.00 0.00 ? 75 PHE A HD2  1 
ATOM   1120 H  HE1  . PHE A 1 75 ? -2.144  -9.678  -3.960  1.00 0.00 ? 75 PHE A HE1  1 
ATOM   1121 H  HE2  . PHE A 1 75 ? -0.143  -5.861  -3.964  1.00 0.00 ? 75 PHE A HE2  1 
ATOM   1122 H  HZ   . PHE A 1 75 ? -1.045  -7.811  -2.719  1.00 0.00 ? 75 PHE A HZ   1 
ATOM   1123 N  N    . LYS A 1 76 ? 1.634   -8.634  -10.264 1.00 0.00 ? 76 LYS A N    1 
ATOM   1124 C  CA   . LYS A 1 76 ? 2.225   -8.698  -11.587 1.00 0.00 ? 76 LYS A CA   1 
ATOM   1125 C  C    . LYS A 1 76 ? 2.603   -10.156 -11.881 1.00 0.00 ? 76 LYS A C    1 
ATOM   1126 O  O    . LYS A 1 76 ? 1.934   -11.089 -11.433 1.00 0.00 ? 76 LYS A O    1 
ATOM   1127 C  CB   . LYS A 1 76 ? 3.436   -7.754  -11.654 1.00 0.00 ? 76 LYS A CB   1 
ATOM   1128 C  CG   . LYS A 1 76 ? 3.810   -7.166  -13.024 1.00 0.00 ? 76 LYS A CG   1 
ATOM   1129 C  CD   . LYS A 1 76 ? 5.034   -6.237  -12.923 1.00 0.00 ? 76 LYS A CD   1 
ATOM   1130 C  CE   . LYS A 1 76 ? 6.224   -6.723  -12.064 1.00 0.00 ? 76 LYS A CE   1 
ATOM   1131 N  NZ   . LYS A 1 76 ? 6.689   -8.106  -12.326 1.00 0.00 ? 76 LYS A NZ   1 
ATOM   1132 H  H    . LYS A 1 76 ? 2.236   -8.480  -9.468  1.00 0.00 ? 76 LYS A H    1 
ATOM   1133 H  HA   . LYS A 1 76 ? 1.490   -8.361  -12.320 1.00 0.00 ? 76 LYS A HA   1 
ATOM   1134 H  HB2  . LYS A 1 76 ? 3.257   -6.897  -11.010 1.00 0.00 ? 76 LYS A HB2  1 
ATOM   1135 H  HB3  . LYS A 1 76 ? 4.261   -8.340  -11.277 1.00 0.00 ? 76 LYS A HB3  1 
ATOM   1136 H  HG2  . LYS A 1 76 ? 4.005   -7.922  -13.782 1.00 0.00 ? 76 LYS A HG2  1 
ATOM   1137 H  HG3  . LYS A 1 76 ? 2.964   -6.573  -13.380 1.00 0.00 ? 76 LYS A HG3  1 
ATOM   1138 H  HD2  . LYS A 1 76 ? 5.379   -6.004  -13.932 1.00 0.00 ? 76 LYS A HD2  1 
ATOM   1139 H  HD3  . LYS A 1 76 ? 4.692   -5.300  -12.474 1.00 0.00 ? 76 LYS A HD3  1 
ATOM   1140 H  HE2  . LYS A 1 76 ? 7.068   -6.048  -12.216 1.00 0.00 ? 76 LYS A HE2  1 
ATOM   1141 H  HE3  . LYS A 1 76 ? 5.948   -6.644  -11.013 1.00 0.00 ? 76 LYS A HE3  1 
ATOM   1142 H  HZ1  . LYS A 1 76 ? 6.003   -8.721  -12.757 1.00 0.00 ? 76 LYS A HZ1  1 
ATOM   1143 H  HZ2  . LYS A 1 76 ? 7.488   -8.135  -12.936 1.00 0.00 ? 76 LYS A HZ2  1 
ATOM   1144 H  HZ3  . LYS A 1 76 ? 6.966   -8.539  -11.443 1.00 0.00 ? 76 LYS A HZ3  1 
ATOM   1145 N  N    . LYS A 1 77 ? 3.597   -10.324 -12.744 1.00 0.00 ? 77 LYS A N    1 
ATOM   1146 C  CA   . LYS A 1 77 ? 3.924   -11.427 -13.594 1.00 0.00 ? 77 LYS A CA   1 
ATOM   1147 C  C    . LYS A 1 77 ? 5.405   -11.201 -13.894 1.00 0.00 ? 77 LYS A C    1 
ATOM   1148 O  O    . LYS A 1 77 ? 5.796   -10.009 -13.789 1.00 0.00 ? 77 LYS A O    1 
ATOM   1149 C  CB   . LYS A 1 77 ? 3.137   -11.233 -14.895 1.00 0.00 ? 77 LYS A CB   1 
ATOM   1150 C  CG   . LYS A 1 77 ? 1.635   -10.959 -14.722 1.00 0.00 ? 77 LYS A CG   1 
ATOM   1151 C  CD   . LYS A 1 77 ? 0.910   -12.186 -14.149 1.00 0.00 ? 77 LYS A CD   1 
ATOM   1152 C  CE   . LYS A 1 77 ? -0.511  -11.883 -13.642 1.00 0.00 ? 77 LYS A CE   1 
ATOM   1153 N  NZ   . LYS A 1 77 ? -0.521  -11.261 -12.299 1.00 0.00 ? 77 LYS A NZ   1 
ATOM   1154 O  OXT  . LYS A 1 77 ? 6.097   -12.180 -14.234 1.00 0.00 ? 77 LYS A OXT  1 
ATOM   1155 H  H    . LYS A 1 77 ? 4.199   -9.575  -13.031 1.00 0.00 ? 77 LYS A H    1 
ATOM   1156 H  HA   . LYS A 1 77 ? 3.755   -12.391 -13.115 1.00 0.00 ? 77 LYS A HA   1 
ATOM   1157 H  HB2  . LYS A 1 77 ? 3.557   -10.378 -15.428 1.00 0.00 ? 77 LYS A HB2  1 
ATOM   1158 H  HB3  . LYS A 1 77 ? 3.313   -12.110 -15.499 1.00 0.00 ? 77 LYS A HB3  1 
ATOM   1159 H  HG2  . LYS A 1 77 ? 1.506   -10.065 -14.111 1.00 0.00 ? 77 LYS A HG2  1 
ATOM   1160 H  HG3  . LYS A 1 77 ? 1.219   -10.737 -15.705 1.00 0.00 ? 77 LYS A HG3  1 
ATOM   1161 H  HD2  . LYS A 1 77 ? 0.848   -12.928 -14.947 1.00 0.00 ? 77 LYS A HD2  1 
ATOM   1162 H  HD3  . LYS A 1 77 ? 1.494   -12.639 -13.347 1.00 0.00 ? 77 LYS A HD3  1 
ATOM   1163 H  HE2  . LYS A 1 77 ? -1.054  -11.264 -14.359 1.00 0.00 ? 77 LYS A HE2  1 
ATOM   1164 H  HE3  . LYS A 1 77 ? -1.027  -12.840 -13.555 1.00 0.00 ? 77 LYS A HE3  1 
ATOM   1165 H  HZ1  . LYS A 1 77 ? 0.316   -11.523 -11.783 1.00 0.00 ? 77 LYS A HZ1  1 
ATOM   1166 H  HZ2  . LYS A 1 77 ? -0.511  -10.242 -12.299 1.00 0.00 ? 77 LYS A HZ2  1 
ATOM   1167 H  HZ3  . LYS A 1 77 ? -1.330  -11.539 -11.767 1.00 0.00 ? 77 LYS A HZ3  1 
HETATM 1168 FE FE1  . F3S B 2 .  ? -1.003  -0.819  7.364   1.00 0.00 ? 78 F3S A FE1  1 
HETATM 1169 FE FE3  . F3S B 2 .  ? -1.858  1.641   7.198   1.00 0.00 ? 78 F3S A FE3  1 
HETATM 1170 FE FE4  . F3S B 2 .  ? -3.301  -0.208  6.274   1.00 0.00 ? 78 F3S A FE4  1 
HETATM 1171 S  S1   . F3S B 2 .  ? -0.963  0.785   8.912   1.00 0.00 ? 78 F3S A S1   1 
HETATM 1172 S  S2   . F3S B 2 .  ? -3.051  -1.861  7.730   1.00 0.00 ? 78 F3S A S2   1 
HETATM 1173 S  S3   . F3S B 2 .  ? -1.430  0.368   5.505   1.00 0.00 ? 78 F3S A S3   1 
HETATM 1174 S  S4   . F3S B 2 .  ? -4.143  1.336   7.646   1.00 0.00 ? 78 F3S A S4   1 
HETATM 1175 FE FE1  . SF4 C 3 .  ? -7.917  1.833   -2.659  1.00 0.00 ? 79 SF4 A FE1  1 
HETATM 1176 FE FE2  . SF4 C 3 .  ? -6.064  3.070   -3.841  1.00 0.00 ? 79 SF4 A FE2  1 
HETATM 1177 FE FE3  . SF4 C 3 .  ? -7.931  4.373   -2.854  1.00 0.00 ? 79 SF4 A FE3  1 
HETATM 1178 FE FE4  . SF4 C 3 .  ? -6.241  3.323   -1.344  1.00 0.00 ? 79 SF4 A FE4  1 
HETATM 1179 S  S1   . SF4 C 3 .  ? -5.722  4.855   -2.660  1.00 0.00 ? 79 SF4 A S1   1 
HETATM 1180 S  S2   . SF4 C 3 .  ? -8.391  3.344   -1.132  1.00 0.00 ? 79 SF4 A S2   1 
HETATM 1181 S  S3   . SF4 C 3 .  ? -5.691  1.469   -2.403  1.00 0.00 ? 79 SF4 A S3   1 
HETATM 1182 S  S4   . SF4 C 3 .  ? -8.050  3.032   -4.573  1.00 0.00 ? 79 SF4 A S4   1 
# 
